data_2ET5
# 
_entry.id   2ET5 
# 
_audit_conform.dict_name       mmcif_pdbx.dic 
_audit_conform.dict_version    5.376 
_audit_conform.dict_location   http://mmcif.pdb.org/dictionaries/ascii/mmcif_pdbx.dic 
# 
loop_
_database_2.database_id 
_database_2.database_code 
_database_2.pdbx_database_accession 
_database_2.pdbx_DOI 
PDB   2ET5         pdb_00002et5 10.2210/pdb2et5/pdb 
NDB   DR0017       ?            ?                   
RCSB  RCSB035060   ?            ?                   
WWPDB D_1000035060 ?            ?                   
# 
_pdbx_database_related.db_name        PDB 
_pdbx_database_related.db_id          1J7T 
_pdbx_database_related.details        'COMPLEX BETWEEN PAROMOMYCIN AND THE 16S-RRNA A-SITE AT 2.5A RESOLUTION' 
_pdbx_database_related.content_type   unspecified 
# 
_pdbx_database_status.status_code                     REL 
_pdbx_database_status.entry_id                        2ET5 
_pdbx_database_status.recvd_initial_deposition_date   2005-10-27 
_pdbx_database_status.deposit_site                    RCSB 
_pdbx_database_status.process_site                    RCSB 
_pdbx_database_status.status_code_sf                  REL 
_pdbx_database_status.status_code_mr                  ? 
_pdbx_database_status.SG_entry                        ? 
_pdbx_database_status.pdb_format_compatible           Y 
_pdbx_database_status.status_code_cs                  ? 
_pdbx_database_status.status_code_nmr_data            ? 
_pdbx_database_status.methods_development_category    ? 
# 
_audit_author.name           'Westhof, E.' 
_audit_author.pdbx_ordinal   1 
# 
_citation.id                        primary 
_citation.title                     
;Crystal structures of complexes between aminoglycosides and decoding A site oligonucleotides: role of the number of rings and positive charges in the specific binding leading to miscoding.
;
_citation.journal_abbrev            'Nucleic Acids Res.' 
_citation.journal_volume            33 
_citation.page_first                5677 
_citation.page_last                 5690 
_citation.year                      2005 
_citation.journal_id_ASTM           NARHAD 
_citation.country                   UK 
_citation.journal_id_ISSN           0305-1048 
_citation.journal_id_CSD            0389 
_citation.book_publisher            ? 
_citation.pdbx_database_id_PubMed   16214802 
_citation.pdbx_database_id_DOI      10.1093/nar/gki862 
# 
loop_
_citation_author.citation_id 
_citation_author.name 
_citation_author.ordinal 
_citation_author.identifier_ORCID 
primary 'Francois, B.'  1 ? 
primary 'Russell, R.J.' 2 ? 
primary 'Murray, J.B.'  3 ? 
primary 'Aboul-ela, F.' 4 ? 
primary 'Masquida, B.'  5 ? 
primary 'Vicens, Q.'    6 ? 
primary 'Westhof, E.'   7 ? 
# 
_cell.entry_id           2ET5 
_cell.length_a           97.964 
_cell.length_b           33.200 
_cell.length_c           44.860 
_cell.angle_alpha        90.00 
_cell.angle_beta         90.00 
_cell.angle_gamma        90.00 
_cell.Z_PDB              8 
_cell.pdbx_unique_axis   ? 
# 
_symmetry.entry_id                         2ET5 
_symmetry.space_group_name_H-M             'P 21 21 2' 
_symmetry.pdbx_full_space_group_name_H-M   ? 
_symmetry.cell_setting                     ? 
_symmetry.Int_Tables_number                18 
_symmetry.space_group_name_Hall            ? 
# 
loop_
_entity.id 
_entity.type 
_entity.src_method 
_entity.pdbx_description 
_entity.formula_weight 
_entity.pdbx_number_of_molecules 
_entity.pdbx_ec 
_entity.pdbx_mutation 
_entity.pdbx_fragment 
_entity.details 
1 polymer     syn "5'-R(*CP*GP*CP*GP*UP*CP*AP*CP*AP*CP*CP*GP*GP*UP*GP*AP*AP*GP*UP*CP*GP*C)-3'" 7048.259 2  ? ? ? ? 
2 non-polymer syn RIBOSTAMYCIN                                                                 454.473  4  ? ? ? ? 
3 non-polymer syn 'SULFATE ION'                                                                96.063   1  ? ? ? ? 
4 water       nat water                                                                        18.015   91 ? ? ? ? 
# 
_entity_poly.entity_id                      1 
_entity_poly.type                           polyribonucleotide 
_entity_poly.nstd_linkage                   no 
_entity_poly.nstd_monomer                   no 
_entity_poly.pdbx_seq_one_letter_code       CGCGUCACACCGGUGAAGUCGC 
_entity_poly.pdbx_seq_one_letter_code_can   CGCGUCACACCGGUGAAGUCGC 
_entity_poly.pdbx_strand_id                 A,B 
_entity_poly.pdbx_target_identifier         ? 
# 
loop_
_entity_poly_seq.entity_id 
_entity_poly_seq.num 
_entity_poly_seq.mon_id 
_entity_poly_seq.hetero 
1 1  C n 
1 2  G n 
1 3  C n 
1 4  G n 
1 5  U n 
1 6  C n 
1 7  A n 
1 8  C n 
1 9  A n 
1 10 C n 
1 11 C n 
1 12 G n 
1 13 G n 
1 14 U n 
1 15 G n 
1 16 A n 
1 17 A n 
1 18 G n 
1 19 U n 
1 20 C n 
1 21 G n 
1 22 C n 
# 
_struct_ref.id                         1 
_struct_ref.entity_id                  1 
_struct_ref.db_name                    PDB 
_struct_ref.db_code                    2ET5 
_struct_ref.pdbx_db_accession          2ET5 
_struct_ref.pdbx_db_isoform            ? 
_struct_ref.pdbx_seq_one_letter_code   ? 
_struct_ref.pdbx_align_begin           ? 
# 
loop_
_struct_ref_seq.align_id 
_struct_ref_seq.ref_id 
_struct_ref_seq.pdbx_PDB_id_code 
_struct_ref_seq.pdbx_strand_id 
_struct_ref_seq.seq_align_beg 
_struct_ref_seq.pdbx_seq_align_beg_ins_code 
_struct_ref_seq.seq_align_end 
_struct_ref_seq.pdbx_seq_align_end_ins_code 
_struct_ref_seq.pdbx_db_accession 
_struct_ref_seq.db_align_beg 
_struct_ref_seq.pdbx_db_align_beg_ins_code 
_struct_ref_seq.db_align_end 
_struct_ref_seq.pdbx_db_align_end_ins_code 
_struct_ref_seq.pdbx_auth_seq_align_beg 
_struct_ref_seq.pdbx_auth_seq_align_end 
1 1 2ET5 A 1 ? 22 ? 2ET5 1  ? 22 ? 1  22 
2 1 2ET5 B 1 ? 22 ? 2ET5 24 ? 45 ? 24 45 
# 
loop_
_chem_comp.id 
_chem_comp.type 
_chem_comp.mon_nstd_flag 
_chem_comp.name 
_chem_comp.pdbx_synonyms 
_chem_comp.formula 
_chem_comp.formula_weight 
A   'RNA linking' y "ADENOSINE-5'-MONOPHOSPHATE" ? 'C10 H14 N5 O7 P' 347.221 
C   'RNA linking' y "CYTIDINE-5'-MONOPHOSPHATE"  ? 'C9 H14 N3 O8 P'  323.197 
G   'RNA linking' y "GUANOSINE-5'-MONOPHOSPHATE" ? 'C10 H14 N5 O8 P' 363.221 
HOH non-polymer   . WATER                        ? 'H2 O'            18.015  
RIO non-polymer   . RIBOSTAMYCIN                 
;5-AMINO-2-AMINOMETHYL-6-[4,6-DIAMINO-2-(3,4-DIHYDROXY-5-HYDROXYMETHYL-TETRAHYDRO-FURAN-2-YLOXY)-3-HYDROXY-CYCLOHEXYLOXY ]-TETRAHYDRO-PYRAN-3,4-DIOL; (1R,2R,3S,4R,6S)-4,6-diamino-3-hydroxy-2-(beta-D-ribofuranosyloxy)cyclohexyl 2,6-diamino-2,6-dideoxy-alpha-D-glucopyranoside
;
'C17 H34 N4 O10'  454.473 
SO4 non-polymer   . 'SULFATE ION'                ? 'O4 S -2'         96.063  
U   'RNA linking' y "URIDINE-5'-MONOPHOSPHATE"   ? 'C9 H13 N2 O9 P'  324.181 
# 
_exptl.entry_id          2ET5 
_exptl.method            'X-RAY DIFFRACTION' 
_exptl.crystals_number   1 
# 
_exptl_crystal.id                    1 
_exptl_crystal.density_meas          ? 
_exptl_crystal.density_Matthews      2.59 
_exptl_crystal.density_percent_sol   52.46 
_exptl_crystal.description           ? 
_exptl_crystal.F_000                 ? 
_exptl_crystal.preparation           ? 
# 
_exptl_crystal_grow.crystal_id      1 
_exptl_crystal_grow.method          'VAPOR DIFFUSION, HANGING DROP' 
_exptl_crystal_grow.temp            310 
_exptl_crystal_grow.temp_details    ? 
_exptl_crystal_grow.pH              6.4 
_exptl_crystal_grow.pdbx_details    
'MPD, NACL, MGSO4, GLYCEROL, NA CACODYLATE, pH 6.4, VAPOR DIFFUSION, HANGING DROP, temperature 310K' 
_exptl_crystal_grow.pdbx_pH_range   . 
# 
loop_
_exptl_crystal_grow_comp.crystal_id 
_exptl_crystal_grow_comp.id 
_exptl_crystal_grow_comp.sol_id 
_exptl_crystal_grow_comp.name 
_exptl_crystal_grow_comp.volume 
_exptl_crystal_grow_comp.conc 
_exptl_crystal_grow_comp.details 
1 1  1 MPD             ? ? ? 
1 2  1 NACL            ? ? ? 
1 3  1 MGSO4           ? ? ? 
1 4  1 GLYCEROL        ? ? ? 
1 5  1 'NA CACODYLATE' ? ? ? 
1 6  1 H2O             ? ? ? 
1 7  2 MPD             ? ? ? 
1 8  2 NACL            ? ? ? 
1 9  2 MGSO4           ? ? ? 
1 10 2 'NA CACODYLATE' ? ? ? 
# 
_diffrn.id                     1 
_diffrn.ambient_temp           110 
_diffrn.ambient_temp_details   ? 
_diffrn.crystal_id             1 
# 
_diffrn_detector.diffrn_id              1 
_diffrn_detector.detector               CCD 
_diffrn_detector.type                   'ADSC QUANTUM 4' 
_diffrn_detector.pdbx_collection_date   ? 
_diffrn_detector.details                ? 
# 
_diffrn_radiation.diffrn_id                        1 
_diffrn_radiation.wavelength_id                    1 
_diffrn_radiation.pdbx_monochromatic_or_laue_m_l   M 
_diffrn_radiation.monochromator                    ? 
_diffrn_radiation.pdbx_diffrn_protocol             'SINGLE WAVELENGTH' 
_diffrn_radiation.pdbx_scattering_type             x-ray 
# 
_diffrn_radiation_wavelength.id           1 
_diffrn_radiation_wavelength.wavelength   0.936 
_diffrn_radiation_wavelength.wt           1.0 
# 
_diffrn_source.diffrn_id                   1 
_diffrn_source.source                      SYNCHROTRON 
_diffrn_source.type                        'ESRF BEAMLINE ID29' 
_diffrn_source.pdbx_synchrotron_site       ESRF 
_diffrn_source.pdbx_synchrotron_beamline   ID29 
_diffrn_source.pdbx_wavelength             ? 
_diffrn_source.pdbx_wavelength_list        0.936 
# 
_reflns.entry_id                     2ET5 
_reflns.observed_criterion_sigma_I   5 
_reflns.observed_criterion_sigma_F   5 
_reflns.d_resolution_low             50 
_reflns.d_resolution_high            2.1 
_reflns.number_obs                   9000 
_reflns.number_all                   9000 
_reflns.percent_possible_obs         ? 
_reflns.pdbx_Rmerge_I_obs            ? 
_reflns.pdbx_Rsym_value              ? 
_reflns.pdbx_netI_over_sigmaI        ? 
_reflns.B_iso_Wilson_estimate        ? 
_reflns.pdbx_redundancy              ? 
_reflns.R_free_details               ? 
_reflns.pdbx_chi_squared             ? 
_reflns.pdbx_scaling_rejects         ? 
_reflns.pdbx_diffrn_id               1 
_reflns.pdbx_ordinal                 1 
# 
_refine.entry_id                                 2ET5 
_refine.ls_number_reflns_obs                     7349 
_refine.ls_number_reflns_all                     7904 
_refine.pdbx_ls_sigma_I                          ? 
_refine.pdbx_ls_sigma_F                          1 
_refine.pdbx_data_cutoff_high_absF               ? 
_refine.pdbx_data_cutoff_low_absF                ? 
_refine.pdbx_data_cutoff_high_rms_absF           ? 
_refine.ls_d_res_low                             32.0 
_refine.ls_d_res_high                            2.2 
_refine.ls_percent_reflns_obs                    93.0 
_refine.ls_R_factor_obs                          0.2275 
_refine.ls_R_factor_all                          ? 
_refine.ls_R_factor_R_work                       0.2275 
_refine.ls_R_factor_R_free                       0.2651 
_refine.ls_R_factor_R_free_error                 ? 
_refine.ls_R_factor_R_free_error_details         ? 
_refine.ls_percent_reflns_R_free                 ? 
_refine.ls_number_reflns_R_free                  719 
_refine.ls_number_parameters                     ? 
_refine.ls_number_restraints                     ? 
_refine.occupancy_min                            ? 
_refine.occupancy_max                            ? 
_refine.correlation_coeff_Fo_to_Fc               ? 
_refine.correlation_coeff_Fo_to_Fc_free          ? 
_refine.B_iso_mean                               ? 
_refine.aniso_B[1][1]                            ? 
_refine.aniso_B[2][2]                            ? 
_refine.aniso_B[3][3]                            ? 
_refine.aniso_B[1][2]                            ? 
_refine.aniso_B[1][3]                            ? 
_refine.aniso_B[2][3]                            ? 
_refine.solvent_model_details                    ? 
_refine.solvent_model_param_ksol                 ? 
_refine.solvent_model_param_bsol                 ? 
_refine.pdbx_solvent_vdw_probe_radii             ? 
_refine.pdbx_solvent_ion_probe_radii             ? 
_refine.pdbx_solvent_shrinkage_radii             ? 
_refine.pdbx_ls_cross_valid_method               ? 
_refine.details                                  ? 
_refine.pdbx_starting_model                      'PDB Entry: 1J7T' 
_refine.pdbx_method_to_determine_struct          'MOLECULAR REPLACEMENT' 
_refine.pdbx_isotropic_thermal_model             ? 
_refine.pdbx_stereochemistry_target_values       
;G. PARKINSON, J. VOJTECHOVSKY, L. CLOWNEY,A.T. BRUNGER, H.M. BERMAN, NEW PARAMETERSFOR THE REFINEMENT OF NUCLEIC ACID CONTAINING STRUCTURES, ACTA CRYST. D, 52,57-64 (1996)
;
_refine.pdbx_stereochem_target_val_spec_case     ? 
_refine.pdbx_R_Free_selection_details            RANDOM 
_refine.pdbx_overall_ESU_R                       ? 
_refine.pdbx_overall_ESU_R_Free                  ? 
_refine.overall_SU_ML                            ? 
_refine.overall_SU_B                             ? 
_refine.ls_redundancy_reflns_obs                 ? 
_refine.overall_SU_R_Cruickshank_DPI             ? 
_refine.overall_SU_R_free                        ? 
_refine.ls_wR_factor_R_free                      ? 
_refine.ls_wR_factor_R_work                      ? 
_refine.overall_FOM_free_R_set                   ? 
_refine.overall_FOM_work_R_set                   ? 
_refine.pdbx_refine_id                           'X-RAY DIFFRACTION' 
_refine.pdbx_diffrn_id                           1 
_refine.pdbx_TLS_residual_ADP_flag               ? 
_refine.pdbx_overall_phase_error                 ? 
_refine.pdbx_overall_SU_R_free_Cruickshank_DPI   ? 
_refine.pdbx_overall_SU_R_Blow_DPI               ? 
_refine.pdbx_overall_SU_R_free_Blow_DPI          ? 
# 
_refine_analyze.entry_id                        2ET5 
_refine_analyze.Luzzati_coordinate_error_obs    0.32 
_refine_analyze.Luzzati_sigma_a_obs             0.34 
_refine_analyze.Luzzati_d_res_low_obs           5.0 
_refine_analyze.Luzzati_coordinate_error_free   0.36 
_refine_analyze.Luzzati_sigma_a_free            0.45 
_refine_analyze.Luzzati_d_res_low_free          ? 
_refine_analyze.number_disordered_residues      ? 
_refine_analyze.occupancy_sum_hydrogen          ? 
_refine_analyze.occupancy_sum_non_hydrogen      ? 
_refine_analyze.pdbx_refine_id                  'X-RAY DIFFRACTION' 
# 
_refine_hist.pdbx_refine_id                   'X-RAY DIFFRACTION' 
_refine_hist.cycle_id                         LAST 
_refine_hist.pdbx_number_atoms_protein        0 
_refine_hist.pdbx_number_atoms_nucleic_acid   898 
_refine_hist.pdbx_number_atoms_ligand         129 
_refine_hist.number_atoms_solvent             91 
_refine_hist.number_atoms_total               1118 
_refine_hist.d_res_high                       2.2 
_refine_hist.d_res_low                        32.0 
# 
loop_
_refine_ls_restr.type 
_refine_ls_restr.dev_ideal 
_refine_ls_restr.dev_ideal_target 
_refine_ls_restr.weight 
_refine_ls_restr.number 
_refine_ls_restr.pdbx_refine_id 
_refine_ls_restr.pdbx_restraint_function 
c_bond_d           0.0050 ? ? ? 'X-RAY DIFFRACTION' ? 
c_angle_d          0.8911 ? ? ? 'X-RAY DIFFRACTION' ? 
c_dihedral_angle_d 8.2797 ? ? ? 'X-RAY DIFFRACTION' ? 
c_improper_angle_d 1.2411 ? ? ? 'X-RAY DIFFRACTION' ? 
# 
_struct.entry_id                  2ET5 
_struct.title                     'Complex Between Ribostamycin and the 16S-RRNA A-Site' 
_struct.pdbx_model_details        ? 
_struct.pdbx_CASP_flag            ? 
_struct.pdbx_model_type_details   ? 
# 
_struct_keywords.entry_id        2ET5 
_struct_keywords.pdbx_keywords   RNA 
_struct_keywords.text            'RNA-AMINOGLYCOSIDE INTERACTIONS, A SITE, UOU PAIRS, AA BULGES, RNA' 
# 
loop_
_struct_asym.id 
_struct_asym.pdbx_blank_PDB_chainid_flag 
_struct_asym.pdbx_modified 
_struct_asym.entity_id 
_struct_asym.details 
A N N 1 ? 
B N N 1 ? 
C N N 2 ? 
D N N 3 ? 
E N N 2 ? 
F N N 2 ? 
G N N 2 ? 
H N N 4 ? 
I N N 4 ? 
# 
loop_
_struct_conn.id 
_struct_conn.conn_type_id 
_struct_conn.pdbx_leaving_atom_flag 
_struct_conn.pdbx_PDB_id 
_struct_conn.ptnr1_label_asym_id 
_struct_conn.ptnr1_label_comp_id 
_struct_conn.ptnr1_label_seq_id 
_struct_conn.ptnr1_label_atom_id 
_struct_conn.pdbx_ptnr1_label_alt_id 
_struct_conn.pdbx_ptnr1_PDB_ins_code 
_struct_conn.pdbx_ptnr1_standard_comp_id 
_struct_conn.ptnr1_symmetry 
_struct_conn.ptnr2_label_asym_id 
_struct_conn.ptnr2_label_comp_id 
_struct_conn.ptnr2_label_seq_id 
_struct_conn.ptnr2_label_atom_id 
_struct_conn.pdbx_ptnr2_label_alt_id 
_struct_conn.pdbx_ptnr2_PDB_ins_code 
_struct_conn.ptnr1_auth_asym_id 
_struct_conn.ptnr1_auth_comp_id 
_struct_conn.ptnr1_auth_seq_id 
_struct_conn.ptnr2_auth_asym_id 
_struct_conn.ptnr2_auth_comp_id 
_struct_conn.ptnr2_auth_seq_id 
_struct_conn.ptnr2_symmetry 
_struct_conn.pdbx_ptnr3_label_atom_id 
_struct_conn.pdbx_ptnr3_label_seq_id 
_struct_conn.pdbx_ptnr3_label_comp_id 
_struct_conn.pdbx_ptnr3_label_asym_id 
_struct_conn.pdbx_ptnr3_label_alt_id 
_struct_conn.pdbx_ptnr3_PDB_ins_code 
_struct_conn.details 
_struct_conn.pdbx_dist_value 
_struct_conn.pdbx_value_order 
_struct_conn.pdbx_role 
hydrog1  hydrog ? ? A G 2  N1 ? ? ? 1_555 B C 22 N3 ? ? A G 2  B C 45 1_555 ? ? ? ? ? ? WATSON-CRICK  ? ? ? 
hydrog2  hydrog ? ? A G 2  N2 ? ? ? 1_555 B C 22 O2 ? ? A G 2  B C 45 1_555 ? ? ? ? ? ? WATSON-CRICK  ? ? ? 
hydrog3  hydrog ? ? A G 2  O6 ? ? ? 1_555 B C 22 N4 ? ? A G 2  B C 45 1_555 ? ? ? ? ? ? WATSON-CRICK  ? ? ? 
hydrog4  hydrog ? ? A C 3  N3 ? ? ? 1_555 B G 21 N1 ? ? A C 3  B G 44 1_555 ? ? ? ? ? ? WATSON-CRICK  ? ? ? 
hydrog5  hydrog ? ? A C 3  N4 ? ? ? 1_555 B G 21 O6 ? ? A C 3  B G 44 1_555 ? ? ? ? ? ? WATSON-CRICK  ? ? ? 
hydrog6  hydrog ? ? A C 3  O2 ? ? ? 1_555 B G 21 N2 ? ? A C 3  B G 44 1_555 ? ? ? ? ? ? WATSON-CRICK  ? ? ? 
hydrog7  hydrog ? ? A G 4  N1 ? ? ? 1_555 B C 20 N3 ? ? A G 4  B C 43 1_555 ? ? ? ? ? ? WATSON-CRICK  ? ? ? 
hydrog8  hydrog ? ? A G 4  N2 ? ? ? 1_555 B C 20 O2 ? ? A G 4  B C 43 1_555 ? ? ? ? ? ? WATSON-CRICK  ? ? ? 
hydrog9  hydrog ? ? A G 4  O6 ? ? ? 1_555 B C 20 N4 ? ? A G 4  B C 43 1_555 ? ? ? ? ? ? WATSON-CRICK  ? ? ? 
hydrog10 hydrog ? ? A U 5  O4 ? ? ? 1_555 B U 19 N3 ? ? A U 5  B U 42 1_555 ? ? ? ? ? ? 'U-U MISPAIR' ? ? ? 
hydrog11 hydrog ? ? A C 6  N3 ? ? ? 1_555 B G 18 N1 ? ? A C 6  B G 41 1_555 ? ? ? ? ? ? WATSON-CRICK  ? ? ? 
hydrog12 hydrog ? ? A C 6  N4 ? ? ? 1_555 B G 18 O6 ? ? A C 6  B G 41 1_555 ? ? ? ? ? ? WATSON-CRICK  ? ? ? 
hydrog13 hydrog ? ? A C 6  O2 ? ? ? 1_555 B G 18 N2 ? ? A C 6  B G 41 1_555 ? ? ? ? ? ? WATSON-CRICK  ? ? ? 
hydrog14 hydrog ? ? A C 8  N3 ? ? ? 1_555 B G 15 N1 ? ? A C 8  B G 38 1_555 ? ? ? ? ? ? WATSON-CRICK  ? ? ? 
hydrog15 hydrog ? ? A C 8  N4 ? ? ? 1_555 B G 15 O6 ? ? A C 8  B G 38 1_555 ? ? ? ? ? ? WATSON-CRICK  ? ? ? 
hydrog16 hydrog ? ? A C 8  O2 ? ? ? 1_555 B G 15 N2 ? ? A C 8  B G 38 1_555 ? ? ? ? ? ? WATSON-CRICK  ? ? ? 
hydrog17 hydrog ? ? A A 9  N1 ? ? ? 1_555 B U 14 N3 ? ? A A 9  B U 37 1_555 ? ? ? ? ? ? WATSON-CRICK  ? ? ? 
hydrog18 hydrog ? ? A A 9  N6 ? ? ? 1_555 B U 14 O4 ? ? A A 9  B U 37 1_555 ? ? ? ? ? ? WATSON-CRICK  ? ? ? 
hydrog19 hydrog ? ? A C 10 N3 ? ? ? 1_555 B G 13 N1 ? ? A C 10 B G 36 1_555 ? ? ? ? ? ? WATSON-CRICK  ? ? ? 
hydrog20 hydrog ? ? A C 10 N4 ? ? ? 1_555 B G 13 O6 ? ? A C 10 B G 36 1_555 ? ? ? ? ? ? WATSON-CRICK  ? ? ? 
hydrog21 hydrog ? ? A C 10 O2 ? ? ? 1_555 B G 13 N2 ? ? A C 10 B G 36 1_555 ? ? ? ? ? ? WATSON-CRICK  ? ? ? 
hydrog22 hydrog ? ? A C 11 N3 ? ? ? 1_555 B G 12 N1 ? ? A C 11 B G 35 1_555 ? ? ? ? ? ? WATSON-CRICK  ? ? ? 
hydrog23 hydrog ? ? A C 11 N4 ? ? ? 1_555 B G 12 O6 ? ? A C 11 B G 35 1_555 ? ? ? ? ? ? WATSON-CRICK  ? ? ? 
hydrog24 hydrog ? ? A C 11 O2 ? ? ? 1_555 B G 12 N2 ? ? A C 11 B G 35 1_555 ? ? ? ? ? ? WATSON-CRICK  ? ? ? 
hydrog25 hydrog ? ? A G 12 N1 ? ? ? 1_555 B C 11 N3 ? ? A G 12 B C 34 1_555 ? ? ? ? ? ? WATSON-CRICK  ? ? ? 
hydrog26 hydrog ? ? A G 12 N2 ? ? ? 1_555 B C 11 O2 ? ? A G 12 B C 34 1_555 ? ? ? ? ? ? WATSON-CRICK  ? ? ? 
hydrog27 hydrog ? ? A G 12 O6 ? ? ? 1_555 B C 11 N4 ? ? A G 12 B C 34 1_555 ? ? ? ? ? ? WATSON-CRICK  ? ? ? 
hydrog28 hydrog ? ? A G 13 N1 ? ? ? 1_555 B C 10 N3 ? ? A G 13 B C 33 1_555 ? ? ? ? ? ? WATSON-CRICK  ? ? ? 
hydrog29 hydrog ? ? A G 13 N2 ? ? ? 1_555 B C 10 O2 ? ? A G 13 B C 33 1_555 ? ? ? ? ? ? WATSON-CRICK  ? ? ? 
hydrog30 hydrog ? ? A G 13 O6 ? ? ? 1_555 B C 10 N4 ? ? A G 13 B C 33 1_555 ? ? ? ? ? ? WATSON-CRICK  ? ? ? 
hydrog31 hydrog ? ? A U 14 N3 ? ? ? 1_555 B A 9  N1 ? ? A U 14 B A 32 1_555 ? ? ? ? ? ? WATSON-CRICK  ? ? ? 
hydrog32 hydrog ? ? A U 14 O4 ? ? ? 1_555 B A 9  N6 ? ? A U 14 B A 32 1_555 ? ? ? ? ? ? WATSON-CRICK  ? ? ? 
hydrog33 hydrog ? ? A G 15 N1 ? ? ? 1_555 B C 8  N3 ? ? A G 15 B C 31 1_555 ? ? ? ? ? ? WATSON-CRICK  ? ? ? 
hydrog34 hydrog ? ? A G 15 N2 ? ? ? 1_555 B C 8  O2 ? ? A G 15 B C 31 1_555 ? ? ? ? ? ? WATSON-CRICK  ? ? ? 
hydrog35 hydrog ? ? A G 15 O6 ? ? ? 1_555 B C 8  N4 ? ? A G 15 B C 31 1_555 ? ? ? ? ? ? WATSON-CRICK  ? ? ? 
hydrog36 hydrog ? ? A G 18 N1 ? ? ? 1_555 B C 6  N3 ? ? A G 18 B C 29 1_555 ? ? ? ? ? ? WATSON-CRICK  ? ? ? 
hydrog37 hydrog ? ? A G 18 N2 ? ? ? 1_555 B C 6  O2 ? ? A G 18 B C 29 1_555 ? ? ? ? ? ? WATSON-CRICK  ? ? ? 
hydrog38 hydrog ? ? A G 18 O6 ? ? ? 1_555 B C 6  N4 ? ? A G 18 B C 29 1_555 ? ? ? ? ? ? WATSON-CRICK  ? ? ? 
hydrog39 hydrog ? ? A U 19 N3 ? ? ? 1_555 B U 5  O4 ? ? A U 19 B U 28 1_555 ? ? ? ? ? ? 'U-U MISPAIR' ? ? ? 
hydrog40 hydrog ? ? A C 20 N3 ? ? ? 1_555 B G 4  N1 ? ? A C 20 B G 27 1_555 ? ? ? ? ? ? WATSON-CRICK  ? ? ? 
hydrog41 hydrog ? ? A C 20 N4 ? ? ? 1_555 B G 4  O6 ? ? A C 20 B G 27 1_555 ? ? ? ? ? ? WATSON-CRICK  ? ? ? 
hydrog42 hydrog ? ? A C 20 O2 ? ? ? 1_555 B G 4  N2 ? ? A C 20 B G 27 1_555 ? ? ? ? ? ? WATSON-CRICK  ? ? ? 
hydrog43 hydrog ? ? A G 21 N1 ? ? ? 1_555 B C 3  N3 ? ? A G 21 B C 26 1_555 ? ? ? ? ? ? WATSON-CRICK  ? ? ? 
hydrog44 hydrog ? ? A G 21 N2 ? ? ? 1_555 B C 3  O2 ? ? A G 21 B C 26 1_555 ? ? ? ? ? ? WATSON-CRICK  ? ? ? 
hydrog45 hydrog ? ? A G 21 O6 ? ? ? 1_555 B C 3  N4 ? ? A G 21 B C 26 1_555 ? ? ? ? ? ? WATSON-CRICK  ? ? ? 
hydrog46 hydrog ? ? A C 22 N3 ? ? ? 1_555 B G 2  N1 ? ? A C 22 B G 25 1_555 ? ? ? ? ? ? WATSON-CRICK  ? ? ? 
hydrog47 hydrog ? ? A C 22 N4 ? ? ? 1_555 B G 2  O6 ? ? A C 22 B G 25 1_555 ? ? ? ? ? ? WATSON-CRICK  ? ? ? 
hydrog48 hydrog ? ? A C 22 O2 ? ? ? 1_555 B G 2  N2 ? ? A C 22 B G 25 1_555 ? ? ? ? ? ? WATSON-CRICK  ? ? ? 
# 
_struct_conn_type.id          hydrog 
_struct_conn_type.criteria    ? 
_struct_conn_type.reference   ? 
# 
loop_
_struct_site.id 
_struct_site.pdbx_evidence_code 
_struct_site.pdbx_auth_asym_id 
_struct_site.pdbx_auth_comp_id 
_struct_site.pdbx_auth_seq_id 
_struct_site.pdbx_auth_ins_code 
_struct_site.pdbx_num_residues 
_struct_site.details 
AC1 Software B SO4 55 ? 4  'BINDING SITE FOR RESIDUE SO4 B 55' 
AC2 Software B RIO 51 ? 16 'BINDING SITE FOR RESIDUE RIO B 51' 
AC3 Software A RIO 54 ? 15 'BINDING SITE FOR RESIDUE RIO A 54' 
AC4 Software B RIO 52 ? 17 'BINDING SITE FOR RESIDUE RIO B 52' 
AC5 Software B RIO 53 ? 17 'BINDING SITE FOR RESIDUE RIO B 53' 
1   ?        ? ?   ?  ? ?  ?                                   
# 
loop_
_struct_site_gen.id 
_struct_site_gen.site_id 
_struct_site_gen.pdbx_num_res 
_struct_site_gen.label_comp_id 
_struct_site_gen.label_asym_id 
_struct_site_gen.label_seq_id 
_struct_site_gen.pdbx_auth_ins_code 
_struct_site_gen.auth_comp_id 
_struct_site_gen.auth_asym_id 
_struct_site_gen.auth_seq_id 
_struct_site_gen.label_atom_id 
_struct_site_gen.label_alt_id 
_struct_site_gen.symmetry 
_struct_site_gen.details 
1  AC1 4  G   A 12 ? G   A 12  . ? 3_546 ? 
2  AC1 4  A   B 16 ? A   B 39  . ? 1_555 ? 
3  AC1 4  U   B 19 ? U   B 42  . ? 3_556 ? 
4  AC1 4  HOH I .  ? HOH B 387 . ? 1_555 ? 
5  AC2 16 C   A 6  ? C   A 6   . ? 1_555 ? 
6  AC2 16 A   A 7  ? A   A 7   . ? 1_555 ? 
7  AC2 16 HOH H .  ? HOH A 378 . ? 1_555 ? 
8  AC2 16 G   B 15 ? G   B 38  . ? 1_555 ? 
9  AC2 16 A   B 16 ? A   B 39  . ? 1_555 ? 
10 AC2 16 A   B 17 ? A   B 40  . ? 1_555 ? 
11 AC2 16 G   B 18 ? G   B 41  . ? 1_555 ? 
12 AC2 16 U   B 19 ? U   B 42  . ? 1_555 ? 
13 AC2 16 RIO F .  ? RIO B 52  . ? 1_555 ? 
14 AC2 16 HOH I .  ? HOH B 303 . ? 1_555 ? 
15 AC2 16 HOH I .  ? HOH B 307 . ? 1_555 ? 
16 AC2 16 HOH I .  ? HOH B 311 . ? 1_555 ? 
17 AC2 16 HOH I .  ? HOH B 345 . ? 1_555 ? 
18 AC2 16 HOH I .  ? HOH B 346 . ? 1_555 ? 
19 AC2 16 HOH I .  ? HOH B 347 . ? 1_555 ? 
20 AC2 16 HOH I .  ? HOH B 349 . ? 1_555 ? 
21 AC3 15 G   A 15 ? G   A 15  . ? 1_555 ? 
22 AC3 15 A   A 16 ? A   A 16  . ? 1_555 ? 
23 AC3 15 A   A 17 ? A   A 17  . ? 1_555 ? 
24 AC3 15 G   A 18 ? G   A 18  . ? 1_555 ? 
25 AC3 15 U   A 19 ? U   A 19  . ? 1_555 ? 
26 AC3 15 HOH H .  ? HOH A 318 . ? 1_555 ? 
27 AC3 15 HOH H .  ? HOH A 322 . ? 1_555 ? 
28 AC3 15 HOH H .  ? HOH A 342 . ? 1_555 ? 
29 AC3 15 HOH H .  ? HOH A 356 . ? 1_555 ? 
30 AC3 15 HOH H .  ? HOH A 364 . ? 1_555 ? 
31 AC3 15 HOH H .  ? HOH A 365 . ? 1_555 ? 
32 AC3 15 C   B 6  ? C   B 29  . ? 1_555 ? 
33 AC3 15 A   B 7  ? A   B 30  . ? 1_555 ? 
34 AC3 15 RIO G .  ? RIO B 53  . ? 1_555 ? 
35 AC3 15 HOH I .  ? HOH B 353 . ? 1_555 ? 
36 AC4 17 U   A 5  ? U   A 5   . ? 1_555 ? 
37 AC4 17 C   A 6  ? C   A 6   . ? 1_555 ? 
38 AC4 17 A   A 7  ? A   A 7   . ? 1_555 ? 
39 AC4 17 C   A 8  ? C   A 8   . ? 1_555 ? 
40 AC4 17 HOH H .  ? HOH A 308 . ? 1_555 ? 
41 AC4 17 C   B 11 ? C   B 34  . ? 1_555 ? 
42 AC4 17 G   B 12 ? G   B 35  . ? 1_555 ? 
43 AC4 17 G   B 13 ? G   B 36  . ? 1_555 ? 
44 AC4 17 U   B 14 ? U   B 37  . ? 1_555 ? 
45 AC4 17 RIO E .  ? RIO B 51  . ? 1_555 ? 
46 AC4 17 HOH I .  ? HOH B 301 . ? 1_555 ? 
47 AC4 17 HOH I .  ? HOH B 302 . ? 1_555 ? 
48 AC4 17 HOH I .  ? HOH B 304 . ? 1_555 ? 
49 AC4 17 HOH I .  ? HOH B 340 . ? 1_555 ? 
50 AC4 17 HOH I .  ? HOH B 348 . ? 1_555 ? 
51 AC4 17 HOH I .  ? HOH B 376 . ? 1_555 ? 
52 AC4 17 HOH I .  ? HOH B 380 . ? 1_555 ? 
53 AC5 17 C   A 11 ? C   A 11  . ? 1_555 ? 
54 AC5 17 G   A 12 ? G   A 12  . ? 1_555 ? 
55 AC5 17 G   A 13 ? G   A 13  . ? 1_555 ? 
56 AC5 17 U   A 14 ? U   A 14  . ? 1_555 ? 
57 AC5 17 RIO C .  ? RIO A 54  . ? 1_555 ? 
58 AC5 17 HOH H .  ? HOH A 330 . ? 1_555 ? 
59 AC5 17 HOH H .  ? HOH A 367 . ? 1_555 ? 
60 AC5 17 HOH H .  ? HOH A 373 . ? 1_555 ? 
61 AC5 17 U   B 5  ? U   B 28  . ? 1_555 ? 
62 AC5 17 C   B 6  ? C   B 29  . ? 1_555 ? 
63 AC5 17 A   B 7  ? A   B 30  . ? 1_555 ? 
64 AC5 17 C   B 8  ? C   B 31  . ? 1_555 ? 
65 AC5 17 HOH I .  ? HOH B 333 . ? 1_555 ? 
66 AC5 17 HOH I .  ? HOH B 363 . ? 1_555 ? 
67 AC5 17 HOH I .  ? HOH B 366 . ? 1_555 ? 
68 AC5 17 HOH I .  ? HOH B 372 . ? 1_555 ? 
69 AC5 17 HOH I .  ? HOH B 389 . ? 1_555 ? 
# 
_atom_sites.entry_id                    2ET5 
_atom_sites.fract_transf_matrix[1][1]   -0.00283857 
_atom_sites.fract_transf_matrix[1][2]   -0.00588449 
_atom_sites.fract_transf_matrix[1][3]   -0.00784338 
_atom_sites.fract_transf_matrix[2][1]   -0.02876390 
_atom_sites.fract_transf_matrix[2][2]   0.00240327 
_atom_sites.fract_transf_matrix[2][3]   0.00860678 
_atom_sites.fract_transf_matrix[3][1]   -0.00230535 
_atom_sites.fract_transf_matrix[3][2]   0.01812833 
_atom_sites.fract_transf_matrix[3][3]   -0.01276646 
_atom_sites.fract_transf_vector[1]      0.363650 
_atom_sites.fract_transf_vector[2]      0.464123 
_atom_sites.fract_transf_vector[3]      0.294342 
# 
loop_
_atom_type.symbol 
C 
N 
O 
P 
S 
# 
loop_
_atom_site.group_PDB 
_atom_site.id 
_atom_site.type_symbol 
_atom_site.label_atom_id 
_atom_site.label_alt_id 
_atom_site.label_comp_id 
_atom_site.label_asym_id 
_atom_site.label_entity_id 
_atom_site.label_seq_id 
_atom_site.pdbx_PDB_ins_code 
_atom_site.Cartn_x 
_atom_site.Cartn_y 
_atom_site.Cartn_z 
_atom_site.occupancy 
_atom_site.B_iso_or_equiv 
_atom_site.pdbx_formal_charge 
_atom_site.auth_seq_id 
_atom_site.auth_comp_id 
_atom_site.auth_asym_id 
_atom_site.auth_atom_id 
_atom_site.pdbx_PDB_model_num 
ATOM   1    P P     . G   A 1 2  ? 6.699   21.814  -11.122 1.00 68.96 ? 2   G   A P     1 
ATOM   2    O OP1   . G   A 1 2  ? 8.194   21.977  -10.886 1.00 69.27 ? 2   G   A OP1   1 
ATOM   3    O OP2   . G   A 1 2  ? 5.872   22.940  -10.510 1.00 68.17 ? 2   G   A OP2   1 
ATOM   4    O "O5'" . G   A 1 2  ? 6.498   21.953  -12.730 1.00 64.91 ? 2   G   A "O5'" 1 
ATOM   5    C "C5'" . G   A 1 2  ? 5.187   22.109  -13.290 1.00 57.78 ? 2   G   A "C5'" 1 
ATOM   6    C "C4'" . G   A 1 2  ? 5.083   21.327  -14.572 1.00 54.10 ? 2   G   A "C4'" 1 
ATOM   7    O "O4'" . G   A 1 2  ? 6.326   21.462  -15.310 1.00 52.39 ? 2   G   A "O4'" 1 
ATOM   8    C "C3'" . G   A 1 2  ? 4.936   19.826  -14.414 1.00 50.79 ? 2   G   A "C3'" 1 
ATOM   9    O "O3'" . G   A 1 2  ? 3.579   19.479  -14.164 1.00 47.79 ? 2   G   A "O3'" 1 
ATOM   10   C "C2'" . G   A 1 2  ? 5.406   19.325  -15.774 1.00 50.62 ? 2   G   A "C2'" 1 
ATOM   11   O "O2'" . G   A 1 2  ? 4.435   19.478  -16.784 1.00 52.10 ? 2   G   A "O2'" 1 
ATOM   12   C "C1'" . G   A 1 2  ? 6.552   20.288  -16.068 1.00 49.40 ? 2   G   A "C1'" 1 
ATOM   13   N N9    . G   A 1 2  ? 7.851   19.741  -15.704 1.00 45.18 ? 2   G   A N9    1 
ATOM   14   C C8    . G   A 1 2  ? 8.638   20.089  -14.636 1.00 44.34 ? 2   G   A C8    1 
ATOM   15   N N7    . G   A 1 2  ? 9.754   19.413  -14.582 1.00 44.63 ? 2   G   A N7    1 
ATOM   16   C C5    . G   A 1 2  ? 9.693   18.566  -15.680 1.00 42.12 ? 2   G   A C5    1 
ATOM   17   C C6    . G   A 1 2  ? 10.611  17.588  -16.139 1.00 40.77 ? 2   G   A C6    1 
ATOM   18   O O6    . G   A 1 2  ? 11.692  17.253  -15.642 1.00 39.92 ? 2   G   A O6    1 
ATOM   19   N N1    . G   A 1 2  ? 10.157  16.965  -17.297 1.00 39.45 ? 2   G   A N1    1 
ATOM   20   C C2    . G   A 1 2  ? 8.970   17.242  -17.928 1.00 38.85 ? 2   G   A C2    1 
ATOM   21   N N2    . G   A 1 2  ? 8.713   16.543  -19.042 1.00 37.86 ? 2   G   A N2    1 
ATOM   22   N N3    . G   A 1 2  ? 8.100   18.141  -17.502 1.00 40.03 ? 2   G   A N3    1 
ATOM   23   C C4    . G   A 1 2  ? 8.526   18.762  -16.383 1.00 42.83 ? 2   G   A C4    1 
ATOM   24   P P     . C   A 1 3  ? 3.221   18.009  -13.619 1.00 44.72 ? 3   C   A P     1 
ATOM   25   O OP1   . C   A 1 3  ? 1.761   17.956  -13.370 1.00 45.10 ? 3   C   A OP1   1 
ATOM   26   O OP2   . C   A 1 3  ? 4.162   17.674  -12.524 1.00 45.44 ? 3   C   A OP2   1 
ATOM   27   O "O5'" . C   A 1 3  ? 3.536   17.076  -14.865 1.00 42.45 ? 3   C   A "O5'" 1 
ATOM   28   C "C5'" . C   A 1 3  ? 2.742   17.155  -16.036 1.00 39.03 ? 3   C   A "C5'" 1 
ATOM   29   C "C4'" . C   A 1 3  ? 3.191   16.126  -17.037 1.00 37.90 ? 3   C   A "C4'" 1 
ATOM   30   O "O4'" . C   A 1 3  ? 4.545   16.430  -17.462 1.00 36.89 ? 3   C   A "O4'" 1 
ATOM   31   C "C3'" . C   A 1 3  ? 3.309   14.712  -16.505 1.00 36.96 ? 3   C   A "C3'" 1 
ATOM   32   O "O3'" . C   A 1 3  ? 2.055   14.051  -16.458 1.00 37.27 ? 3   C   A "O3'" 1 
ATOM   33   C "C2'" . C   A 1 3  ? 4.249   14.091  -17.520 1.00 35.85 ? 3   C   A "C2'" 1 
ATOM   34   O "O2'" . C   A 1 3  ? 3.623   13.821  -18.751 1.00 36.75 ? 3   C   A "O2'" 1 
ATOM   35   C "C1'" . C   A 1 3  ? 5.247   15.225  -17.708 1.00 36.25 ? 3   C   A "C1'" 1 
ATOM   36   N N1    . C   A 1 3  ? 6.342   15.130  -16.737 1.00 36.76 ? 3   C   A N1    1 
ATOM   37   C C2    . C   A 1 3  ? 7.336   14.183  -16.951 1.00 35.32 ? 3   C   A C2    1 
ATOM   38   O O2    . C   A 1 3  ? 7.254   13.450  -17.943 1.00 36.84 ? 3   C   A O2    1 
ATOM   39   N N3    . C   A 1 3  ? 8.358   14.086  -16.072 1.00 36.59 ? 3   C   A N3    1 
ATOM   40   C C4    . C   A 1 3  ? 8.401   14.890  -15.007 1.00 36.93 ? 3   C   A C4    1 
ATOM   41   N N4    . C   A 1 3  ? 9.431   14.760  -14.165 1.00 37.02 ? 3   C   A N4    1 
ATOM   42   C C5    . C   A 1 3  ? 7.392   15.862  -14.758 1.00 37.21 ? 3   C   A C5    1 
ATOM   43   C C6    . C   A 1 3  ? 6.389   15.949  -15.643 1.00 37.50 ? 3   C   A C6    1 
ATOM   44   P P     . G   A 1 4  ? 1.815   12.902  -15.360 1.00 36.53 ? 4   G   A P     1 
ATOM   45   O OP1   . G   A 1 4  ? 0.387   12.497  -15.418 1.00 36.66 ? 4   G   A OP1   1 
ATOM   46   O OP2   . G   A 1 4  ? 2.386   13.402  -14.089 1.00 34.76 ? 4   G   A OP2   1 
ATOM   47   O "O5'" . G   A 1 4  ? 2.672   11.682  -15.920 1.00 34.51 ? 4   G   A "O5'" 1 
ATOM   48   C "C5'" . G   A 1 4  ? 2.244   10.991  -17.089 1.00 31.08 ? 4   G   A "C5'" 1 
ATOM   49   C "C4'" . G   A 1 4  ? 3.206   9.886   -17.427 1.00 30.76 ? 4   G   A "C4'" 1 
ATOM   50   O "O4'" . G   A 1 4  ? 4.522   10.452  -17.665 1.00 31.35 ? 4   G   A "O4'" 1 
ATOM   51   C "C3'" . G   A 1 4  ? 3.443   8.880   -16.319 1.00 30.43 ? 4   G   A "C3'" 1 
ATOM   52   O "O3'" . G   A 1 4  ? 2.418   7.893   -16.301 1.00 33.40 ? 4   G   A "O3'" 1 
ATOM   53   C "C2'" . G   A 1 4  ? 4.795   8.305   -16.709 1.00 29.77 ? 4   G   A "C2'" 1 
ATOM   54   O "O2'" . G   A 1 4  ? 4.706   7.381   -17.773 1.00 31.02 ? 4   G   A "O2'" 1 
ATOM   55   C "C1'" . G   A 1 4  ? 5.521   9.562   -17.187 1.00 29.92 ? 4   G   A "C1'" 1 
ATOM   56   N N9    . G   A 1 4  ? 6.241   10.227  -16.106 1.00 27.82 ? 4   G   A N9    1 
ATOM   57   C C8    . G   A 1 4  ? 5.795   11.276  -15.337 1.00 28.40 ? 4   G   A C8    1 
ATOM   58   N N7    . G   A 1 4  ? 6.662   11.652  -14.434 1.00 28.39 ? 4   G   A N7    1 
ATOM   59   C C5    . G   A 1 4  ? 7.744   10.800  -14.617 1.00 26.05 ? 4   G   A C5    1 
ATOM   60   C C6    . G   A 1 4  ? 8.977   10.721  -13.921 1.00 25.73 ? 4   G   A C6    1 
ATOM   61   O O6    . G   A 1 4  ? 9.374   11.406  -12.965 1.00 26.28 ? 4   G   A O6    1 
ATOM   62   N N1    . G   A 1 4  ? 9.788   9.720   -14.437 1.00 25.63 ? 4   G   A N1    1 
ATOM   63   C C2    . G   A 1 4  ? 9.460   8.896   -15.483 1.00 26.29 ? 4   G   A C2    1 
ATOM   64   N N2    . G   A 1 4  ? 10.397  7.997   -15.843 1.00 25.90 ? 4   G   A N2    1 
ATOM   65   N N3    . G   A 1 4  ? 8.307   8.949   -16.133 1.00 25.55 ? 4   G   A N3    1 
ATOM   66   C C4    . G   A 1 4  ? 7.503   9.919   -15.649 1.00 26.47 ? 4   G   A C4    1 
ATOM   67   P P     . U   A 1 5  ? 2.364   6.831   -15.093 1.00 33.17 ? 5   U   A P     1 
ATOM   68   O OP1   . U   A 1 5  ? 1.270   5.875   -15.396 1.00 34.74 ? 5   U   A OP1   1 
ATOM   69   O OP2   . U   A 1 5  ? 2.343   7.583   -13.817 1.00 30.49 ? 5   U   A OP2   1 
ATOM   70   O "O5'" . U   A 1 5  ? 3.762   6.079   -15.247 1.00 32.20 ? 5   U   A "O5'" 1 
ATOM   71   C "C5'" . U   A 1 5  ? 4.366   5.384   -14.167 1.00 32.70 ? 5   U   A "C5'" 1 
ATOM   72   C "C4'" . U   A 1 5  ? 5.635   4.718   -14.644 1.00 33.69 ? 5   U   A "C4'" 1 
ATOM   73   O "O4'" . U   A 1 5  ? 6.588   5.740   -15.059 1.00 30.27 ? 5   U   A "O4'" 1 
ATOM   74   C "C3'" . U   A 1 5  ? 6.411   3.924   -13.606 1.00 32.21 ? 5   U   A "C3'" 1 
ATOM   75   O "O3'" . U   A 1 5  ? 5.845   2.637   -13.394 1.00 32.56 ? 5   U   A "O3'" 1 
ATOM   76   C "C2'" . U   A 1 5  ? 7.789   3.873   -14.248 1.00 30.37 ? 5   U   A "C2'" 1 
ATOM   77   O "O2'" . U   A 1 5  ? 7.852   2.997   -15.350 1.00 32.22 ? 5   U   A "O2'" 1 
ATOM   78   C "C1'" . U   A 1 5  ? 7.907   5.307   -14.760 1.00 29.49 ? 5   U   A "C1'" 1 
ATOM   79   N N1    . U   A 1 5  ? 8.454   6.169   -13.705 1.00 26.28 ? 5   U   A N1    1 
ATOM   80   C C2    . U   A 1 5  ? 9.788   6.012   -13.401 1.00 24.82 ? 5   U   A C2    1 
ATOM   81   O O2    . U   A 1 5  ? 10.512  5.229   -13.998 1.00 25.08 ? 5   U   A O2    1 
ATOM   82   N N3    . U   A 1 5  ? 10.248  6.798   -12.376 1.00 23.89 ? 5   U   A N3    1 
ATOM   83   C C4    . U   A 1 5  ? 9.527   7.715   -11.651 1.00 25.78 ? 5   U   A C4    1 
ATOM   84   O O4    . U   A 1 5  ? 10.079  8.326   -10.733 1.00 30.37 ? 5   U   A O4    1 
ATOM   85   C C5    . U   A 1 5  ? 8.154   7.839   -12.042 1.00 26.26 ? 5   U   A C5    1 
ATOM   86   C C6    . U   A 1 5  ? 7.677   7.078   -13.035 1.00 24.31 ? 5   U   A C6    1 
ATOM   87   P P     . C   A 1 6  ? 5.419   2.198   -11.907 1.00 32.43 ? 6   C   A P     1 
ATOM   88   O OP1   . C   A 1 6  ? 5.096   0.750   -11.969 1.00 33.08 ? 6   C   A OP1   1 
ATOM   89   O OP2   . C   A 1 6  ? 4.400   3.156   -11.416 1.00 31.74 ? 6   C   A OP2   1 
ATOM   90   O "O5'" . C   A 1 6  ? 6.741   2.419   -11.038 1.00 30.48 ? 6   C   A "O5'" 1 
ATOM   91   C "C5'" . C   A 1 6  ? 7.961   1.779   -11.390 1.00 27.35 ? 6   C   A "C5'" 1 
ATOM   92   C "C4'" . C   A 1 6  ? 9.108   2.271   -10.526 1.00 27.63 ? 6   C   A "C4'" 1 
ATOM   93   O "O4'" . C   A 1 6  ? 9.366   3.683   -10.751 1.00 28.04 ? 6   C   A "O4'" 1 
ATOM   94   C "C3'" . C   A 1 6  ? 8.966   2.243   -9.017  1.00 27.77 ? 6   C   A "C3'" 1 
ATOM   95   O "O3'" . C   A 1 6  ? 9.060   0.946   -8.458  1.00 28.90 ? 6   C   A "O3'" 1 
ATOM   96   C "C2'" . C   A 1 6  ? 10.162  3.088   -8.603  1.00 27.08 ? 6   C   A "C2'" 1 
ATOM   97   O "O2'" . C   A 1 6  ? 11.394  2.413   -8.752  1.00 25.98 ? 6   C   A "O2'" 1 
ATOM   98   C "C1'" . C   A 1 6  ? 10.098  4.198   -9.643  1.00 27.60 ? 6   C   A "C1'" 1 
ATOM   99   N N1    . C   A 1 6  ? 9.410   5.368   -9.091  1.00 26.80 ? 6   C   A N1    1 
ATOM   100  C C2    . C   A 1 6  ? 10.126  6.207   -8.225  1.00 27.59 ? 6   C   A C2    1 
ATOM   101  O O2    . C   A 1 6  ? 11.314  5.924   -7.947  1.00 24.45 ? 6   C   A O2    1 
ATOM   102  N N3    . C   A 1 6  ? 9.517   7.299   -7.712  1.00 27.68 ? 6   C   A N3    1 
ATOM   103  C C4    . C   A 1 6  ? 8.250   7.568   -8.027  1.00 28.22 ? 6   C   A C4    1 
ATOM   104  N N4    . C   A 1 6  ? 7.697   8.665   -7.492  1.00 30.23 ? 6   C   A N4    1 
ATOM   105  C C5    . C   A 1 6  ? 7.493   6.727   -8.900  1.00 27.71 ? 6   C   A C5    1 
ATOM   106  C C6    . C   A 1 6  ? 8.108   5.646   -9.405  1.00 27.44 ? 6   C   A C6    1 
ATOM   107  P P     . A   A 1 7  ? 8.392   0.662   -7.022  1.00 27.83 ? 7   A   A P     1 
ATOM   108  O OP1   . A   A 1 7  ? 8.468   -0.804  -6.789  1.00 31.03 ? 7   A   A OP1   1 
ATOM   109  O OP2   . A   A 1 7  ? 7.080   1.344   -6.974  1.00 28.87 ? 7   A   A OP2   1 
ATOM   110  O "O5'" . A   A 1 7  ? 9.349   1.411   -5.996  1.00 26.75 ? 7   A   A "O5'" 1 
ATOM   111  C "C5'" . A   A 1 7  ? 10.733  1.100   -5.937  1.00 25.09 ? 7   A   A "C5'" 1 
ATOM   112  C "C4'" . A   A 1 7  ? 11.428  2.031   -4.982  1.00 25.12 ? 7   A   A "C4'" 1 
ATOM   113  O "O4'" . A   A 1 7  ? 11.373  3.389   -5.492  1.00 24.98 ? 7   A   A "O4'" 1 
ATOM   114  C "C3'" . A   A 1 7  ? 10.788  2.161   -3.616  1.00 27.09 ? 7   A   A "C3'" 1 
ATOM   115  O "O3'" . A   A 1 7  ? 11.125  1.068   -2.778  1.00 29.31 ? 7   A   A "O3'" 1 
ATOM   116  C "C2'" . A   A 1 7  ? 11.393  3.468   -3.122  1.00 25.30 ? 7   A   A "C2'" 1 
ATOM   117  O "O2'" . A   A 1 7  ? 12.716  3.327   -2.677  1.00 24.39 ? 7   A   A "O2'" 1 
ATOM   118  C "C1'" . A   A 1 7  ? 11.392  4.301   -4.403  1.00 25.71 ? 7   A   A "C1'" 1 
ATOM   119  N N9    . A   A 1 7  ? 10.207  5.149   -4.485  1.00 25.20 ? 7   A   A N9    1 
ATOM   120  C C8    . A   A 1 7  ? 9.062   4.924   -5.207  1.00 24.36 ? 7   A   A C8    1 
ATOM   121  N N7    . A   A 1 7  ? 8.160   5.864   -5.069  1.00 27.07 ? 7   A   A N7    1 
ATOM   122  C C5    . A   A 1 7  ? 8.756   6.774   -4.203  1.00 25.74 ? 7   A   A C5    1 
ATOM   123  C C6    . A   A 1 7  ? 8.315   7.989   -3.666  1.00 25.38 ? 7   A   A C6    1 
ATOM   124  N N6    . A   A 1 7  ? 7.128   8.527   -3.946  1.00 25.47 ? 7   A   A N6    1 
ATOM   125  N N1    . A   A 1 7  ? 9.144   8.643   -2.819  1.00 26.20 ? 7   A   A N1    1 
ATOM   126  C C2    . A   A 1 7  ? 10.339  8.101   -2.548  1.00 25.11 ? 7   A   A C2    1 
ATOM   127  N N3    . A   A 1 7  ? 10.870  6.969   -3.003  1.00 27.28 ? 7   A   A N3    1 
ATOM   128  C C4    . A   A 1 7  ? 10.015  6.343   -3.833  1.00 25.34 ? 7   A   A C4    1 
ATOM   129  P P     . C   A 1 8  ? 10.066  0.546   -1.692  1.00 30.07 ? 8   C   A P     1 
ATOM   130  O OP1   . C   A 1 8  ? 10.650  -0.697  -1.109  1.00 32.20 ? 8   C   A OP1   1 
ATOM   131  O OP2   . C   A 1 8  ? 8.725   0.503   -2.322  1.00 30.93 ? 8   C   A OP2   1 
ATOM   132  O "O5'" . C   A 1 8  ? 10.057  1.684   -0.585  1.00 27.27 ? 8   C   A "O5'" 1 
ATOM   133  C "C5'" . C   A 1 8  ? 11.239  1.994   0.130   1.00 26.90 ? 8   C   A "C5'" 1 
ATOM   134  C "C4'" . C   A 1 8  ? 11.011  3.187   1.012   1.00 26.28 ? 8   C   A "C4'" 1 
ATOM   135  O "O4'" . C   A 1 8  ? 10.836  4.371   0.189   1.00 26.38 ? 8   C   A "O4'" 1 
ATOM   136  C "C3'" . C   A 1 8  ? 9.737   3.148   1.837   1.00 27.43 ? 8   C   A "C3'" 1 
ATOM   137  O "O3'" . C   A 1 8  ? 9.857   2.335   3.000   1.00 28.57 ? 8   C   A "O3'" 1 
ATOM   138  C "C2'" . C   A 1 8  ? 9.558   4.622   2.170   1.00 26.33 ? 8   C   A "C2'" 1 
ATOM   139  O "O2'" . C   A 1 8  ? 10.419  5.073   3.195   1.00 25.86 ? 8   C   A "O2'" 1 
ATOM   140  C "C1'" . C   A 1 8  ? 9.960   5.271   0.846   1.00 24.45 ? 8   C   A "C1'" 1 
ATOM   141  N N1    . C   A 1 8  ? 8.795   5.494   -0.013  1.00 22.43 ? 8   C   A N1    1 
ATOM   142  C C2    . C   A 1 8  ? 7.993   6.598   0.236   1.00 23.28 ? 8   C   A C2    1 
ATOM   143  O O2    . C   A 1 8  ? 8.285   7.347   1.182   1.00 24.29 ? 8   C   A O2    1 
ATOM   144  N N3    . C   A 1 8  ? 6.915   6.823   -0.546  1.00 24.06 ? 8   C   A N3    1 
ATOM   145  C C4    . C   A 1 8  ? 6.624   5.982   -1.531  1.00 22.95 ? 8   C   A C4    1 
ATOM   146  N N4    . C   A 1 8  ? 5.547   6.235   -2.265  1.00 22.53 ? 8   C   A N4    1 
ATOM   147  C C5    . C   A 1 8  ? 7.426   4.839   -1.805  1.00 23.54 ? 8   C   A C5    1 
ATOM   148  C C6    . C   A 1 8  ? 8.496   4.640   -1.031  1.00 22.15 ? 8   C   A C6    1 
ATOM   149  P P     . A   A 1 9  ? 8.592   1.469   3.508   1.00 29.54 ? 9   A   A P     1 
ATOM   150  O OP1   . A   A 1 9  ? 9.084   0.589   4.602   1.00 30.13 ? 9   A   A OP1   1 
ATOM   151  O OP2   . A   A 1 9  ? 7.905   0.869   2.335   1.00 28.88 ? 9   A   A OP2   1 
ATOM   152  O "O5'" . A   A 1 9  ? 7.631   2.556   4.164   1.00 28.28 ? 9   A   A "O5'" 1 
ATOM   153  C "C5'" . A   A 1 9  ? 8.108   3.400   5.206   1.00 25.71 ? 9   A   A "C5'" 1 
ATOM   154  C "C4'" . A   A 1 9  ? 7.116   4.503   5.486   1.00 27.00 ? 9   A   A "C4'" 1 
ATOM   155  O "O4'" . A   A 1 9  ? 7.113   5.469   4.397   1.00 27.86 ? 9   A   A "O4'" 1 
ATOM   156  C "C3'" . A   A 1 9  ? 5.660   4.080   5.564   1.00 26.54 ? 9   A   A "C3'" 1 
ATOM   157  O "O3'" . A   A 1 9  ? 5.327   3.490   6.811   1.00 27.70 ? 9   A   A "O3'" 1 
ATOM   158  C "C2'" . A   A 1 9  ? 4.963   5.415   5.384   1.00 25.58 ? 9   A   A "C2'" 1 
ATOM   159  O "O2'" . A   A 1 9  ? 5.080   6.204   6.545   1.00 24.85 ? 9   A   A "O2'" 1 
ATOM   160  C "C1'" . A   A 1 9  ? 5.815   6.036   4.278   1.00 25.09 ? 9   A   A "C1'" 1 
ATOM   161  N N9    . A   A 1 9  ? 5.281   5.725   2.954   1.00 23.42 ? 9   A   A N9    1 
ATOM   162  C C8    . A   A 1 9  ? 5.674   4.748   2.073   1.00 23.21 ? 9   A   A C8    1 
ATOM   163  N N7    . A   A 1 9  ? 4.974   4.732   0.958   1.00 23.34 ? 9   A   A N7    1 
ATOM   164  C C5    . A   A 1 9  ? 4.064   5.765   1.119   1.00 19.53 ? 9   A   A C5    1 
ATOM   165  C C6    . A   A 1 9  ? 3.049   6.273   0.288   1.00 21.12 ? 9   A   A C6    1 
ATOM   166  N N6    . A   A 1 9  ? 2.774   5.792   -0.927  1.00 16.58 ? 9   A   A N6    1 
ATOM   167  N N1    . A   A 1 9  ? 2.319   7.311   0.750   1.00 18.66 ? 9   A   A N1    1 
ATOM   168  C C2    . A   A 1 9  ? 2.605   7.806   1.955   1.00 20.36 ? 9   A   A C2    1 
ATOM   169  N N3    . A   A 1 9  ? 3.539   7.426   2.825   1.00 21.35 ? 9   A   A N3    1 
ATOM   170  C C4    . A   A 1 9  ? 4.240   6.386   2.341   1.00 21.85 ? 9   A   A C4    1 
ATOM   171  P P     . C   A 1 10 ? 4.140   2.416   6.873   1.00 26.03 ? 10  C   A P     1 
ATOM   172  O OP1   . C   A 1 10 ? 4.168   1.811   8.225   1.00 31.49 ? 10  C   A OP1   1 
ATOM   173  O OP2   . C   A 1 10 ? 4.215   1.546   5.675   1.00 26.17 ? 10  C   A OP2   1 
ATOM   174  O "O5'" . C   A 1 10 ? 2.818   3.296   6.731   1.00 26.91 ? 10  C   A "O5'" 1 
ATOM   175  C "C5'" . C   A 1 10 ? 2.549   4.363   7.632   1.00 25.52 ? 10  C   A "C5'" 1 
ATOM   176  C "C4'" . C   A 1 10 ? 1.466   5.264   7.074   1.00 24.36 ? 10  C   A "C4'" 1 
ATOM   177  O "O4'" . C   A 1 10 ? 1.904   5.783   5.788   1.00 22.97 ? 10  C   A "O4'" 1 
ATOM   178  C "C3'" . C   A 1 10 ? 0.118   4.634   6.749   1.00 24.06 ? 10  C   A "C3'" 1 
ATOM   179  O "O3'" . C   A 1 10 ? -0.711  4.491   7.902   1.00 24.38 ? 10  C   A "O3'" 1 
ATOM   180  C "C2'" . C   A 1 10 ? -0.461  5.662   5.784   1.00 23.43 ? 10  C   A "C2'" 1 
ATOM   181  O "O2'" . C   A 1 10 ? -0.896  6.828   6.456   1.00 22.56 ? 10  C   A "O2'" 1 
ATOM   182  C "C1'" . C   A 1 10 ? 0.777   6.023   4.966   1.00 22.62 ? 10  C   A "C1'" 1 
ATOM   183  N N1    . C   A 1 10 ? 0.900   5.214   3.752   1.00 24.33 ? 10  C   A N1    1 
ATOM   184  C C2    . C   A 1 10 ? 0.152   5.577   2.631   1.00 25.28 ? 10  C   A C2    1 
ATOM   185  O O2    . C   A 1 10 ? -0.582  6.577   2.700   1.00 27.85 ? 10  C   A O2    1 
ATOM   186  N N3    . C   A 1 10 ? 0.243   4.840   1.508   1.00 24.73 ? 10  C   A N3    1 
ATOM   187  C C4    . C   A 1 10 ? 1.045   3.774   1.475   1.00 25.20 ? 10  C   A C4    1 
ATOM   188  N N4    . C   A 1 10 ? 1.112   3.076   0.335   1.00 22.72 ? 10  C   A N4    1 
ATOM   189  C C5    . C   A 1 10 ? 1.815   3.375   2.605   1.00 25.56 ? 10  C   A C5    1 
ATOM   190  C C6    . C   A 1 10 ? 1.717   4.121   3.713   1.00 25.04 ? 10  C   A C6    1 
ATOM   191  P P     . C   A 1 11 ? -1.959  3.470   7.874   1.00 24.80 ? 11  C   A P     1 
ATOM   192  O OP1   . C   A 1 11 ? -2.526  3.472   9.249   1.00 24.73 ? 11  C   A OP1   1 
ATOM   193  O OP2   . C   A 1 11 ? -1.514  2.199   7.259   1.00 25.24 ? 11  C   A OP2   1 
ATOM   194  O "O5'" . C   A 1 11 ? -3.026  4.141   6.901   1.00 25.24 ? 11  C   A "O5'" 1 
ATOM   195  C "C5'" . C   A 1 11 ? -3.786  5.265   7.336   1.00 22.33 ? 11  C   A "C5'" 1 
ATOM   196  C "C4'" . C   A 1 11 ? -4.755  5.700   6.259   1.00 24.38 ? 11  C   A "C4'" 1 
ATOM   197  O "O4'" . C   A 1 11 ? -4.021  6.034   5.047   1.00 23.78 ? 11  C   A "O4'" 1 
ATOM   198  C "C3'" . C   A 1 11 ? -5.747  4.664   5.764   1.00 24.64 ? 11  C   A "C3'" 1 
ATOM   199  O "O3'" . C   A 1 11 ? -6.840  4.500   6.654   1.00 27.77 ? 11  C   A "O3'" 1 
ATOM   200  C "C2'" . C   A 1 11 ? -6.174  5.279   4.440   1.00 23.85 ? 11  C   A "C2'" 1 
ATOM   201  O "O2'" . C   A 1 11 ? -6.987  6.425   4.615   1.00 23.87 ? 11  C   A "O2'" 1 
ATOM   202  C "C1'" . C   A 1 11 ? -4.826  5.749   3.911   1.00 22.33 ? 11  C   A "C1'" 1 
ATOM   203  N N1    . C   A 1 11 ? -4.148  4.729   3.119   1.00 22.96 ? 11  C   A N1    1 
ATOM   204  C C2    . C   A 1 11 ? -4.532  4.543   1.795   1.00 25.15 ? 11  C   A C2    1 
ATOM   205  O O2    . C   A 1 11 ? -5.519  5.161   1.366   1.00 25.29 ? 11  C   A O2    1 
ATOM   206  N N3    . C   A 1 11 ? -3.832  3.684   1.020   1.00 24.03 ? 11  C   A N3    1 
ATOM   207  C C4    . C   A 1 11 ? -2.801  3.011   1.536   1.00 25.24 ? 11  C   A C4    1 
ATOM   208  N N4    . C   A 1 11 ? -2.097  2.223   0.722   1.00 23.54 ? 11  C   A N4    1 
ATOM   209  C C5    . C   A 1 11 ? -2.437  3.126   2.906   1.00 23.94 ? 11  C   A C5    1 
ATOM   210  C C6    . C   A 1 11 ? -3.130  3.989   3.654   1.00 25.73 ? 11  C   A C6    1 
ATOM   211  P P     . G   A 1 12 ? -7.603  3.088   6.718   1.00 27.38 ? 12  G   A P     1 
ATOM   212  O OP1   . G   A 1 12 ? -8.535  3.157   7.867   1.00 27.20 ? 12  G   A OP1   1 
ATOM   213  O OP2   . G   A 1 12 ? -6.589  2.012   6.657   1.00 29.38 ? 12  G   A OP2   1 
ATOM   214  O "O5'" . G   A 1 12 ? -8.439  3.024   5.367   1.00 27.02 ? 12  G   A "O5'" 1 
ATOM   215  C "C5'" . G   A 1 12 ? -9.397  4.034   5.065   1.00 30.44 ? 12  G   A "C5'" 1 
ATOM   216  C "C4'" . G   A 1 12 ? -9.956  3.838   3.673   1.00 30.87 ? 12  G   A "C4'" 1 
ATOM   217  O "O4'" . G   A 1 12 ? -8.932  4.105   2.683   1.00 31.04 ? 12  G   A "O4'" 1 
ATOM   218  C "C3'" . G   A 1 12 ? -10.441 2.438   3.349   1.00 31.51 ? 12  G   A "C3'" 1 
ATOM   219  O "O3'" . G   A 1 12 ? -11.766 2.252   3.848   1.00 34.29 ? 12  G   A "O3'" 1 
ATOM   220  C "C2'" . G   A 1 12 ? -10.364 2.424   1.825   1.00 31.22 ? 12  G   A "C2'" 1 
ATOM   221  O "O2'" . G   A 1 12 ? -11.444 3.109   1.220   1.00 32.99 ? 12  G   A "O2'" 1 
ATOM   222  C "C1'" . G   A 1 12 ? -9.085  3.225   1.580   1.00 28.85 ? 12  G   A "C1'" 1 
ATOM   223  N N9    . G   A 1 12 ? -7.869  2.423   1.490   1.00 27.36 ? 12  G   A N9    1 
ATOM   224  C C8    . G   A 1 12 ? -6.967  2.202   2.504   1.00 26.42 ? 12  G   A C8    1 
ATOM   225  N N7    . G   A 1 12 ? -5.949  1.477   2.134   1.00 27.90 ? 12  G   A N7    1 
ATOM   226  C C5    . G   A 1 12 ? -6.195  1.194   0.796   1.00 26.87 ? 12  G   A C5    1 
ATOM   227  C C6    . G   A 1 12 ? -5.433  0.445   -0.138  1.00 27.66 ? 12  G   A C6    1 
ATOM   228  O O6    . G   A 1 12 ? -4.347  -0.126  0.033   1.00 28.34 ? 12  G   A O6    1 
ATOM   229  N N1    . G   A 1 12 ? -6.050  0.399   -1.381  1.00 27.73 ? 12  G   A N1    1 
ATOM   230  C C2    . G   A 1 12 ? -7.244  1.006   -1.693  1.00 27.29 ? 12  G   A C2    1 
ATOM   231  N N2    . G   A 1 12 ? -7.673  0.851   -2.954  1.00 26.06 ? 12  G   A N2    1 
ATOM   232  N N3    . G   A 1 12 ? -7.960  1.711   -0.833  1.00 25.31 ? 12  G   A N3    1 
ATOM   233  C C4    . G   A 1 12 ? -7.382  1.763   0.384   1.00 25.71 ? 12  G   A C4    1 
ATOM   234  P P     . G   A 1 13 ? -12.399 0.769   3.926   1.00 34.17 ? 13  G   A P     1 
ATOM   235  O OP1   . G   A 1 13 ? -13.776 0.921   4.466   1.00 33.54 ? 13  G   A OP1   1 
ATOM   236  O OP2   . G   A 1 13 ? -11.453 -0.166  4.582   1.00 29.18 ? 13  G   A OP2   1 
ATOM   237  O "O5'" . G   A 1 13 ? -12.493 0.343   2.403   1.00 30.09 ? 13  G   A "O5'" 1 
ATOM   238  C "C5'" . G   A 1 13 ? -12.350 -1.006  2.021   1.00 31.02 ? 13  G   A "C5'" 1 
ATOM   239  C "C4'" . G   A 1 13 ? -12.110 -1.094  0.539   1.00 31.23 ? 13  G   A "C4'" 1 
ATOM   240  O "O4'" . G   A 1 13 ? -10.888 -0.394  0.193   1.00 29.87 ? 13  G   A "O4'" 1 
ATOM   241  C "C3'" . G   A 1 13 ? -11.898 -2.512  0.053   1.00 31.69 ? 13  G   A "C3'" 1 
ATOM   242  O "O3'" . G   A 1 13 ? -13.160 -3.093  -0.212  1.00 33.37 ? 13  G   A "O3'" 1 
ATOM   243  C "C2'" . G   A 1 13 ? -11.056 -2.316  -1.199  1.00 29.51 ? 13  G   A "C2'" 1 
ATOM   244  O "O2'" . G   A 1 13 ? -11.816 -1.989  -2.339  1.00 28.38 ? 13  G   A "O2'" 1 
ATOM   245  C "C1'" . G   A 1 13 ? -10.176 -1.135  -0.782  1.00 28.41 ? 13  G   A "C1'" 1 
ATOM   246  N N9    . G   A 1 13 ? -8.925  -1.574  -0.177  1.00 26.81 ? 13  G   A N9    1 
ATOM   247  C C8    . G   A 1 13 ? -8.534  -1.424  1.131   1.00 26.60 ? 13  G   A C8    1 
ATOM   248  N N7    . G   A 1 13 ? -7.345  -1.909  1.365   1.00 27.97 ? 13  G   A N7    1 
ATOM   249  C C5    . G   A 1 13 ? -6.931  -2.410  0.138   1.00 25.97 ? 13  G   A C5    1 
ATOM   250  C C6    . G   A 1 13 ? -5.714  -3.037  -0.240  1.00 27.16 ? 13  G   A C6    1 
ATOM   251  O O6    . G   A 1 13 ? -4.716  -3.268  0.454   1.00 27.72 ? 13  G   A O6    1 
ATOM   252  N N1    . G   A 1 13 ? -5.721  -3.392  -1.585  1.00 26.15 ? 13  G   A N1    1 
ATOM   253  C C2    . G   A 1 13 ? -6.754  -3.159  -2.456  1.00 25.79 ? 13  G   A C2    1 
ATOM   254  N N2    . G   A 1 13 ? -6.578  -3.574  -3.723  1.00 26.96 ? 13  G   A N2    1 
ATOM   255  N N3    . G   A 1 13 ? -7.881  -2.564  -2.116  1.00 25.02 ? 13  G   A N3    1 
ATOM   256  C C4    . G   A 1 13 ? -7.899  -2.220  -0.818  1.00 25.78 ? 13  G   A C4    1 
ATOM   257  P P     . U   A 1 14 ? -13.492 -4.537  0.378   1.00 34.29 ? 14  U   A P     1 
ATOM   258  O OP1   . U   A 1 14 ? -14.960 -4.746  0.256   1.00 34.46 ? 14  U   A OP1   1 
ATOM   259  O OP2   . U   A 1 14 ? -12.840 -4.638  1.704   1.00 34.46 ? 14  U   A OP2   1 
ATOM   260  O "O5'" . U   A 1 14 ? -12.765 -5.501  -0.655  1.00 33.73 ? 14  U   A "O5'" 1 
ATOM   261  C "C5'" . U   A 1 14 ? -13.161 -5.490  -2.020  1.00 32.20 ? 14  U   A "C5'" 1 
ATOM   262  C "C4'" . U   A 1 14 ? -12.091 -6.096  -2.889  1.00 31.69 ? 14  U   A "C4'" 1 
ATOM   263  O "O4'" . U   A 1 14 ? -10.894 -5.282  -2.831  1.00 29.86 ? 14  U   A "O4'" 1 
ATOM   264  C "C3'" . U   A 1 14 ? -11.593 -7.471  -2.489  1.00 30.41 ? 14  U   A "C3'" 1 
ATOM   265  O "O3'" . U   A 1 14 ? -12.478 -8.502  -2.917  1.00 33.20 ? 14  U   A "O3'" 1 
ATOM   266  C "C2'" . U   A 1 14 ? -10.275 -7.528  -3.238  1.00 29.71 ? 14  U   A "C2'" 1 
ATOM   267  O "O2'" . U   A 1 14 ? -10.464 -7.777  -4.614  1.00 28.87 ? 14  U   A "O2'" 1 
ATOM   268  C "C1'" . U   A 1 14 ? -9.757  -6.104  -3.027  1.00 28.65 ? 14  U   A "C1'" 1 
ATOM   269  N N1    . U   A 1 14 ? -8.924  -6.015  -1.825  1.00 28.78 ? 14  U   A N1    1 
ATOM   270  C C2    . U   A 1 14 ? -7.617  -6.409  -1.933  1.00 27.50 ? 14  U   A C2    1 
ATOM   271  O O2    . U   A 1 14 ? -7.137  -6.819  -2.974  1.00 29.64 ? 14  U   A O2    1 
ATOM   272  N N3    . U   A 1 14 ? -6.888  -6.307  -0.781  1.00 26.96 ? 14  U   A N3    1 
ATOM   273  C C4    . U   A 1 14 ? -7.333  -5.864  0.441   1.00 27.30 ? 14  U   A C4    1 
ATOM   274  O O4    . U   A 1 14 ? -6.542  -5.792  1.382   1.00 29.40 ? 14  U   A O4    1 
ATOM   275  C C5    . U   A 1 14 ? -8.701  -5.482  0.471   1.00 26.58 ? 14  U   A C5    1 
ATOM   276  C C6    . U   A 1 14 ? -9.432  -5.565  -0.638  1.00 26.72 ? 14  U   A C6    1 
ATOM   277  P P     . G   A 1 15 ? -12.453 -9.925  -2.169  1.00 30.46 ? 15  G   A P     1 
ATOM   278  O OP1   . G   A 1 15 ? -13.556 -10.720 -2.748  1.00 31.21 ? 15  G   A OP1   1 
ATOM   279  O OP2   . G   A 1 15 ? -12.403 -9.701  -0.709  1.00 28.21 ? 15  G   A OP2   1 
ATOM   280  O "O5'" . G   A 1 15 ? -11.048 -10.548 -2.592  1.00 32.88 ? 15  G   A "O5'" 1 
ATOM   281  C "C5'" . G   A 1 15 ? -10.780 -10.922 -3.938  1.00 31.35 ? 15  G   A "C5'" 1 
ATOM   282  C "C4'" . G   A 1 15 ? -9.394  -11.523 -4.047  1.00 32.56 ? 15  G   A "C4'" 1 
ATOM   283  O "O4'" . G   A 1 15 ? -8.392  -10.500 -3.786  1.00 31.92 ? 15  G   A "O4'" 1 
ATOM   284  C "C3'" . G   A 1 15 ? -9.047  -12.613 -3.041  1.00 32.27 ? 15  G   A "C3'" 1 
ATOM   285  O "O3'" . G   A 1 15 ? -9.583  -13.876 -3.432  1.00 35.09 ? 15  G   A "O3'" 1 
ATOM   286  C "C2'" . G   A 1 15 ? -7.522  -12.596 -3.099  1.00 31.23 ? 15  G   A "C2'" 1 
ATOM   287  O "O2'" . G   A 1 15 ? -7.036  -13.232 -4.267  1.00 30.19 ? 15  G   A "O2'" 1 
ATOM   288  C "C1'" . G   A 1 15 ? -7.242  -11.093 -3.194  1.00 29.40 ? 15  G   A "C1'" 1 
ATOM   289  N N9    . G   A 1 15 ? -7.027  -10.471 -1.889  1.00 26.41 ? 15  G   A N9    1 
ATOM   290  C C8    . G   A 1 15 ? -7.967  -9.837  -1.115  1.00 25.43 ? 15  G   A C8    1 
ATOM   291  N N7    . G   A 1 15 ? -7.494  -9.420  0.029   1.00 27.66 ? 15  G   A N7    1 
ATOM   292  C C5    . G   A 1 15 ? -6.155  -9.792  0.004   1.00 26.35 ? 15  G   A C5    1 
ATOM   293  C C6    . G   A 1 15 ? -5.126  -9.617  0.976   1.00 25.86 ? 15  G   A C6    1 
ATOM   294  O O6    . G   A 1 15 ? -5.191  -9.082  2.091   1.00 27.00 ? 15  G   A O6    1 
ATOM   295  N N1    . G   A 1 15 ? -3.920  -10.145 0.540   1.00 25.50 ? 15  G   A N1    1 
ATOM   296  C C2    . G   A 1 15 ? -3.719  -10.761 -0.665  1.00 26.52 ? 15  G   A C2    1 
ATOM   297  N N2    . G   A 1 15 ? -2.478  -11.214 -0.886  1.00 29.89 ? 15  G   A N2    1 
ATOM   298  N N3    . G   A 1 15 ? -4.658  -10.926 -1.582  1.00 27.83 ? 15  G   A N3    1 
ATOM   299  C C4    . G   A 1 15 ? -5.847  -10.426 -1.180  1.00 26.72 ? 15  G   A C4    1 
ATOM   300  P P     . A   A 1 16 ? -10.454 -14.738 -2.379  1.00 35.63 ? 16  A   A P     1 
ATOM   301  O OP1   . A   A 1 16 ? -11.474 -15.443 -3.181  1.00 32.38 ? 16  A   A OP1   1 
ATOM   302  O OP2   . A   A 1 16 ? -10.879 -13.889 -1.246  1.00 37.17 ? 16  A   A OP2   1 
ATOM   303  O "O5'" . A   A 1 16 ? -9.409  -15.777 -1.773  1.00 39.12 ? 16  A   A "O5'" 1 
ATOM   304  C "C5'" . A   A 1 16 ? -9.310  -17.096 -2.287  1.00 39.29 ? 16  A   A "C5'" 1 
ATOM   305  C "C4'" . A   A 1 16 ? -9.648  -18.106 -1.213  1.00 38.79 ? 16  A   A "C4'" 1 
ATOM   306  O "O4'" . A   A 1 16 ? -9.962  -19.363 -1.861  1.00 40.00 ? 16  A   A "O4'" 1 
ATOM   307  C "C3'" . A   A 1 16 ? -8.563  -18.440 -0.196  1.00 38.47 ? 16  A   A "C3'" 1 
ATOM   308  O "O3'" . A   A 1 16 ? -8.601  -17.579 0.944   1.00 34.84 ? 16  A   A "O3'" 1 
ATOM   309  C "C2'" . A   A 1 16 ? -8.945  -19.850 0.230   1.00 40.11 ? 16  A   A "C2'" 1 
ATOM   310  O "O2'" . A   A 1 16 ? -9.965  -19.821 1.205   1.00 41.28 ? 16  A   A "O2'" 1 
ATOM   311  C "C1'" . A   A 1 16 ? -9.499  -20.435 -1.072  1.00 41.52 ? 16  A   A "C1'" 1 
ATOM   312  N N9    . A   A 1 16 ? -8.538  -21.194 -1.869  1.00 43.16 ? 16  A   A N9    1 
ATOM   313  C C8    . A   A 1 16 ? -7.860  -20.768 -2.984  1.00 44.19 ? 16  A   A C8    1 
ATOM   314  N N7    . A   A 1 16 ? -7.080  -21.679 -3.510  1.00 44.71 ? 16  A   A N7    1 
ATOM   315  C C5    . A   A 1 16 ? -7.249  -22.780 -2.681  1.00 45.76 ? 16  A   A C5    1 
ATOM   316  C C6    . A   A 1 16 ? -6.687  -24.075 -2.694  1.00 46.26 ? 16  A   A C6    1 
ATOM   317  N N6    . A   A 1 16 ? -5.807  -24.498 -3.613  1.00 45.20 ? 16  A   A N6    1 
ATOM   318  N N1    . A   A 1 16 ? -7.062  -24.928 -1.717  1.00 46.26 ? 16  A   A N1    1 
ATOM   319  C C2    . A   A 1 16 ? -7.939  -24.505 -0.796  1.00 44.61 ? 16  A   A C2    1 
ATOM   320  N N3    . A   A 1 16 ? -8.532  -23.319 -0.678  1.00 44.24 ? 16  A   A N3    1 
ATOM   321  C C4    . A   A 1 16 ? -8.140  -22.493 -1.662  1.00 44.56 ? 16  A   A C4    1 
ATOM   322  P P     . A   A 1 17 ? -7.321  -17.487 1.916   1.00 34.92 ? 17  A   A P     1 
ATOM   323  O OP1   . A   A 1 17 ? -7.672  -16.648 3.085   1.00 36.25 ? 17  A   A OP1   1 
ATOM   324  O OP2   . A   A 1 17 ? -6.142  -17.119 1.090   1.00 36.54 ? 17  A   A OP2   1 
ATOM   325  O "O5'" . A   A 1 17 ? -7.087  -18.988 2.415   1.00 38.30 ? 17  A   A "O5'" 1 
ATOM   326  C "C5'" . A   A 1 17 ? -7.832  -19.547 3.506   1.00 38.52 ? 17  A   A "C5'" 1 
ATOM   327  C "C4'" . A   A 1 17 ? -7.323  -20.942 3.840   1.00 37.15 ? 17  A   A "C4'" 1 
ATOM   328  O "O4'" . A   A 1 17 ? -7.525  -21.818 2.698   1.00 37.33 ? 17  A   A "O4'" 1 
ATOM   329  C "C3'" . A   A 1 17 ? -5.835  -21.055 4.123   1.00 37.02 ? 17  A   A "C3'" 1 
ATOM   330  O "O3'" . A   A 1 17 ? -5.535  -20.707 5.466   1.00 37.28 ? 17  A   A "O3'" 1 
ATOM   331  C "C2'" . A   A 1 17 ? -5.566  -22.526 3.834   1.00 38.61 ? 17  A   A "C2'" 1 
ATOM   332  O "O2'" . A   A 1 17 ? -5.955  -23.388 4.888   1.00 38.44 ? 17  A   A "O2'" 1 
ATOM   333  C "C1'" . A   A 1 17 ? -6.464  -22.757 2.617   1.00 37.98 ? 17  A   A "C1'" 1 
ATOM   334  N N9    . A   A 1 17 ? -5.750  -22.530 1.363   1.00 39.95 ? 17  A   A N9    1 
ATOM   335  C C8    . A   A 1 17 ? -5.722  -21.385 0.610   1.00 40.26 ? 17  A   A C8    1 
ATOM   336  N N7    . A   A 1 17 ? -4.969  -21.472 -0.457  1.00 40.88 ? 17  A   A N7    1 
ATOM   337  C C5    . A   A 1 17 ? -4.474  -22.766 -0.410  1.00 41.29 ? 17  A   A C5    1 
ATOM   338  C C6    . A   A 1 17 ? -3.620  -23.481 -1.263  1.00 41.61 ? 17  A   A C6    1 
ATOM   339  N N6    . A   A 1 17 ? -3.087  -22.973 -2.377  1.00 40.59 ? 17  A   A N6    1 
ATOM   340  N N1    . A   A 1 17 ? -3.328  -24.755 -0.930  1.00 43.60 ? 17  A   A N1    1 
ATOM   341  C C2    . A   A 1 17 ? -3.862  -25.265 0.188   1.00 42.80 ? 17  A   A C2    1 
ATOM   342  N N3    . A   A 1 17 ? -4.677  -24.693 1.067   1.00 41.91 ? 17  A   A N3    1 
ATOM   343  C C4    . A   A 1 17 ? -4.949  -23.430 0.705   1.00 41.12 ? 17  A   A C4    1 
ATOM   344  P P     . G   A 1 18 ? -4.851  -19.289 5.776   1.00 38.13 ? 18  G   A P     1 
ATOM   345  O OP1   . G   A 1 18 ? -5.884  -18.426 6.407   1.00 35.46 ? 18  G   A OP1   1 
ATOM   346  O OP2   . G   A 1 18 ? -4.173  -18.841 4.535   1.00 39.66 ? 18  G   A OP2   1 
ATOM   347  O "O5'" . G   A 1 18 ? -3.726  -19.603 6.857   1.00 36.87 ? 18  G   A "O5'" 1 
ATOM   348  C "C5'" . G   A 1 18 ? -2.521  -20.271 6.496   1.00 36.34 ? 18  G   A "C5'" 1 
ATOM   349  C "C4'" . G   A 1 18 ? -1.336  -19.549 7.097   1.00 36.62 ? 18  G   A "C4'" 1 
ATOM   350  O "O4'" . G   A 1 18 ? -0.986  -18.391 6.290   1.00 36.33 ? 18  G   A "O4'" 1 
ATOM   351  C "C3'" . G   A 1 18 ? -1.589  -18.992 8.486   1.00 37.18 ? 18  G   A "C3'" 1 
ATOM   352  O "O3'" . G   A 1 18 ? -1.396  -19.994 9.479   1.00 38.34 ? 18  G   A "O3'" 1 
ATOM   353  C "C2'" . G   A 1 18 ? -0.584  -17.849 8.561   1.00 36.51 ? 18  G   A "C2'" 1 
ATOM   354  O "O2'" . G   A 1 18 ? 0.730   -18.280 8.837   1.00 36.80 ? 18  G   A "O2'" 1 
ATOM   355  C "C1'" . G   A 1 18 ? -0.655  -17.296 7.135   1.00 35.04 ? 18  G   A "C1'" 1 
ATOM   356  N N9    . G   A 1 18 ? -1.705  -16.295 6.984   1.00 31.79 ? 18  G   A N9    1 
ATOM   357  C C8    . G   A 1 18 ? -2.814  -16.391 6.178   1.00 32.42 ? 18  G   A C8    1 
ATOM   358  N N7    . G   A 1 18 ? -3.621  -15.372 6.290   1.00 33.13 ? 18  G   A N7    1 
ATOM   359  C C5    . G   A 1 18 ? -2.997  -14.546 7.213   1.00 31.15 ? 18  G   A C5    1 
ATOM   360  C C6    . G   A 1 18 ? -3.406  -13.304 7.744   1.00 30.22 ? 18  G   A C6    1 
ATOM   361  O O6    . G   A 1 18 ? -4.439  -12.671 7.505   1.00 31.10 ? 18  G   A O6    1 
ATOM   362  N N1    . G   A 1 18 ? -2.476  -12.804 8.650   1.00 29.48 ? 18  G   A N1    1 
ATOM   363  C C2    . G   A 1 18 ? -1.306  -13.426 9.004   1.00 28.32 ? 18  G   A C2    1 
ATOM   364  N N2    . G   A 1 18 ? -0.544  -12.784 9.890   1.00 27.81 ? 18  G   A N2    1 
ATOM   365  N N3    . G   A 1 18 ? -0.917  -14.593 8.521   1.00 29.81 ? 18  G   A N3    1 
ATOM   366  C C4    . G   A 1 18 ? -1.805  -15.093 7.637   1.00 30.75 ? 18  G   A C4    1 
ATOM   367  P P     . U   A 1 19 ? -2.260  -19.952 10.837  1.00 40.58 ? 19  U   A P     1 
ATOM   368  O OP1   . U   A 1 19 ? -1.937  -21.185 11.601  1.00 40.32 ? 19  U   A OP1   1 
ATOM   369  O OP2   . U   A 1 19 ? -3.678  -19.638 10.521  1.00 38.19 ? 19  U   A OP2   1 
ATOM   370  O "O5'" . U   A 1 19 ? -1.648  -18.708 11.619  1.00 38.86 ? 19  U   A "O5'" 1 
ATOM   371  C "C5'" . U   A 1 19 ? -0.245  -18.607 11.823  1.00 39.01 ? 19  U   A "C5'" 1 
ATOM   372  C "C4'" . U   A 1 19 ? 0.081   -17.313 12.512  1.00 39.03 ? 19  U   A "C4'" 1 
ATOM   373  O "O4'" . U   A 1 19 ? -0.216  -16.211 11.619  1.00 39.20 ? 19  U   A "O4'" 1 
ATOM   374  C "C3'" . U   A 1 19 ? -0.772  -17.024 13.732  1.00 39.93 ? 19  U   A "C3'" 1 
ATOM   375  O "O3'" . U   A 1 19 ? -0.273  -17.686 14.886  1.00 41.76 ? 19  U   A "O3'" 1 
ATOM   376  C "C2'" . U   A 1 19 ? -0.658  -15.512 13.851  1.00 38.28 ? 19  U   A "C2'" 1 
ATOM   377  O "O2'" . U   A 1 19 ? 0.541   -15.094 14.472  1.00 38.67 ? 19  U   A "O2'" 1 
ATOM   378  C "C1'" . U   A 1 19 ? -0.666  -15.101 12.377  1.00 36.88 ? 19  U   A "C1'" 1 
ATOM   379  N N1    . U   A 1 19 ? -2.008  -14.751 11.910  1.00 34.03 ? 19  U   A N1    1 
ATOM   380  C C2    . U   A 1 19 ? -2.543  -13.574 12.376  1.00 33.52 ? 19  U   A C2    1 
ATOM   381  O O2    . U   A 1 19 ? -1.953  -12.856 13.161  1.00 31.12 ? 19  U   A O2    1 
ATOM   382  N N3    . U   A 1 19 ? -3.795  -13.276 11.897  1.00 32.49 ? 19  U   A N3    1 
ATOM   383  C C4    . U   A 1 19 ? -4.548  -14.034 11.021  1.00 33.62 ? 19  U   A C4    1 
ATOM   384  O O4    . U   A 1 19 ? -5.653  -13.627 10.662  1.00 34.53 ? 19  U   A O4    1 
ATOM   385  C C5    . U   A 1 19 ? -3.924  -15.254 10.597  1.00 33.61 ? 19  U   A C5    1 
ATOM   386  C C6    . U   A 1 19 ? -2.703  -15.560 11.045  1.00 33.45 ? 19  U   A C6    1 
ATOM   387  P P     . C   A 1 20 ? -1.289  -18.099 16.055  1.00 41.97 ? 20  C   A P     1 
ATOM   388  O OP1   . C   A 1 20 ? -0.519  -18.935 17.014  1.00 42.66 ? 20  C   A OP1   1 
ATOM   389  O OP2   . C   A 1 20 ? -2.513  -18.646 15.412  1.00 40.00 ? 20  C   A OP2   1 
ATOM   390  O "O5'" . C   A 1 20 ? -1.662  -16.719 16.755  1.00 39.15 ? 20  C   A "O5'" 1 
ATOM   391  C "C5'" . C   A 1 20 ? -0.693  -16.012 17.516  1.00 37.65 ? 20  C   A "C5'" 1 
ATOM   392  C "C4'" . C   A 1 20 ? -1.296  -14.755 18.090  1.00 37.61 ? 20  C   A "C4'" 1 
ATOM   393  O "O4'" . C   A 1 20 ? -1.560  -13.795 17.028  1.00 35.96 ? 20  C   A "O4'" 1 
ATOM   394  C "C3'" . C   A 1 20 ? -2.654  -14.922 18.748  1.00 37.81 ? 20  C   A "C3'" 1 
ATOM   395  O "O3'" . C   A 1 20 ? -2.570  -15.435 20.065  1.00 39.23 ? 20  C   A "O3'" 1 
ATOM   396  C "C2'" . C   A 1 20 ? -3.163  -13.493 18.742  1.00 36.51 ? 20  C   A "C2'" 1 
ATOM   397  O "O2'" . C   A 1 20 ? -2.538  -12.697 19.722  1.00 36.90 ? 20  C   A "O2'" 1 
ATOM   398  C "C1'" . C   A 1 20 ? -2.719  -13.043 17.354  1.00 35.65 ? 20  C   A "C1'" 1 
ATOM   399  N N1    . C   A 1 20 ? -3.763  -13.356 16.376  1.00 35.06 ? 20  C   A N1    1 
ATOM   400  C C2    . C   A 1 20 ? -4.888  -12.534 16.322  1.00 34.85 ? 20  C   A C2    1 
ATOM   401  O O2    . C   A 1 20 ? -4.971  -11.579 17.111  1.00 35.18 ? 20  C   A O2    1 
ATOM   402  N N3    . C   A 1 20 ? -5.857  -12.802 15.423  1.00 35.06 ? 20  C   A N3    1 
ATOM   403  C C4    . C   A 1 20 ? -5.736  -13.850 14.608  1.00 34.93 ? 20  C   A C4    1 
ATOM   404  N N4    . C   A 1 20 ? -6.712  -14.069 13.733  1.00 34.14 ? 20  C   A N4    1 
ATOM   405  C C5    . C   A 1 20 ? -4.604  -14.716 14.654  1.00 35.08 ? 20  C   A C5    1 
ATOM   406  C C6    . C   A 1 20 ? -3.648  -14.431 15.540  1.00 34.69 ? 20  C   A C6    1 
ATOM   407  P P     . G   A 1 21 ? -3.835  -16.195 20.687  1.00 41.16 ? 21  G   A P     1 
ATOM   408  O OP1   . G   A 1 21 ? -3.421  -16.676 22.033  1.00 42.40 ? 21  G   A OP1   1 
ATOM   409  O OP2   . G   A 1 21 ? -4.337  -17.163 19.679  1.00 39.61 ? 21  G   A OP2   1 
ATOM   410  O "O5'" . G   A 1 21 ? -4.935  -15.057 20.869  1.00 38.89 ? 21  G   A "O5'" 1 
ATOM   411  C "C5'" . G   A 1 21 ? -4.759  -14.023 21.827  1.00 38.51 ? 21  G   A "C5'" 1 
ATOM   412  C "C4'" . G   A 1 21 ? -5.896  -13.031 21.747  1.00 39.63 ? 21  G   A "C4'" 1 
ATOM   413  O "O4'" . G   A 1 21 ? -5.923  -12.441 20.416  1.00 37.96 ? 21  G   A "O4'" 1 
ATOM   414  C "C3'" . G   A 1 21 ? -7.302  -13.592 21.884  1.00 41.19 ? 21  G   A "C3'" 1 
ATOM   415  O "O3'" . G   A 1 21 ? -7.682  -13.870 23.230  1.00 44.87 ? 21  G   A "O3'" 1 
ATOM   416  C "C2'" . G   A 1 21 ? -8.128  -12.465 21.281  1.00 38.97 ? 21  G   A "C2'" 1 
ATOM   417  O "O2'" . G   A 1 21 ? -8.281  -11.358 22.148  1.00 40.37 ? 21  G   A "O2'" 1 
ATOM   418  C "C1'" . G   A 1 21 ? -7.257  -12.080 20.088  1.00 36.00 ? 21  G   A "C1'" 1 
ATOM   419  N N9    . G   A 1 21 ? -7.677  -12.825 18.909  1.00 31.14 ? 21  G   A N9    1 
ATOM   420  C C8    . G   A 1 21 ? -7.060  -13.905 18.325  1.00 30.50 ? 21  G   A C8    1 
ATOM   421  N N7    . G   A 1 21 ? -7.721  -14.378 17.300  1.00 29.94 ? 21  G   A N7    1 
ATOM   422  C C5    . G   A 1 21 ? -8.835  -13.552 17.200  1.00 30.13 ? 21  G   A C5    1 
ATOM   423  C C6    . G   A 1 21 ? -9.926  -13.571 16.286  1.00 29.00 ? 21  G   A C6    1 
ATOM   424  O O6    . G   A 1 21 ? -10.132 -14.345 15.342  1.00 27.36 ? 21  G   A O6    1 
ATOM   425  N N1    . G   A 1 21 ? -10.837 -12.555 16.558  1.00 28.29 ? 21  G   A N1    1 
ATOM   426  C C2    . G   A 1 21 ? -10.716 -11.637 17.573  1.00 28.49 ? 21  G   A C2    1 
ATOM   427  N N2    . G   A 1 21 ? -11.705 -10.732 17.684  1.00 31.24 ? 21  G   A N2    1 
ATOM   428  N N3    . G   A 1 21 ? -9.708  -11.605 18.421  1.00 29.79 ? 21  G   A N3    1 
ATOM   429  C C4    . G   A 1 21 ? -8.814  -12.585 18.181  1.00 30.48 ? 21  G   A C4    1 
ATOM   430  P P     . C   A 1 22 ? -8.799  -14.997 23.522  1.00 46.80 ? 22  C   A P     1 
ATOM   431  O OP1   . C   A 1 22 ? -8.997  -15.020 24.990  1.00 49.30 ? 22  C   A OP1   1 
ATOM   432  O OP2   . C   A 1 22 ? -8.428  -16.249 22.814  1.00 45.78 ? 22  C   A OP2   1 
ATOM   433  O "O5'" . C   A 1 22 ? -10.133 -14.423 22.859  1.00 44.02 ? 22  C   A "O5'" 1 
ATOM   434  C "C5'" . C   A 1 22 ? -10.748 -13.246 23.368  1.00 42.68 ? 22  C   A "C5'" 1 
ATOM   435  C "C4'" . C   A 1 22 ? -12.057 -12.982 22.656  1.00 44.04 ? 22  C   A "C4'" 1 
ATOM   436  O "O4'" . C   A 1 22 ? -11.817 -12.778 21.240  1.00 42.49 ? 22  C   A "O4'" 1 
ATOM   437  C "C3'" . C   A 1 22 ? -13.091 -14.097 22.663  1.00 44.15 ? 22  C   A "C3'" 1 
ATOM   438  O "O3'" . C   A 1 22 ? -13.797 -14.280 23.898  1.00 46.37 ? 22  C   A "O3'" 1 
ATOM   439  C "C2'" . C   A 1 22 ? -14.003 -13.679 21.516  1.00 43.53 ? 22  C   A "C2'" 1 
ATOM   440  O "O2'" . C   A 1 22 ? -14.918 -12.667 21.887  1.00 46.36 ? 22  C   A "O2'" 1 
ATOM   441  C "C1'" . C   A 1 22 ? -12.991 -13.115 20.516  1.00 41.62 ? 22  C   A "C1'" 1 
ATOM   442  N N1    . C   A 1 22 ? -12.642 -14.082 19.467  1.00 38.32 ? 22  C   A N1    1 
ATOM   443  C C2    . C   A 1 22 ? -13.547 -14.285 18.426  1.00 37.14 ? 22  C   A C2    1 
ATOM   444  O O2    . C   A 1 22 ? -14.601 -13.627 18.412  1.00 37.01 ? 22  C   A O2    1 
ATOM   445  N N3    . C   A 1 22 ? -13.258 -15.186 17.463  1.00 36.50 ? 22  C   A N3    1 
ATOM   446  C C4    . C   A 1 22 ? -12.112 -15.870 17.513  1.00 35.09 ? 22  C   A C4    1 
ATOM   447  N N4    . C   A 1 22 ? -11.874 -16.757 16.540  1.00 34.53 ? 22  C   A N4    1 
ATOM   448  C C5    . C   A 1 22 ? -11.165 -15.678 18.558  1.00 34.41 ? 22  C   A C5    1 
ATOM   449  C C6    . C   A 1 22 ? -11.466 -14.780 19.505  1.00 37.15 ? 22  C   A C6    1 
ATOM   450  P P     . G   B 1 2  ? -17.230 -16.621 7.594   1.00 63.48 ? 25  G   B P     1 
ATOM   451  O OP1   . G   B 1 2  ? -16.030 -17.364 8.175   1.00 62.66 ? 25  G   B OP1   1 
ATOM   452  O OP2   . G   B 1 2  ? -16.829 -15.443 6.713   1.00 62.94 ? 25  G   B OP2   1 
ATOM   453  O "O5'" . G   B 1 2  ? -18.002 -15.948 8.860   1.00 58.68 ? 25  G   B "O5'" 1 
ATOM   454  C "C5'" . G   B 1 2  ? -19.196 -15.171 8.668   1.00 52.47 ? 25  G   B "C5'" 1 
ATOM   455  C "C4'" . G   B 1 2  ? -19.511 -14.400 9.924   1.00 48.80 ? 25  G   B "C4'" 1 
ATOM   456  O "O4'" . G   B 1 2  ? -19.541 -15.314 11.051  1.00 46.02 ? 25  G   B "O4'" 1 
ATOM   457  C "C3'" . G   B 1 2  ? -18.470 -13.364 10.306  1.00 46.84 ? 25  G   B "C3'" 1 
ATOM   458  O "O3'" . G   B 1 2  ? -18.732 -12.124 9.664   1.00 46.40 ? 25  G   B "O3'" 1 
ATOM   459  C "C2'" . G   B 1 2  ? -18.665 -13.250 11.806  1.00 44.66 ? 25  G   B "C2'" 1 
ATOM   460  O "O2'" . G   B 1 2  ? -19.784 -12.458 12.131  1.00 44.72 ? 25  G   B "O2'" 1 
ATOM   461  C "C1'" . G   B 1 2  ? -18.928 -14.707 12.176  1.00 43.87 ? 25  G   B "C1'" 1 
ATOM   462  N N9    . G   B 1 2  ? -17.693 -15.428 12.458  1.00 40.58 ? 25  G   B N9    1 
ATOM   463  C C8    . G   B 1 2  ? -17.099 -16.398 11.685  1.00 40.45 ? 25  G   B C8    1 
ATOM   464  N N7    . G   B 1 2  ? -15.993 -16.858 12.203  1.00 38.79 ? 25  G   B N7    1 
ATOM   465  C C5    . G   B 1 2  ? -15.850 -16.150 13.386  1.00 37.26 ? 25  G   B C5    1 
ATOM   466  C C6    . G   B 1 2  ? -14.849 -16.220 14.370  1.00 36.43 ? 25  G   B C6    1 
ATOM   467  O O6    . G   B 1 2  ? -13.849 -16.948 14.397  1.00 35.49 ? 25  G   B O6    1 
ATOM   468  N N1    . G   B 1 2  ? -15.093 -15.326 15.409  1.00 36.33 ? 25  G   B N1    1 
ATOM   469  C C2    . G   B 1 2  ? -16.170 -14.477 15.487  1.00 35.54 ? 25  G   B C2    1 
ATOM   470  N N2    . G   B 1 2  ? -16.238 -13.692 16.571  1.00 33.87 ? 25  G   B N2    1 
ATOM   471  N N3    . G   B 1 2  ? -17.112 -14.403 14.571  1.00 36.88 ? 25  G   B N3    1 
ATOM   472  C C4    . G   B 1 2  ? -16.891 -15.263 13.555  1.00 38.19 ? 25  G   B C4    1 
ATOM   473  P P     . C   B 1 3  ? -17.534 -11.089 9.435   1.00 44.78 ? 26  C   B P     1 
ATOM   474  O OP1   . C   B 1 3  ? -18.058 -9.957  8.627   1.00 48.20 ? 26  C   B OP1   1 
ATOM   475  O OP2   . C   B 1 3  ? -16.365 -11.865 8.952   1.00 45.50 ? 26  C   B OP2   1 
ATOM   476  O "O5'" . C   B 1 3  ? -17.189 -10.549 10.891  1.00 42.46 ? 26  C   B "O5'" 1 
ATOM   477  C "C5'" . C   B 1 3  ? -18.135 -9.804  11.639  1.00 38.01 ? 26  C   B "C5'" 1 
ATOM   478  C "C4'" . C   B 1 3  ? -17.528 -9.380  12.954  1.00 37.00 ? 26  C   B "C4'" 1 
ATOM   479  O "O4'" . C   B 1 3  ? -17.260 -10.549 13.779  1.00 34.81 ? 26  C   B "O4'" 1 
ATOM   480  C "C3'" . C   B 1 3  ? -16.166 -8.727  12.831  1.00 37.23 ? 26  C   B "C3'" 1 
ATOM   481  O "O3'" . C   B 1 3  ? -16.259 -7.358  12.455  1.00 39.60 ? 26  C   B "O3'" 1 
ATOM   482  C "C2'" . C   B 1 3  ? -15.602 -8.912  14.231  1.00 34.47 ? 26  C   B "C2'" 1 
ATOM   483  O "O2'" . C   B 1 3  ? -16.128 -7.981  15.146  1.00 36.28 ? 26  C   B "O2'" 1 
ATOM   484  C "C1'" . C   B 1 3  ? -16.104 -10.318 14.572  1.00 34.11 ? 26  C   B "C1'" 1 
ATOM   485  N N1    . C   B 1 3  ? -15.098 -11.337 14.244  1.00 30.66 ? 26  C   B N1    1 
ATOM   486  C C2    . C   B 1 3  ? -14.013 -11.510 15.104  1.00 31.48 ? 26  C   B C2    1 
ATOM   487  O O2    . C   B 1 3  ? -13.949 -10.819 16.134  1.00 30.77 ? 26  C   B O2    1 
ATOM   488  N N3    . C   B 1 3  ? -13.061 -12.418 14.793  1.00 31.95 ? 26  C   B N3    1 
ATOM   489  C C4    . C   B 1 3  ? -13.162 -13.131 13.670  1.00 33.49 ? 26  C   B C4    1 
ATOM   490  N N4    . C   B 1 3  ? -12.185 -13.999 13.385  1.00 34.40 ? 26  C   B N4    1 
ATOM   491  C C5    . C   B 1 3  ? -14.267 -12.982 12.783  1.00 32.52 ? 26  C   B C5    1 
ATOM   492  C C6    . C   B 1 3  ? -15.204 -12.087 13.109  1.00 31.39 ? 26  C   B C6    1 
ATOM   493  P P     . G   B 1 4  ? -15.072 -6.699  11.598  1.00 41.19 ? 27  G   B P     1 
ATOM   494  O OP1   . G   B 1 4  ? -15.535 -5.392  11.071  1.00 41.77 ? 27  G   B OP1   1 
ATOM   495  O OP2   . G   B 1 4  ? -14.581 -7.738  10.658  1.00 41.87 ? 27  G   B OP2   1 
ATOM   496  O "O5'" . G   B 1 4  ? -13.924 -6.444  12.668  1.00 39.56 ? 27  G   B "O5'" 1 
ATOM   497  C "C5'" . G   B 1 4  ? -14.188 -5.707  13.848  1.00 36.47 ? 27  G   B "C5'" 1 
ATOM   498  C "C4'" . G   B 1 4  ? -12.992 -5.745  14.761  1.00 37.04 ? 27  G   B "C4'" 1 
ATOM   499  O "O4'" . G   B 1 4  ? -12.831 -7.073  15.329  1.00 37.79 ? 27  G   B "O4'" 1 
ATOM   500  C "C3'" . G   B 1 4  ? -11.651 -5.492  14.105  1.00 37.77 ? 27  G   B "C3'" 1 
ATOM   501  O "O3'" . G   B 1 4  ? -11.438 -4.107  13.858  1.00 40.45 ? 27  G   B "O3'" 1 
ATOM   502  C "C2'" . G   B 1 4  ? -10.699 -6.053  15.154  1.00 37.51 ? 27  G   B "C2'" 1 
ATOM   503  O "O2'" . G   B 1 4  ? -10.537 -5.178  16.250  1.00 35.12 ? 27  G   B "O2'" 1 
ATOM   504  C "C1'" . G   B 1 4  ? -11.457 -7.306  15.606  1.00 36.45 ? 27  G   B "C1'" 1 
ATOM   505  N N9    . G   B 1 4  ? -11.032 -8.493  14.871  1.00 35.96 ? 27  G   B N9    1 
ATOM   506  C C8    . G   B 1 4  ? -11.649 -9.056  13.780  1.00 36.41 ? 27  G   B C8    1 
ATOM   507  N N7    . G   B 1 4  ? -11.006 -10.087 13.303  1.00 37.36 ? 27  G   B N7    1 
ATOM   508  C C5    . G   B 1 4  ? -9.903  -10.221 14.138  1.00 34.71 ? 27  G   B C5    1 
ATOM   509  C C6    . G   B 1 4  ? -8.832  -11.155 14.103  1.00 35.40 ? 27  G   B C6    1 
ATOM   510  O O6    . G   B 1 4  ? -8.635  -12.078 13.295  1.00 33.63 ? 27  G   B O6    1 
ATOM   511  N N1    . G   B 1 4  ? -7.926  -10.929 15.136  1.00 35.20 ? 27  G   B N1    1 
ATOM   512  C C2    . G   B 1 4  ? -8.030  -9.930  16.072  1.00 34.95 ? 27  G   B C2    1 
ATOM   513  N N2    . G   B 1 4  ? -7.055  -9.875  16.992  1.00 35.02 ? 27  G   B N2    1 
ATOM   514  N N3    . G   B 1 4  ? -9.016  -9.049  16.107  1.00 35.33 ? 27  G   B N3    1 
ATOM   515  C C4    . G   B 1 4  ? -9.911  -9.254  15.119  1.00 34.64 ? 27  G   B C4    1 
ATOM   516  P P     . U   B 1 5  ? -10.240 -3.651  12.885  1.00 42.64 ? 28  U   B P     1 
ATOM   517  O OP1   . U   B 1 5  ? -10.354 -2.186  12.654  1.00 42.84 ? 28  U   B OP1   1 
ATOM   518  O OP2   . U   B 1 5  ? -10.192 -4.573  11.719  1.00 42.68 ? 28  U   B OP2   1 
ATOM   519  O "O5'" . U   B 1 5  ? -8.958  -3.916  13.780  1.00 39.85 ? 28  U   B "O5'" 1 
ATOM   520  C "C5'" . U   B 1 5  ? -7.697  -4.160  13.191  1.00 40.55 ? 28  U   B "C5'" 1 
ATOM   521  C "C4'" . U   B 1 5  ? -6.685  -4.428  14.270  1.00 39.84 ? 28  U   B "C4'" 1 
ATOM   522  O "O4'" . U   B 1 5  ? -7.040  -5.652  14.978  1.00 38.83 ? 28  U   B "O4'" 1 
ATOM   523  C "C3'" . U   B 1 5  ? -5.278  -4.690  13.779  1.00 39.29 ? 28  U   B "C3'" 1 
ATOM   524  O "O3'" . U   B 1 5  ? -4.614  -3.464  13.504  1.00 39.88 ? 28  U   B "O3'" 1 
ATOM   525  C "C2'" . U   B 1 5  ? -4.689  -5.433  14.968  1.00 38.76 ? 28  U   B "C2'" 1 
ATOM   526  O "O2'" . U   B 1 5  ? -4.415  -4.571  16.052  1.00 37.94 ? 28  U   B "O2'" 1 
ATOM   527  C "C1'" . U   B 1 5  ? -5.858  -6.350  15.336  1.00 37.64 ? 28  U   B "C1'" 1 
ATOM   528  N N1    . U   B 1 5  ? -5.812  -7.593  14.559  1.00 36.21 ? 28  U   B N1    1 
ATOM   529  C C2    . U   B 1 5  ? -4.798  -8.484  14.847  1.00 35.14 ? 28  U   B C2    1 
ATOM   530  O O2    . U   B 1 5  ? -3.980  -8.287  15.731  1.00 35.01 ? 28  U   B O2    1 
ATOM   531  N N3    . U   B 1 5  ? -4.775  -9.609  14.063  1.00 33.92 ? 28  U   B N3    1 
ATOM   532  C C4    . U   B 1 5  ? -5.645  -9.927  13.040  1.00 35.07 ? 28  U   B C4    1 
ATOM   533  O O4    . U   B 1 5  ? -5.423  -10.923 12.351  1.00 36.10 ? 28  U   B O4    1 
ATOM   534  C C5    . U   B 1 5  ? -6.683  -8.965  12.816  1.00 34.88 ? 28  U   B C5    1 
ATOM   535  C C6    . U   B 1 5  ? -6.729  -7.856  13.566  1.00 35.59 ? 28  U   B C6    1 
ATOM   536  P P     . C   B 1 6  ? -3.947  -3.236  12.063  1.00 39.71 ? 29  C   B P     1 
ATOM   537  O OP1   . C   B 1 6  ? -3.079  -2.033  12.160  1.00 40.23 ? 29  C   B OP1   1 
ATOM   538  O OP2   . C   B 1 6  ? -5.009  -3.306  11.031  1.00 37.02 ? 29  C   B OP2   1 
ATOM   539  O "O5'" . C   B 1 6  ? -2.979  -4.486  11.895  1.00 38.09 ? 29  C   B "O5'" 1 
ATOM   540  C "C5'" . C   B 1 6  ? -2.009  -4.750  12.890  1.00 36.57 ? 29  C   B "C5'" 1 
ATOM   541  C "C4'" . C   B 1 6  ? -1.359  -6.089  12.668  1.00 34.68 ? 29  C   B "C4'" 1 
ATOM   542  O "O4'" . C   B 1 6  ? -2.323  -7.172  12.782  1.00 33.18 ? 29  C   B "O4'" 1 
ATOM   543  C "C3'" . C   B 1 6  ? -0.768  -6.355  11.302  1.00 34.35 ? 29  C   B "C3'" 1 
ATOM   544  O "O3'" . C   B 1 6  ? 0.436   -5.636  11.100  1.00 34.68 ? 29  C   B "O3'" 1 
ATOM   545  C "C2'" . C   B 1 6  ? -0.522  -7.850  11.408  1.00 33.93 ? 29  C   B "C2'" 1 
ATOM   546  O "O2'" . C   B 1 6  ? 0.573   -8.111  12.260  1.00 32.18 ? 29  C   B "O2'" 1 
ATOM   547  C "C1'" . C   B 1 6  ? -1.814  -8.306  12.092  1.00 31.71 ? 29  C   B "C1'" 1 
ATOM   548  N N1    . C   B 1 6  ? -2.801  -8.767  11.102  1.00 29.21 ? 29  C   B N1    1 
ATOM   549  C C2    . C   B 1 6  ? -2.595  -10.017 10.513  1.00 29.06 ? 29  C   B C2    1 
ATOM   550  O O2    . C   B 1 6  ? -1.602  -10.678 10.857  1.00 29.76 ? 29  C   B O2    1 
ATOM   551  N N3    . C   B 1 6  ? -3.471  -10.474 9.590   1.00 28.52 ? 29  C   B N3    1 
ATOM   552  C C4    . C   B 1 6  ? -4.526  -9.734  9.252   1.00 27.80 ? 29  C   B C4    1 
ATOM   553  N N4    . C   B 1 6  ? -5.365  -10.235 8.340   1.00 27.38 ? 29  C   B N4    1 
ATOM   554  C C5    . C   B 1 6  ? -4.768  -8.450  9.836   1.00 26.64 ? 29  C   B C5    1 
ATOM   555  C C6    . C   B 1 6  ? -3.885  -8.008  10.751  1.00 27.08 ? 29  C   B C6    1 
ATOM   556  P P     . A   B 1 7  ? 0.901   -5.291  9.605   1.00 34.64 ? 30  A   B P     1 
ATOM   557  O OP1   . A   B 1 7  ? 2.095   -4.415  9.706   1.00 36.55 ? 30  A   B OP1   1 
ATOM   558  O OP2   . A   B 1 7  ? -0.262  -4.856  8.805   1.00 36.03 ? 30  A   B OP2   1 
ATOM   559  O "O5'" . A   B 1 7  ? 1.334   -6.695  9.013   1.00 33.93 ? 30  A   B "O5'" 1 
ATOM   560  C "C5'" . A   B 1 7  ? 2.397   -7.427  9.590   1.00 32.53 ? 30  A   B "C5'" 1 
ATOM   561  C "C4'" . A   B 1 7  ? 2.580   -8.715  8.844   1.00 32.22 ? 30  A   B "C4'" 1 
ATOM   562  O "O4'" . A   B 1 7  ? 1.413   -9.555  9.037   1.00 32.11 ? 30  A   B "O4'" 1 
ATOM   563  C "C3'" . A   B 1 7  ? 2.641   -8.565  7.338   1.00 30.82 ? 30  A   B "C3'" 1 
ATOM   564  O "O3'" . A   B 1 7  ? 3.935   -8.162  6.935   1.00 33.94 ? 30  A   B "O3'" 1 
ATOM   565  C "C2'" . A   B 1 7  ? 2.317   -9.978  6.883   1.00 31.32 ? 30  A   B "C2'" 1 
ATOM   566  O "O2'" . A   B 1 7  ? 3.427   -10.846 7.005   1.00 31.08 ? 30  A   B "O2'" 1 
ATOM   567  C "C1'" . A   B 1 7  ? 1.228   -10.365 7.887   1.00 30.21 ? 30  A   B "C1'" 1 
ATOM   568  N N9    . A   B 1 7  ? -0.101  -10.097 7.357   1.00 28.91 ? 30  A   B N9    1 
ATOM   569  C C8    . A   B 1 7  ? -0.915  -9.012  7.590   1.00 26.64 ? 30  A   B C8    1 
ATOM   570  N N7    . A   B 1 7  ? -2.052  -9.059  6.936   1.00 25.64 ? 30  A   B N7    1 
ATOM   571  C C5    . A   B 1 7  ? -1.983  -10.256 6.233   1.00 24.51 ? 30  A   B C5    1 
ATOM   572  C C6    . A   B 1 7  ? -2.871  -10.885 5.350   1.00 25.12 ? 30  A   B C6    1 
ATOM   573  N N6    . A   B 1 7  ? -4.060  -10.377 5.004   1.00 25.25 ? 30  A   B N6    1 
ATOM   574  N N1    . A   B 1 7  ? -2.492  -12.068 4.816   1.00 26.71 ? 30  A   B N1    1 
ATOM   575  C C2    . A   B 1 7  ? -1.296  -12.571 5.154   1.00 27.12 ? 30  A   B C2    1 
ATOM   576  N N3    . A   B 1 7  ? -0.379  -12.076 5.975   1.00 27.00 ? 30  A   B N3    1 
ATOM   577  C C4    . A   B 1 7  ? -0.789  -10.904 6.487   1.00 26.76 ? 30  A   B C4    1 
ATOM   578  P P     . C   B 1 8  ? 4.118   -7.324  5.577   1.00 33.60 ? 31  C   B P     1 
ATOM   579  O OP1   . C   B 1 8  ? 5.570   -7.053  5.441   1.00 33.96 ? 31  C   B OP1   1 
ATOM   580  O OP2   . C   B 1 8  ? 3.159   -6.190  5.570   1.00 33.73 ? 31  C   B OP2   1 
ATOM   581  O "O5'" . C   B 1 8  ? 3.700   -8.359  4.440   1.00 31.69 ? 31  C   B "O5'" 1 
ATOM   582  C "C5'" . C   B 1 8  ? 4.534   -9.469  4.125   1.00 31.59 ? 31  C   B "C5'" 1 
ATOM   583  C "C4'" . C   B 1 8  ? 3.936   -10.266 2.993   1.00 32.13 ? 31  C   B "C4'" 1 
ATOM   584  O "O4'" . C   B 1 8  ? 2.686   -10.870 3.419   1.00 33.19 ? 31  C   B "O4'" 1 
ATOM   585  C "C3'" . C   B 1 8  ? 3.530   -9.451  1.783   1.00 32.79 ? 31  C   B "C3'" 1 
ATOM   586  O "O3'" . C   B 1 8  ? 4.640   -9.174  0.944   1.00 34.94 ? 31  C   B "O3'" 1 
ATOM   587  C "C2'" . C   B 1 8  ? 2.526   -10.373 1.111   1.00 31.86 ? 31  C   B "C2'" 1 
ATOM   588  O "O2'" . C   B 1 8  ? 3.147   -11.411 0.392   1.00 28.72 ? 31  C   B "O2'" 1 
ATOM   589  C "C1'" . C   B 1 8  ? 1.787   -10.938 2.324   1.00 31.13 ? 31  C   B "C1'" 1 
ATOM   590  N N1    . C   B 1 8  ? 0.594   -10.144 2.656   1.00 28.90 ? 31  C   B N1    1 
ATOM   591  C C2    . C   B 1 8  ? -0.599  -10.412 1.984   1.00 29.49 ? 31  C   B C2    1 
ATOM   592  O O2    . C   B 1 8  ? -0.612  -11.302 1.123   1.00 31.06 ? 31  C   B O2    1 
ATOM   593  N N3    . C   B 1 8  ? -1.703  -9.695  2.280   1.00 27.84 ? 31  C   B N3    1 
ATOM   594  C C4    . C   B 1 8  ? -1.646  -8.740  3.199   1.00 28.40 ? 31  C   B C4    1 
ATOM   595  N N4    . C   B 1 8  ? -2.770  -8.069  3.468   1.00 28.98 ? 31  C   B N4    1 
ATOM   596  C C5    . C   B 1 8  ? -0.437  -8.432  3.893   1.00 29.70 ? 31  C   B C5    1 
ATOM   597  C C6    . C   B 1 8  ? 0.647   -9.158  3.596   1.00 28.93 ? 31  C   B C6    1 
ATOM   598  P P     . A   B 1 9  ? 4.625   -7.853  0.039   1.00 33.74 ? 32  A   B P     1 
ATOM   599  O OP1   . A   B 1 9  ? 5.947   -7.764  -0.632  1.00 36.35 ? 32  A   B OP1   1 
ATOM   600  O OP2   . A   B 1 9  ? 4.162   -6.737  0.899   1.00 33.63 ? 32  A   B OP2   1 
ATOM   601  O "O5'" . A   B 1 9  ? 3.513   -8.167  -1.057  1.00 32.10 ? 32  A   B "O5'" 1 
ATOM   602  C "C5'" . A   B 1 9  ? 3.722   -9.185  -2.026  1.00 29.15 ? 32  A   B "C5'" 1 
ATOM   603  C "C4'" . A   B 1 9  ? 2.502   -9.342  -2.895  1.00 28.82 ? 32  A   B "C4'" 1 
ATOM   604  O "O4'" . A   B 1 9  ? 1.378   -9.790  -2.101  1.00 29.11 ? 32  A   B "O4'" 1 
ATOM   605  C "C3'" . A   B 1 9  ? 1.989   -8.065  -3.528  1.00 29.71 ? 32  A   B "C3'" 1 
ATOM   606  O "O3'" . A   B 1 9  ? 2.762   -7.737  -4.674  1.00 33.03 ? 32  A   B "O3'" 1 
ATOM   607  C "C2'" . A   B 1 9  ? 0.555   -8.448  -3.874  1.00 28.58 ? 32  A   B "C2'" 1 
ATOM   608  O "O2'" . A   B 1 9  ? 0.444   -9.262  -5.028  1.00 27.61 ? 32  A   B "O2'" 1 
ATOM   609  C "C1'" . A   B 1 9  ? 0.171   -9.266  -2.642  1.00 27.42 ? 32  A   B "C1'" 1 
ATOM   610  N N9    . A   B 1 9  ? -0.458  -8.440  -1.617  1.00 25.79 ? 32  A   B N9    1 
ATOM   611  C C8    . A   B 1 9  ? 0.138   -7.904  -0.506  1.00 25.71 ? 32  A   B C8    1 
ATOM   612  N N7    . A   B 1 9  ? -0.680  -7.209  0.249   1.00 26.58 ? 32  A   B N7    1 
ATOM   613  C C5    . A   B 1 9  ? -1.894  -7.291  -0.414  1.00 24.69 ? 32  A   B C5    1 
ATOM   614  C C6    . A   B 1 9  ? -3.164  -6.765  -0.125  1.00 23.99 ? 32  A   B C6    1 
ATOM   615  N N6    . A   B 1 9  ? -3.433  -6.030  0.963   1.00 21.26 ? 32  A   B N6    1 
ATOM   616  N N1    . A   B 1 9  ? -4.163  -7.024  -0.997  1.00 23.09 ? 32  A   B N1    1 
ATOM   617  C C2    . A   B 1 9  ? -3.894  -7.764  -2.077  1.00 23.52 ? 32  A   B C2    1 
ATOM   618  N N3    . A   B 1 9  ? -2.741  -8.318  -2.455  1.00 25.48 ? 32  A   B N3    1 
ATOM   619  C C4    . A   B 1 9  ? -1.771  -8.040  -1.569  1.00 24.81 ? 32  A   B C4    1 
ATOM   620  P P     . C   B 1 10 ? 2.876   -6.206  -5.133  1.00 30.41 ? 33  C   B P     1 
ATOM   621  O OP1   . C   B 1 10 ? 3.890   -6.153  -6.212  1.00 33.42 ? 33  C   B OP1   1 
ATOM   622  O OP2   . C   B 1 10 ? 3.045   -5.373  -3.923  1.00 31.24 ? 33  C   B OP2   1 
ATOM   623  O "O5'" . C   B 1 10 ? 1.448   -5.927  -5.768  1.00 29.70 ? 33  C   B "O5'" 1 
ATOM   624  C "C5'" . C   B 1 10 ? 0.990   -6.701  -6.869  1.00 25.26 ? 33  C   B "C5'" 1 
ATOM   625  C "C4'" . C   B 1 10 ? -0.475  -6.445  -7.098  1.00 27.24 ? 33  C   B "C4'" 1 
ATOM   626  O "O4'" . C   B 1 10 ? -1.220  -6.868  -5.925  1.00 26.92 ? 33  C   B "O4'" 1 
ATOM   627  C "C3'" . C   B 1 10 ? -0.856  -4.984  -7.245  1.00 26.76 ? 33  C   B "C3'" 1 
ATOM   628  O "O3'" . C   B 1 10 ? -0.623  -4.530  -8.573  1.00 27.59 ? 33  C   B "O3'" 1 
ATOM   629  C "C2'" . C   B 1 10 ? -2.334  -5.017  -6.890  1.00 25.67 ? 33  C   B "C2'" 1 
ATOM   630  O "O2'" . C   B 1 10 ? -3.122  -5.542  -7.940  1.00 25.03 ? 33  C   B "O2'" 1 
ATOM   631  C "C1'" . C   B 1 10 ? -2.329  -6.010  -5.729  1.00 26.46 ? 33  C   B "C1'" 1 
ATOM   632  N N1    . C   B 1 10 ? -2.198  -5.373  -4.409  1.00 25.04 ? 33  C   B N1    1 
ATOM   633  C C2    . C   B 1 10 ? -3.344  -4.889  -3.796  1.00 25.76 ? 33  C   B C2    1 
ATOM   634  O O2    . C   B 1 10 ? -4.418  -4.987  -4.400  1.00 30.38 ? 33  C   B O2    1 
ATOM   635  N N3    . C   B 1 10 ? -3.262  -4.325  -2.570  1.00 24.12 ? 33  C   B N3    1 
ATOM   636  C C4    . C   B 1 10 ? -2.083  -4.233  -1.959  1.00 26.49 ? 33  C   B C4    1 
ATOM   637  N N4    . C   B 1 10 ? -2.051  -3.689  -0.734  1.00 24.11 ? 33  C   B N4    1 
ATOM   638  C C5    . C   B 1 10 ? -0.881  -4.701  -2.570  1.00 26.23 ? 33  C   B C5    1 
ATOM   639  C C6    . C   B 1 10 ? -0.987  -5.261  -3.788  1.00 26.83 ? 33  C   B C6    1 
ATOM   640  P P     . C   B 1 11 ? -0.344  -2.967  -8.843  1.00 26.49 ? 34  C   B P     1 
ATOM   641  O OP1   . C   B 1 11 ? 0.084   -2.871  -10.257 1.00 27.62 ? 34  C   B OP1   1 
ATOM   642  O OP2   . C   B 1 11 ? 0.517   -2.401  -7.776  1.00 24.37 ? 34  C   B OP2   1 
ATOM   643  O "O5'" . C   B 1 11 ? -1.785  -2.301  -8.712  1.00 25.96 ? 34  C   B "O5'" 1 
ATOM   644  C "C5'" . C   B 1 11 ? -2.777  -2.529  -9.706  1.00 25.90 ? 34  C   B "C5'" 1 
ATOM   645  C "C4'" . C   B 1 11 ? -4.094  -1.948  -9.268  1.00 28.24 ? 34  C   B "C4'" 1 
ATOM   646  O "O4'" . C   B 1 11 ? -4.475  -2.554  -8.007  1.00 28.01 ? 34  C   B "O4'" 1 
ATOM   647  C "C3'" . C   B 1 11 ? -4.093  -0.462  -8.951  1.00 28.80 ? 34  C   B "C3'" 1 
ATOM   648  O "O3'" . C   B 1 11 ? -4.247  0.312   -10.135 1.00 29.07 ? 34  C   B "O3'" 1 
ATOM   649  C "C2'" . C   B 1 11 ? -5.321  -0.348  -8.061  1.00 28.45 ? 34  C   B "C2'" 1 
ATOM   650  O "O2'" . C   B 1 11 ? -6.507  -0.432  -8.819  1.00 30.03 ? 34  C   B "O2'" 1 
ATOM   651  C "C1'" . C   B 1 11 ? -5.194  -1.619  -7.225  1.00 27.07 ? 34  C   B "C1'" 1 
ATOM   652  N N1    . C   B 1 11 ? -4.454  -1.408  -5.978  1.00 25.16 ? 34  C   B N1    1 
ATOM   653  C C2    . C   B 1 11 ? -5.139  -0.933  -4.862  1.00 26.07 ? 34  C   B C2    1 
ATOM   654  O O2    . C   B 1 11 ? -6.361  -0.699  -4.959  1.00 28.73 ? 34  C   B O2    1 
ATOM   655  N N3    . C   B 1 11 ? -4.464  -0.745  -3.707  1.00 24.66 ? 34  C   B N3    1 
ATOM   656  C C4    . C   B 1 11 ? -3.160  -1.021  -3.645  1.00 22.94 ? 34  C   B C4    1 
ATOM   657  N N4    . C   B 1 11 ? -2.540  -0.840  -2.483  1.00 22.24 ? 34  C   B N4    1 
ATOM   658  C C5    . C   B 1 11 ? -2.438  -1.499  -4.770  1.00 23.29 ? 34  C   B C5    1 
ATOM   659  C C6    . C   B 1 11 ? -3.118  -1.676  -5.906  1.00 25.08 ? 34  C   B C6    1 
ATOM   660  P P     . G   B 1 12 ? -3.660  1.808   -10.190 1.00 30.20 ? 35  G   B P     1 
ATOM   661  O OP1   . G   B 1 12 ? -3.696  2.247   -11.604 1.00 29.16 ? 35  G   B OP1   1 
ATOM   662  O OP2   . G   B 1 12 ? -2.375  1.835   -9.444  1.00 29.46 ? 35  G   B OP2   1 
ATOM   663  O "O5'" . G   B 1 12 ? -4.691  2.669   -9.341  1.00 28.75 ? 35  G   B "O5'" 1 
ATOM   664  C "C5'" . G   B 1 12 ? -6.054  2.770   -9.729  1.00 30.42 ? 35  G   B "C5'" 1 
ATOM   665  C "C4'" . G   B 1 12 ? -6.844  3.482   -8.658  1.00 29.72 ? 35  G   B "C4'" 1 
ATOM   666  O "O4'" . G   B 1 12 ? -6.876  2.677   -7.450  1.00 30.40 ? 35  G   B "O4'" 1 
ATOM   667  C "C3'" . G   B 1 12 ? -6.255  4.804   -8.209  1.00 30.21 ? 35  G   B "C3'" 1 
ATOM   668  O "O3'" . G   B 1 12 ? -6.666  5.843   -9.093  1.00 31.56 ? 35  G   B "O3'" 1 
ATOM   669  C "C2'" . G   B 1 12 ? -6.853  4.962   -6.818  1.00 29.28 ? 35  G   B "C2'" 1 
ATOM   670  O "O2'" . G   B 1 12 ? -8.188  5.417   -6.852  1.00 29.35 ? 35  G   B "O2'" 1 
ATOM   671  C "C1'" . G   B 1 12 ? -6.824  3.520   -6.313  1.00 28.30 ? 35  G   B "C1'" 1 
ATOM   672  N N9    . G   B 1 12 ? -5.623  3.180   -5.554  1.00 27.80 ? 35  G   B N9    1 
ATOM   673  C C8    . G   B 1 12 ? -4.507  2.521   -6.018  1.00 26.58 ? 35  G   B C8    1 
ATOM   674  N N7    . G   B 1 12 ? -3.605  2.329   -5.093  1.00 27.89 ? 35  G   B N7    1 
ATOM   675  C C5    . G   B 1 12 ? -4.154  2.900   -3.950  1.00 27.29 ? 35  G   B C5    1 
ATOM   676  C C6    . G   B 1 12 ? -3.645  2.995   -2.620  1.00 27.64 ? 35  G   B C6    1 
ATOM   677  O O6    . G   B 1 12 ? -2.574  2.568   -2.160  1.00 28.03 ? 35  G   B O6    1 
ATOM   678  N N1    . G   B 1 12 ? -4.528  3.667   -1.784  1.00 27.02 ? 35  G   B N1    1 
ATOM   679  C C2    . G   B 1 12 ? -5.739  4.177   -2.160  1.00 25.35 ? 35  G   B C2    1 
ATOM   680  N N2    . G   B 1 12 ? -6.435  4.808   -1.201  1.00 25.47 ? 35  G   B N2    1 
ATOM   681  N N3    . G   B 1 12 ? -6.233  4.081   -3.382  1.00 28.04 ? 35  G   B N3    1 
ATOM   682  C C4    . G   B 1 12 ? -5.393  3.439   -4.220  1.00 26.66 ? 35  G   B C4    1 
ATOM   683  P P     . G   B 1 13 ? -5.939  7.269   -9.032  1.00 30.85 ? 36  G   B P     1 
ATOM   684  O OP1   . G   B 1 13 ? -6.604  8.138   -10.037 1.00 33.63 ? 36  G   B OP1   1 
ATOM   685  O OP2   . G   B 1 13 ? -4.471  7.073   -9.096  1.00 28.48 ? 36  G   B OP2   1 
ATOM   686  O "O5'" . G   B 1 13 ? -6.324  7.809   -7.592  1.00 25.61 ? 36  G   B "O5'" 1 
ATOM   687  C "C5'" . G   B 1 13 ? -5.443  8.644   -6.869  1.00 27.18 ? 36  G   B "C5'" 1 
ATOM   688  C "C4'" . G   B 1 13 ? -5.844  8.676   -5.416  1.00 26.18 ? 36  G   B "C4'" 1 
ATOM   689  O "O4'" . G   B 1 13 ? -5.731  7.347   -4.848  1.00 25.78 ? 36  G   B "O4'" 1 
ATOM   690  C "C3'" . G   B 1 13 ? -4.963  9.537   -4.539  1.00 26.03 ? 36  G   B "C3'" 1 
ATOM   691  O "O3'" . G   B 1 13 ? -5.432  10.869  -4.589  1.00 27.46 ? 36  G   B "O3'" 1 
ATOM   692  C "C2'" . G   B 1 13 ? -5.162  8.913   -3.169  1.00 25.67 ? 36  G   B "C2'" 1 
ATOM   693  O "O2'" . G   B 1 13 ? -6.387  9.285   -2.571  1.00 25.37 ? 36  G   B "O2'" 1 
ATOM   694  C "C1'" . G   B 1 13 ? -5.224  7.432   -3.532  1.00 25.74 ? 36  G   B "C1'" 1 
ATOM   695  N N9    . G   B 1 13 ? -3.937  6.748   -3.508  1.00 24.97 ? 36  G   B N9    1 
ATOM   696  C C8    . G   B 1 13 ? -3.310  6.154   -4.577  1.00 24.98 ? 36  G   B C8    1 
ATOM   697  N N7    . G   B 1 13 ? -2.189  5.566   -4.252  1.00 26.48 ? 36  G   B N7    1 
ATOM   698  C C5    . G   B 1 13 ? -2.061  5.796   -2.889  1.00 25.31 ? 36  G   B C5    1 
ATOM   699  C C6    . G   B 1 13 ? -1.046  5.383   -1.974  1.00 26.69 ? 36  G   B C6    1 
ATOM   700  O O6    . G   B 1 13 ? -0.025  4.712   -2.204  1.00 25.28 ? 36  G   B O6    1 
ATOM   701  N N1    . G   B 1 13 ? -1.313  5.831   -0.682  1.00 25.18 ? 36  G   B N1    1 
ATOM   702  C C2    . G   B 1 13 ? -2.410  6.583   -0.318  1.00 24.97 ? 36  G   B C2    1 
ATOM   703  N N2    . G   B 1 13 ? -2.490  6.935   0.971   1.00 24.51 ? 36  G   B N2    1 
ATOM   704  N N3    . G   B 1 13 ? -3.358  6.967   -1.158  1.00 23.79 ? 36  G   B N3    1 
ATOM   705  C C4    . G   B 1 13 ? -3.124  6.539   -2.415  1.00 24.11 ? 36  G   B C4    1 
ATOM   706  P P     . U   B 1 14 ? -4.379  12.065  -4.653  1.00 30.27 ? 37  U   B P     1 
ATOM   707  O OP1   . U   B 1 14 ? -5.160  13.308  -4.888  1.00 31.97 ? 37  U   B OP1   1 
ATOM   708  O OP2   . U   B 1 14 ? -3.314  11.674  -5.606  1.00 30.26 ? 37  U   B OP2   1 
ATOM   709  O "O5'" . U   B 1 14 ? -3.785  12.111  -3.178  1.00 27.66 ? 37  U   B "O5'" 1 
ATOM   710  C "C5'" . U   B 1 14 ? -4.586  12.568  -2.096  1.00 28.04 ? 37  U   B "C5'" 1 
ATOM   711  C "C4'" . U   B 1 14 ? -3.841  12.432  -0.789  1.00 28.69 ? 37  U   B "C4'" 1 
ATOM   712  O "O4'" . U   B 1 14 ? -3.641  11.025  -0.488  1.00 28.71 ? 37  U   B "O4'" 1 
ATOM   713  C "C3'" . U   B 1 14 ? -2.432  12.998  -0.739  1.00 29.01 ? 37  U   B "C3'" 1 
ATOM   714  O "O3'" . U   B 1 14 ? -2.413  14.410  -0.540  1.00 29.27 ? 37  U   B "O3'" 1 
ATOM   715  C "C2'" . U   B 1 14 ? -1.866  12.263  0.466   1.00 28.19 ? 37  U   B "C2'" 1 
ATOM   716  O "O2'" . U   B 1 14 ? -2.368  12.770  1.678   1.00 30.89 ? 37  U   B "O2'" 1 
ATOM   717  C "C1'" . U   B 1 14 ? -2.439  10.866  0.249   1.00 27.23 ? 37  U   B "C1'" 1 
ATOM   718  N N1    . U   B 1 14 ? -1.525  10.035  -0.541  1.00 24.99 ? 37  U   B N1    1 
ATOM   719  C C2    . U   B 1 14 ? -0.440  9.491   0.108   1.00 24.86 ? 37  U   B C2    1 
ATOM   720  O O2    . U   B 1 14 ? -0.211  9.695   1.290   1.00 26.03 ? 37  U   B O2    1 
ATOM   721  N N3    . U   B 1 14 ? 0.373   8.711   -0.680  1.00 24.37 ? 37  U   B N3    1 
ATOM   722  C C4    . U   B 1 14 ? 0.206   8.444   -2.029  1.00 25.96 ? 37  U   B C4    1 
ATOM   723  O O4    . U   B 1 14 ? 1.029   7.742   -2.615  1.00 23.70 ? 37  U   B O4    1 
ATOM   724  C C5    . U   B 1 14 ? -0.941  9.056   -2.623  1.00 25.00 ? 37  U   B C5    1 
ATOM   725  C C6    . U   B 1 14 ? -1.746  9.810   -1.877  1.00 24.11 ? 37  U   B C6    1 
ATOM   726  P P     . G   B 1 15 ? -1.106  15.253  -0.963  1.00 28.38 ? 38  G   B P     1 
ATOM   727  O OP1   . G   B 1 15 ? -1.405  16.686  -0.722  1.00 26.75 ? 38  G   B OP1   1 
ATOM   728  O OP2   . G   B 1 15 ? -0.691  14.808  -2.305  1.00 23.58 ? 38  G   B OP2   1 
ATOM   729  O "O5'" . G   B 1 15 ? 0.009   14.805  0.092   1.00 25.50 ? 38  G   B "O5'" 1 
ATOM   730  C "C5'" . G   B 1 15 ? -0.148  15.074  1.480   1.00 23.90 ? 38  G   B "C5'" 1 
ATOM   731  C "C4'" . G   B 1 15 ? 1.070   14.607  2.244   1.00 26.32 ? 38  G   B "C4'" 1 
ATOM   732  O "O4'" . G   B 1 15 ? 1.142   13.155  2.237   1.00 25.69 ? 38  G   B "O4'" 1 
ATOM   733  C "C3'" . G   B 1 15 ? 2.387   15.024  1.621   1.00 28.65 ? 38  G   B "C3'" 1 
ATOM   734  O "O3'" . G   B 1 15 ? 2.711   16.350  1.985   1.00 32.42 ? 38  G   B "O3'" 1 
ATOM   735  C "C2'" . G   B 1 15 ? 3.363   14.012  2.203   1.00 27.15 ? 38  G   B "C2'" 1 
ATOM   736  O "O2'" . G   B 1 15 ? 3.786   14.366  3.502   1.00 26.86 ? 38  G   B "O2'" 1 
ATOM   737  C "C1'" . G   B 1 15 ? 2.501   12.745  2.242   1.00 23.96 ? 38  G   B "C1'" 1 
ATOM   738  N N9    . G   B 1 15 ? 2.715   11.886  1.087   1.00 21.46 ? 38  G   B N9    1 
ATOM   739  C C8    . G   B 1 15 ? 1.994   11.877  -0.076  1.00 20.89 ? 38  G   B C8    1 
ATOM   740  N N7    . G   B 1 15 ? 2.433   11.008  -0.945  1.00 21.66 ? 38  G   B N7    1 
ATOM   741  C C5    . G   B 1 15 ? 3.505   10.400  -0.312  1.00 18.82 ? 38  G   B C5    1 
ATOM   742  C C6    . G   B 1 15 ? 4.373   9.382   -0.766  1.00 22.57 ? 38  G   B C6    1 
ATOM   743  O O6    . G   B 1 15 ? 4.361   8.787   -1.848  1.00 25.22 ? 38  G   B O6    1 
ATOM   744  N N1    . G   B 1 15 ? 5.336   9.070   0.180   1.00 21.03 ? 38  G   B N1    1 
ATOM   745  C C2    . G   B 1 15 ? 5.452   9.664   1.408   1.00 20.95 ? 38  G   B C2    1 
ATOM   746  N N2    . G   B 1 15 ? 6.475   9.243   2.157   1.00 21.00 ? 38  G   B N2    1 
ATOM   747  N N3    . G   B 1 15 ? 4.635   10.606  1.856   1.00 19.16 ? 38  G   B N3    1 
ATOM   748  C C4    . G   B 1 15 ? 3.693   10.926  0.943   1.00 21.12 ? 38  G   B C4    1 
ATOM   749  P P     . A   B 1 16 ? 3.361   17.322  0.887   1.00 33.07 ? 39  A   B P     1 
ATOM   750  O OP1   . A   B 1 16 ? 3.075   18.704  1.322   1.00 35.26 ? 39  A   B OP1   1 
ATOM   751  O OP2   . A   B 1 16 ? 2.967   16.876  -0.465  1.00 31.15 ? 39  A   B OP2   1 
ATOM   752  O "O5'" . A   B 1 16 ? 4.917   17.051  1.029   1.00 33.53 ? 39  A   B "O5'" 1 
ATOM   753  C "C5'" . A   B 1 16 ? 5.630   17.605  2.107   1.00 32.10 ? 39  A   B "C5'" 1 
ATOM   754  C "C4'" . A   B 1 16 ? 6.741   18.479  1.597   1.00 29.90 ? 39  A   B "C4'" 1 
ATOM   755  O "O4'" . A   B 1 16 ? 7.148   19.338  2.677   1.00 29.69 ? 39  A   B "O4'" 1 
ATOM   756  C "C3'" . A   B 1 16 ? 8.000   17.768  1.126   1.00 30.48 ? 39  A   B "C3'" 1 
ATOM   757  O "O3'" . A   B 1 16 ? 7.932   17.483  -0.274  1.00 30.89 ? 39  A   B "O3'" 1 
ATOM   758  C "C2'" . A   B 1 16 ? 9.085   18.795  1.423   1.00 29.24 ? 39  A   B "C2'" 1 
ATOM   759  O "O2'" . A   B 1 16 ? 9.190   19.757  0.400   1.00 30.19 ? 39  A   B "O2'" 1 
ATOM   760  C "C1'" . A   B 1 16 ? 8.546   19.468  2.686   1.00 29.84 ? 39  A   B "C1'" 1 
ATOM   761  N N9    . A   B 1 16 ? 9.003   18.927  3.959   1.00 28.52 ? 39  A   B N9    1 
ATOM   762  C C8    . A   B 1 16 ? 8.584   17.775  4.578   1.00 28.32 ? 39  A   B C8    1 
ATOM   763  N N7    . A   B 1 16 ? 9.118   17.587  5.759   1.00 28.25 ? 39  A   B N7    1 
ATOM   764  C C5    . A   B 1 16 ? 9.957   18.680  5.922   1.00 29.33 ? 39  A   B C5    1 
ATOM   765  C C6    . A   B 1 16 ? 10.801  19.073  6.966   1.00 29.16 ? 39  A   B C6    1 
ATOM   766  N N6    . A   B 1 16 ? 10.942  18.381  8.102   1.00 31.02 ? 39  A   B N6    1 
ATOM   767  N N1    . A   B 1 16 ? 11.506  20.217  6.810   1.00 27.65 ? 39  A   B N1    1 
ATOM   768  C C2    . A   B 1 16 ? 11.365  20.906  5.672   1.00 27.29 ? 39  A   B C2    1 
ATOM   769  N N3    . A   B 1 16 ? 10.600  20.641  4.617   1.00 28.52 ? 39  A   B N3    1 
ATOM   770  C C4    . A   B 1 16 ? 9.911   19.502  4.810   1.00 29.30 ? 39  A   B C4    1 
ATOM   771  P P     . A   B 1 17 ? 8.757   16.239  -0.881  1.00 31.47 ? 40  A   B P     1 
ATOM   772  O OP1   . A   B 1 17 ? 8.286   15.988  -2.268  1.00 29.12 ? 40  A   B OP1   1 
ATOM   773  O OP2   . A   B 1 17 ? 8.710   15.142  0.116   1.00 30.08 ? 40  A   B OP2   1 
ATOM   774  O "O5'" . A   B 1 17 ? 10.264  16.749  -0.929  1.00 29.85 ? 40  A   B "O5'" 1 
ATOM   775  C "C5'" . A   B 1 17 ? 10.681  17.769  -1.829  1.00 27.80 ? 40  A   B "C5'" 1 
ATOM   776  C "C4'" . A   B 1 17 ? 12.084  18.198  -1.475  1.00 26.27 ? 40  A   B "C4'" 1 
ATOM   777  O "O4'" . A   B 1 17 ? 12.061  18.649  -0.103  1.00 23.93 ? 40  A   B "O4'" 1 
ATOM   778  C "C3'" . A   B 1 17 ? 13.106  17.071  -1.511  1.00 25.28 ? 40  A   B "C3'" 1 
ATOM   779  O "O3'" . A   B 1 17 ? 13.750  17.061  -2.779  1.00 26.89 ? 40  A   B "O3'" 1 
ATOM   780  C "C2'" . A   B 1 17 ? 14.114  17.475  -0.438  1.00 24.64 ? 40  A   B "C2'" 1 
ATOM   781  O "O2'" . A   B 1 17 ? 15.134  18.326  -0.914  1.00 24.92 ? 40  A   B "O2'" 1 
ATOM   782  C "C1'" . A   B 1 17 ? 13.243  18.244  0.559   1.00 25.21 ? 40  A   B "C1'" 1 
ATOM   783  N N9    . A   B 1 17 ? 12.866  17.492  1.753   1.00 25.66 ? 40  A   B N9    1 
ATOM   784  C C8    . A   B 1 17 ? 12.136  16.333  1.831   1.00 25.03 ? 40  A   B C8    1 
ATOM   785  N N7    . A   B 1 17 ? 11.966  15.899  3.055   1.00 25.34 ? 40  A   B N7    1 
ATOM   786  C C5    . A   B 1 17 ? 12.626  16.835  3.838   1.00 25.90 ? 40  A   B C5    1 
ATOM   787  C C6    . A   B 1 17 ? 12.819  16.941  5.228   1.00 26.45 ? 40  A   B C6    1 
ATOM   788  N N6    . A   B 1 17 ? 12.352  16.058  6.115   1.00 26.85 ? 40  A   B N6    1 
ATOM   789  N N1    . A   B 1 17 ? 13.523  17.997  5.684   1.00 26.96 ? 40  A   B N1    1 
ATOM   790  C C2    . A   B 1 17 ? 14.001  18.878  4.792   1.00 27.91 ? 40  A   B C2    1 
ATOM   791  N N3    . A   B 1 17 ? 13.890  18.883  3.467   1.00 25.31 ? 40  A   B N3    1 
ATOM   792  C C4    . A   B 1 17 ? 13.183  17.824  3.049   1.00 25.68 ? 40  A   B C4    1 
ATOM   793  P P     . G   B 1 18 ? 13.286  16.026  -3.922  1.00 30.60 ? 41  G   B P     1 
ATOM   794  O OP1   . G   B 1 18 ? 13.856  16.499  -5.206  1.00 29.98 ? 41  G   B OP1   1 
ATOM   795  O OP2   . G   B 1 18 ? 11.823  15.833  -3.804  1.00 26.80 ? 41  G   B OP2   1 
ATOM   796  O "O5'" . G   B 1 18 ? 14.003  14.644  -3.560  1.00 27.53 ? 41  G   B "O5'" 1 
ATOM   797  C "C5'" . G   B 1 18 ? 15.321  14.592  -3.008  1.00 28.60 ? 41  G   B "C5'" 1 
ATOM   798  C "C4'" . G   B 1 18 ? 15.834  13.162  -3.031  1.00 27.45 ? 41  G   B "C4'" 1 
ATOM   799  O "O4'" . G   B 1 18 ? 14.901  12.306  -2.308  1.00 29.66 ? 41  G   B "O4'" 1 
ATOM   800  C "C3'" . G   B 1 18 ? 15.922  12.549  -4.418  1.00 27.71 ? 41  G   B "C3'" 1 
ATOM   801  O "O3'" . G   B 1 18 ? 17.211  12.783  -4.947  1.00 29.79 ? 41  G   B "O3'" 1 
ATOM   802  C "C2'" . G   B 1 18 ? 15.733  11.065  -4.145  1.00 28.36 ? 41  G   B "C2'" 1 
ATOM   803  O "O2'" . G   B 1 18 ? 16.925  10.447  -3.710  1.00 28.51 ? 41  G   B "O2'" 1 
ATOM   804  C "C1'" . G   B 1 18 ? 14.703  11.094  -3.017  1.00 27.49 ? 41  G   B "C1'" 1 
ATOM   805  N N9    . G   B 1 18 ? 13.334  11.086  -3.522  1.00 27.31 ? 41  G   B N9    1 
ATOM   806  C C8    . G   B 1 18 ? 12.363  12.033  -3.292  1.00 26.51 ? 41  G   B C8    1 
ATOM   807  N N7    . G   B 1 18 ? 11.242  11.772  -3.905  1.00 27.47 ? 41  G   B N7    1 
ATOM   808  C C5    . G   B 1 18 ? 11.480  10.579  -4.572  1.00 26.70 ? 41  G   B C5    1 
ATOM   809  C C6    . G   B 1 18 ? 10.633  9.809   -5.402  1.00 28.91 ? 41  G   B C6    1 
ATOM   810  O O6    . G   B 1 18 ? 9.457   10.035  -5.734  1.00 31.38 ? 41  G   B O6    1 
ATOM   811  N N1    . G   B 1 18 ? 11.277  8.666   -5.867  1.00 28.70 ? 41  G   B N1    1 
ATOM   812  C C2    . G   B 1 18 ? 12.568  8.314   -5.577  1.00 27.08 ? 41  G   B C2    1 
ATOM   813  N N2    . G   B 1 18 ? 13.010  7.182   -6.136  1.00 27.78 ? 41  G   B N2    1 
ATOM   814  N N3    . G   B 1 18 ? 13.365  9.020   -4.802  1.00 27.94 ? 41  G   B N3    1 
ATOM   815  C C4    . G   B 1 18 ? 12.762  10.135  -4.338  1.00 27.12 ? 41  G   B C4    1 
ATOM   816  P P     . U   B 1 19 ? 17.420  12.867  -6.531  1.00 30.78 ? 42  U   B P     1 
ATOM   817  O OP1   . U   B 1 19 ? 18.815  13.332  -6.719  1.00 32.67 ? 42  U   B OP1   1 
ATOM   818  O OP2   . U   B 1 19 ? 16.300  13.631  -7.122  1.00 32.92 ? 42  U   B OP2   1 
ATOM   819  O "O5'" . U   B 1 19 ? 17.281  11.370  -7.055  1.00 31.19 ? 42  U   B "O5'" 1 
ATOM   820  C "C5'" . U   B 1 19 ? 18.201  10.357  -6.670  1.00 30.73 ? 42  U   B "C5'" 1 
ATOM   821  C "C4'" . U   B 1 19 ? 17.829  9.054   -7.336  1.00 32.29 ? 42  U   B "C4'" 1 
ATOM   822  O "O4'" . U   B 1 19 ? 16.506  8.646   -6.885  1.00 32.19 ? 42  U   B "O4'" 1 
ATOM   823  C "C3'" . U   B 1 19 ? 17.689  9.141   -8.848  1.00 32.61 ? 42  U   B "C3'" 1 
ATOM   824  O "O3'" . U   B 1 19 ? 18.945  8.966   -9.482  1.00 31.39 ? 42  U   B "O3'" 1 
ATOM   825  C "C2'" . U   B 1 19 ? 16.740  7.991   -9.153  1.00 31.42 ? 42  U   B "C2'" 1 
ATOM   826  O "O2'" . U   B 1 19 ? 17.394  6.741   -9.106  1.00 35.09 ? 42  U   B "O2'" 1 
ATOM   827  C "C1'" . U   B 1 19 ? 15.783  8.079   -7.966  1.00 31.71 ? 42  U   B "C1'" 1 
ATOM   828  N N1    . U   B 1 19 ? 14.584  8.897   -8.207  1.00 29.67 ? 42  U   B N1    1 
ATOM   829  C C2    . U   B 1 19 ? 13.589  8.358   -9.000  1.00 30.05 ? 42  U   B C2    1 
ATOM   830  O O2    . U   B 1 19 ? 13.704  7.284   -9.569  1.00 29.31 ? 42  U   B O2    1 
ATOM   831  N N3    . U   B 1 19 ? 12.457  9.130   -9.116  1.00 31.41 ? 42  U   B N3    1 
ATOM   832  C C4    . U   B 1 19 ? 12.235  10.370  -8.547  1.00 31.99 ? 42  U   B C4    1 
ATOM   833  O O4    . U   B 1 19 ? 11.124  10.895  -8.655  1.00 34.71 ? 42  U   B O4    1 
ATOM   834  C C5    . U   B 1 19 ? 13.335  10.882  -7.786  1.00 31.15 ? 42  U   B C5    1 
ATOM   835  C C6    . U   B 1 19 ? 14.443  10.143  -7.644  1.00 30.55 ? 42  U   B C6    1 
ATOM   836  P P     . C   B 1 20 ? 19.196  9.611   -10.928 1.00 33.86 ? 43  C   B P     1 
ATOM   837  O OP1   . C   B 1 20 ? 20.635  9.413   -11.266 1.00 31.96 ? 43  C   B OP1   1 
ATOM   838  O OP2   . C   B 1 20 ? 18.625  10.987  -10.901 1.00 32.23 ? 43  C   B OP2   1 
ATOM   839  O "O5'" . C   B 1 20 ? 18.286  8.744   -11.908 1.00 30.66 ? 43  C   B "O5'" 1 
ATOM   840  C "C5'" . C   B 1 20 ? 18.619  7.407   -12.242 1.00 30.98 ? 43  C   B "C5'" 1 
ATOM   841  C "C4'" . C   B 1 20 ? 17.622  6.865   -13.237 1.00 31.08 ? 43  C   B "C4'" 1 
ATOM   842  O "O4'" . C   B 1 20 ? 16.313  6.798   -12.617 1.00 31.33 ? 43  C   B "O4'" 1 
ATOM   843  C "C3'" . C   B 1 20 ? 17.374  7.741   -14.452 1.00 32.16 ? 43  C   B "C3'" 1 
ATOM   844  O "O3'" . C   B 1 20 ? 18.347  7.554   -15.464 1.00 35.81 ? 43  C   B "O3'" 1 
ATOM   845  C "C2'" . C   B 1 20 ? 16.012  7.260   -14.924 1.00 29.98 ? 43  C   B "C2'" 1 
ATOM   846  O "O2'" . C   B 1 20 ? 16.069  6.034   -15.616 1.00 34.44 ? 43  C   B "O2'" 1 
ATOM   847  C "C1'" . C   B 1 20 ? 15.306  7.037   -13.594 1.00 29.67 ? 43  C   B "C1'" 1 
ATOM   848  N N1    . C   B 1 20 ? 14.528  8.207   -13.188 1.00 25.35 ? 43  C   B N1    1 
ATOM   849  C C2    . C   B 1 20 ? 13.259  8.377   -13.720 1.00 25.90 ? 43  C   B C2    1 
ATOM   850  O O2    . C   B 1 20 ? 12.854  7.562   -14.571 1.00 27.62 ? 43  C   B O2    1 
ATOM   851  N N3    . C   B 1 20 ? 12.503  9.417   -13.309 1.00 24.45 ? 43  C   B N3    1 
ATOM   852  C C4    . C   B 1 20 ? 12.990  10.279  -12.414 1.00 24.98 ? 43  C   B C4    1 
ATOM   853  N N4    . C   B 1 20 ? 12.203  11.277  -12.007 1.00 24.79 ? 43  C   B N4    1 
ATOM   854  C C5    . C   B 1 20 ? 14.301  10.150  -11.884 1.00 26.38 ? 43  C   B C5    1 
ATOM   855  C C6    . C   B 1 20 ? 15.029  9.108   -12.294 1.00 27.03 ? 43  C   B C6    1 
ATOM   856  P P     . G   B 1 21 ? 18.555  8.701   -16.564 1.00 38.05 ? 44  G   B P     1 
ATOM   857  O OP1   . G   B 1 21 ? 19.705  8.294   -17.402 1.00 38.63 ? 44  G   B OP1   1 
ATOM   858  O OP2   . G   B 1 21 ? 18.605  9.982   -15.822 1.00 36.37 ? 44  G   B OP2   1 
ATOM   859  O "O5'" . G   B 1 21 ? 17.218  8.644   -17.434 1.00 35.44 ? 44  G   B "O5'" 1 
ATOM   860  C "C5'" . G   B 1 21 ? 16.930  7.509   -18.248 1.00 34.93 ? 44  G   B "C5'" 1 
ATOM   861  C "C4'" . G   B 1 21 ? 15.589  7.664   -18.938 1.00 34.94 ? 44  G   B "C4'" 1 
ATOM   862  O "O4'" . G   B 1 21 ? 14.514  7.674   -17.955 1.00 34.88 ? 44  G   B "O4'" 1 
ATOM   863  C "C3'" . G   B 1 21 ? 15.374  8.943   -19.729 1.00 34.64 ? 44  G   B "C3'" 1 
ATOM   864  O "O3'" . G   B 1 21 ? 15.963  8.867   -21.025 1.00 37.65 ? 44  G   B "O3'" 1 
ATOM   865  C "C2'" . G   B 1 21 ? 13.854  9.016   -19.796 1.00 32.34 ? 44  G   B "C2'" 1 
ATOM   866  O "O2'" . G   B 1 21 ? 13.313  8.145   -20.767 1.00 30.45 ? 44  G   B "O2'" 1 
ATOM   867  C "C1'" . G   B 1 21 ? 13.470  8.531   -18.395 1.00 31.77 ? 44  G   B "C1'" 1 
ATOM   868  N N9    . G   B 1 21 ? 13.364  9.622   -17.436 1.00 29.14 ? 44  G   B N9    1 
ATOM   869  C C8    . G   B 1 21 ? 14.315  9.992   -16.519 1.00 28.49 ? 44  G   B C8    1 
ATOM   870  N N7    . G   B 1 21 ? 13.946  11.002  -15.779 1.00 28.86 ? 44  G   B N7    1 
ATOM   871  C C5    . G   B 1 21 ? 12.674  11.315  -16.234 1.00 28.37 ? 44  G   B C5    1 
ATOM   872  C C6    . G   B 1 21 ? 11.768  12.315  -15.799 1.00 29.08 ? 44  G   B C6    1 
ATOM   873  O O6    . G   B 1 21 ? 11.905  13.131  -14.876 1.00 30.68 ? 44  G   B O6    1 
ATOM   874  N N1    . G   B 1 21 ? 10.597  12.304  -16.547 1.00 27.07 ? 44  G   B N1    1 
ATOM   875  C C2    . G   B 1 21 ? 10.321  11.431  -17.567 1.00 26.87 ? 44  G   B C2    1 
ATOM   876  N N2    . G   B 1 21 ? 9.127   11.581  -18.156 1.00 27.40 ? 44  G   B N2    1 
ATOM   877  N N3    . G   B 1 21 ? 11.151  10.482  -17.974 1.00 27.67 ? 44  G   B N3    1 
ATOM   878  C C4    . G   B 1 21 ? 12.303  10.482  -17.266 1.00 28.26 ? 44  G   B C4    1 
ATOM   879  P P     . C   B 1 22 ? 16.549  10.204  -21.711 1.00 39.82 ? 45  C   B P     1 
ATOM   880  O OP1   . C   B 1 22 ? 17.215  9.796   -22.974 1.00 39.95 ? 45  C   B OP1   1 
ATOM   881  O OP2   . C   B 1 22 ? 17.308  10.990  -20.705 1.00 38.14 ? 45  C   B OP2   1 
ATOM   882  O "O5'" . C   B 1 22 ? 15.244  11.040  -22.077 1.00 39.81 ? 45  C   B "O5'" 1 
ATOM   883  C "C5'" . C   B 1 22 ? 14.313  10.552  -23.032 1.00 40.99 ? 45  C   B "C5'" 1 
ATOM   884  C "C4'" . C   B 1 22 ? 13.085  11.428  -23.054 1.00 43.32 ? 45  C   B "C4'" 1 
ATOM   885  O "O4'" . C   B 1 22 ? 12.484  11.447  -21.732 1.00 43.34 ? 45  C   B "O4'" 1 
ATOM   886  C "C3'" . C   B 1 22 ? 13.316  12.900  -23.342 1.00 44.22 ? 45  C   B "C3'" 1 
ATOM   887  O "O3'" . C   B 1 22 ? 13.554  13.179  -24.731 1.00 46.58 ? 45  C   B "O3'" 1 
ATOM   888  C "C2'" . C   B 1 22 ? 12.044  13.530  -22.791 1.00 44.18 ? 45  C   B "C2'" 1 
ATOM   889  O "O2'" . C   B 1 22 ? 10.953  13.397  -23.678 1.00 46.47 ? 45  C   B "O2'" 1 
ATOM   890  C "C1'" . C   B 1 22 ? 11.793  12.672  -21.546 1.00 41.98 ? 45  C   B "C1'" 1 
ATOM   891  N N1    . C   B 1 22 ? 12.271  13.292  -20.301 1.00 39.20 ? 45  C   B N1    1 
ATOM   892  C C2    . C   B 1 22 ? 11.447  14.215  -19.652 1.00 38.00 ? 45  C   B C2    1 
ATOM   893  O O2    . C   B 1 22 ? 10.339  14.478  -20.142 1.00 39.83 ? 45  C   B O2    1 
ATOM   894  N N3    . C   B 1 22 ? 11.874  14.796  -18.508 1.00 35.20 ? 45  C   B N3    1 
ATOM   895  C C4    . C   B 1 22 ? 13.067  14.480  -18.008 1.00 36.17 ? 45  C   B C4    1 
ATOM   896  N N4    . C   B 1 22 ? 13.442  15.067  -16.870 1.00 36.43 ? 45  C   B N4    1 
ATOM   897  C C5    . C   B 1 22 ? 13.931  13.544  -18.649 1.00 36.53 ? 45  C   B C5    1 
ATOM   898  C C6    . C   B 1 22 ? 13.497  12.979  -19.785 1.00 38.37 ? 45  C   B C6    1 
HETATM 899  O O1    . RIO C 2 .  ? -9.278  -9.149  2.072   1.00 38.48 ? 54  RIO A O1    1 
HETATM 900  C C1    . RIO C 2 .  ? -8.529  -8.527  3.126   1.00 38.02 ? 54  RIO A C1    1 
HETATM 901  C C2    . RIO C 2 .  ? -9.376  -8.753  4.376   1.00 36.58 ? 54  RIO A C2    1 
HETATM 902  O O2    . RIO C 2 .  ? -9.309  -10.159 4.945   1.00 35.82 ? 54  RIO A O2    1 
HETATM 903  C C3    . RIO C 2 .  ? -8.579  -10.247 6.107   1.00 35.60 ? 54  RIO A C3    1 
HETATM 904  O O3    . RIO C 2 .  ? -7.607  -11.252 6.196   1.00 34.59 ? 54  RIO A O3    1 
HETATM 905  C C4    . RIO C 2 .  ? -7.928  -12.682 6.522   1.00 33.10 ? 54  RIO A C4    1 
HETATM 906  C C5    . RIO C 2 .  ? -7.709  -12.895 8.049   1.00 34.73 ? 54  RIO A C5    1 
HETATM 907  O O4    . RIO C 2 .  ? -8.596  -12.003 8.821   1.00 35.58 ? 54  RIO A O4    1 
HETATM 908  C C6    . RIO C 2 .  ? -8.026  -14.421 8.452   1.00 32.31 ? 54  RIO A C6    1 
HETATM 909  N N1    . RIO C 2 .  ? -7.813  -14.656 9.980   1.00 35.32 ? 54  RIO A N1    1 
HETATM 910  C C7    . RIO C 2 .  ? -7.056  -15.355 7.605   1.00 34.19 ? 54  RIO A C7    1 
HETATM 911  C C8    . RIO C 2 .  ? -7.300  -15.072 6.065   1.00 32.05 ? 54  RIO A C8    1 
HETATM 912  N N2    . RIO C 2 .  ? -6.366  -15.960 5.297   1.00 32.06 ? 54  RIO A N2    1 
HETATM 913  C C9    . RIO C 2 .  ? -6.966  -13.658 5.709   1.00 32.02 ? 54  RIO A C9    1 
HETATM 914  O O5    . RIO C 2 .  ? -7.200  -13.488 4.365   1.00 28.24 ? 54  RIO A O5    1 
HETATM 915  C C10   . RIO C 2 .  ? -6.823  -12.363 3.530   1.00 28.55 ? 54  RIO A C10   1 
HETATM 916  O O6    . RIO C 2 .  ? -5.420  -12.613 3.049   1.00 26.67 ? 54  RIO A O6    1 
HETATM 917  C C11   . RIO C 2 .  ? -5.242  -13.809 2.124   1.00 25.38 ? 54  RIO A C11   1 
HETATM 918  C C12   . RIO C 2 .  ? -3.772  -13.953 1.745   1.00 27.12 ? 54  RIO A C12   1 
HETATM 919  N N3    . RIO C 2 .  ? -3.061  -14.147 3.012   1.00 27.00 ? 54  RIO A N3    1 
HETATM 920  C C13   . RIO C 2 .  ? -6.132  -13.583 0.880   1.00 26.83 ? 54  RIO A C13   1 
HETATM 921  O O7    . RIO C 2 .  ? -6.017  -14.671 0.004   1.00 25.28 ? 54  RIO A O7    1 
HETATM 922  C C14   . RIO C 2 .  ? -7.586  -13.399 1.283   1.00 27.05 ? 54  RIO A C14   1 
HETATM 923  O O8    . RIO C 2 .  ? -8.440  -13.161 0.082   1.00 27.45 ? 54  RIO A O8    1 
HETATM 924  C C15   . RIO C 2 .  ? -7.680  -12.203 2.248   1.00 26.88 ? 54  RIO A C15   1 
HETATM 925  N N4    . RIO C 2 .  ? -9.110  -11.965 2.689   1.00 29.21 ? 54  RIO A N4    1 
HETATM 926  C C16   . RIO C 2 .  ? -8.062  -8.843  6.375   1.00 35.51 ? 54  RIO A C16   1 
HETATM 927  O O9    . RIO C 2 .  ? -7.922  -8.630  7.733   1.00 33.15 ? 54  RIO A O9    1 
HETATM 928  C C17   . RIO C 2 .  ? -9.063  -7.912  5.619   1.00 36.05 ? 54  RIO A C17   1 
HETATM 929  O O10   . RIO C 2 .  ? -10.227 -7.750  6.479   1.00 36.76 ? 54  RIO A O10   1 
HETATM 930  S S     . SO4 D 3 .  ? 6.793   21.423  6.586   1.00 75.87 ? 55  SO4 B S     1 
HETATM 931  O O1    . SO4 D 3 .  ? 5.618   20.524  6.534   1.00 76.36 ? 55  SO4 B O1    1 
HETATM 932  O O2    . SO4 D 3 .  ? 6.422   22.706  7.212   1.00 76.50 ? 55  SO4 B O2    1 
HETATM 933  O O3    . SO4 D 3 .  ? 7.856   20.797  7.391   1.00 77.42 ? 55  SO4 B O3    1 
HETATM 934  O O4    . SO4 D 3 .  ? 7.292   21.665  5.217   1.00 76.32 ? 55  SO4 B O4    1 
HETATM 935  O O1    . RIO E 2 .  ? 3.539   10.072  -4.250  1.00 34.09 ? 51  RIO B O1    1 
HETATM 936  C C1    . RIO E 2 .  ? 2.357   10.774  -4.668  1.00 30.84 ? 51  RIO B C1    1 
HETATM 937  C C2    . RIO E 2 .  ? 2.680   11.311  -6.067  1.00 28.60 ? 51  RIO B C2    1 
HETATM 938  O O2    . RIO E 2 .  ? 3.951   12.161  -6.175  1.00 28.95 ? 51  RIO B O2    1 
HETATM 939  C C3    . RIO E 2 .  ? 4.974   11.555  -6.858  1.00 26.17 ? 51  RIO B C3    1 
HETATM 940  O O3    . RIO E 2 .  ? 6.255   11.593  -6.305  1.00 25.71 ? 51  RIO B O3    1 
HETATM 941  C C4    . RIO E 2 .  ? 7.210   12.753  -6.435  1.00 22.30 ? 51  RIO B C4    1 
HETATM 942  C C5    . RIO E 2 .  ? 8.167   12.477  -7.624  1.00 21.96 ? 51  RIO B C5    1 
HETATM 943  O O4    . RIO E 2 .  ? 7.387   12.361  -8.868  1.00 21.91 ? 51  RIO B O4    1 
HETATM 944  C C6    . RIO E 2 .  ? 9.237   13.679  -7.779  1.00 32.31 ? 51  RIO B C6    1 
HETATM 945  N N1    . RIO E 2 .  ? 10.216  13.425  -8.972  1.00 16.43 ? 51  RIO B N1    1 
HETATM 946  C C7    . RIO E 2 .  ? 10.047  13.765  -6.414  1.00 20.12 ? 51  RIO B C7    1 
HETATM 947  C C8    . RIO E 2 .  ? 9.013   14.012  -5.242  1.00 20.30 ? 51  RIO B C8    1 
HETATM 948  N N2    . RIO E 2 .  ? 9.783   14.077  -3.969  1.00 18.32 ? 51  RIO B N2    1 
HETATM 949  C C9    . RIO E 2 .  ? 8.052   12.892  -5.105  1.00 22.29 ? 51  RIO B C9    1 
HETATM 950  O O5    . RIO E 2 .  ? 7.194   13.190  -4.076  1.00 23.82 ? 51  RIO B O5    1 
HETATM 951  C C10   . RIO E 2 .  ? 6.286   12.290  -3.412  1.00 22.08 ? 51  RIO B C10   1 
HETATM 952  O O6    . RIO E 2 .  ? 7.076   11.508  -2.394  1.00 18.63 ? 51  RIO B O6    1 
HETATM 953  C C11   . RIO E 2 .  ? 7.568   12.285  -1.176  1.00 18.30 ? 51  RIO B C11   1 
HETATM 954  C C12   . RIO E 2 .  ? 8.356   11.353  -0.277  1.00 18.05 ? 51  RIO B C12   1 
HETATM 955  N N3    . RIO E 2 .  ? 9.461   10.881  -1.101  1.00 16.35 ? 51  RIO B N3    1 
HETATM 956  C C13   . RIO E 2 .  ? 6.333   12.885  -0.454  1.00 19.87 ? 51  RIO B C13   1 
HETATM 957  O O7    . RIO E 2 .  ? 6.729   13.618  0.668   1.00 24.16 ? 51  RIO B O7    1 
HETATM 958  C C14   . RIO E 2 .  ? 5.558   13.787  -1.389  1.00 19.98 ? 51  RIO B C14   1 
HETATM 959  O O8    . RIO E 2 .  ? 4.359   14.351  -0.695  1.00 22.23 ? 51  RIO B O8    1 
HETATM 960  C C15   . RIO E 2 .  ? 5.127   12.966  -2.615  1.00 20.55 ? 51  RIO B C15   1 
HETATM 961  N N4    . RIO E 2 .  ? 4.342   13.804  -3.603  1.00 22.36 ? 51  RIO B N4    1 
HETATM 962  C C16   . RIO E 2 .  ? 4.455   10.163  -7.208  1.00 26.67 ? 51  RIO B C16   1 
HETATM 963  O O9    . RIO E 2 .  ? 5.022   9.701   -8.364  1.00 26.11 ? 51  RIO B O9    1 
HETATM 964  C C17   . RIO E 2 .  ? 2.898   10.299  -7.212  1.00 27.91 ? 51  RIO B C17   1 
HETATM 965  O O10   . RIO E 2 .  ? 2.536   10.836  -8.523  1.00 27.78 ? 51  RIO B O10   1 
HETATM 966  O O1    . RIO F 2 .  ? 0.985   6.836   -5.017  1.00 24.26 ? 52  RIO B O1    1 
HETATM 967  C C1    . RIO F 2 .  ? 2.275   7.115   -5.562  1.00 24.82 ? 52  RIO B C1    1 
HETATM 968  C C2    . RIO F 2 .  ? 3.140   5.910   -5.217  1.00 23.38 ? 52  RIO B C2    1 
HETATM 969  O O2    . RIO F 2 .  ? 2.542   4.588   -5.684  1.00 26.08 ? 52  RIO B O2    1 
HETATM 970  C C3    . RIO F 2 .  ? 3.497   3.643   -5.977  1.00 24.41 ? 52  RIO B C3    1 
HETATM 971  O O3    . RIO F 2 .  ? 3.447   3.178   -7.296  1.00 23.78 ? 52  RIO B O3    1 
HETATM 972  C C4    . RIO F 2 .  ? 2.731   1.977   -7.819  1.00 23.66 ? 52  RIO B C4    1 
HETATM 973  C C5    . RIO F 2 .  ? 3.808   1.014   -8.385  1.00 23.22 ? 52  RIO B C5    1 
HETATM 974  O O4    . RIO F 2 .  ? 4.717   0.641   -7.320  1.00 22.94 ? 52  RIO B O4    1 
HETATM 975  C C6    . RIO F 2 .  ? 3.138   -0.312  -8.992  1.00 32.31 ? 52  RIO B C6    1 
HETATM 976  N N1    . RIO F 2 .  ? 4.212   -1.289  -9.576  1.00 26.96 ? 52  RIO B N1    1 
HETATM 977  C C7    . RIO F 2 .  ? 2.133   0.129   -10.130 1.00 24.26 ? 52  RIO B C7    1 
HETATM 978  C C8    . RIO F 2 .  ? 1.071   1.140   -9.499  1.00 24.01 ? 52  RIO B C8    1 
HETATM 979  N N2    . RIO F 2 .  ? 0.139   1.532   -10.593 1.00 23.90 ? 52  RIO B N2    1 
HETATM 980  C C9    . RIO F 2 .  ? 1.740   2.384   -9.001  1.00 23.45 ? 52  RIO B C9    1 
HETATM 981  O O5    . RIO F 2 .  ? 0.781   3.224   -8.492  1.00 27.32 ? 52  RIO B O5    1 
HETATM 982  C C10   . RIO F 2 .  ? 0.847   4.668   -8.394  1.00 27.49 ? 52  RIO B C10   1 
HETATM 983  O O6    . RIO F 2 .  ? 0.831   5.287   -9.790  1.00 28.45 ? 52  RIO B O6    1 
HETATM 984  C C11   . RIO F 2 .  ? -0.463  5.124   -10.591 1.00 30.34 ? 52  RIO B C11   1 
HETATM 985  C C12   . RIO F 2 .  ? -0.354  5.800   -11.952 1.00 32.26 ? 52  RIO B C12   1 
HETATM 986  N N3    . RIO F 2 .  ? 0.757   5.179   -12.649 1.00 37.98 ? 52  RIO B N3    1 
HETATM 987  C C13   . RIO F 2 .  ? -1.619  5.729   -9.771  1.00 29.42 ? 52  RIO B C13   1 
HETATM 988  O O7    . RIO F 2 .  ? -2.823  5.566   -10.466 1.00 30.15 ? 52  RIO B O7    1 
HETATM 989  C C14   . RIO F 2 .  ? -1.713  5.075   -8.401  1.00 26.86 ? 52  RIO B C14   1 
HETATM 990  O O8    . RIO F 2 .  ? -2.820  5.681   -7.631  1.00 28.40 ? 52  RIO B O8    1 
HETATM 991  C C15   . RIO F 2 .  ? -0.365  5.282   -7.661  1.00 28.82 ? 52  RIO B C15   1 
HETATM 992  N N4    . RIO F 2 .  ? -0.384  4.676   -6.284  1.00 26.44 ? 52  RIO B N4    1 
HETATM 993  C C16   . RIO F 2 .  ? 4.812   4.314   -5.643  1.00 24.69 ? 52  RIO B C16   1 
HETATM 994  O O9    . RIO F 2 .  ? 5.199   3.953   -4.360  1.00 25.84 ? 52  RIO B O9    1 
HETATM 995  C C17   . RIO F 2 .  ? 4.511   5.835   -5.877  1.00 23.83 ? 52  RIO B C17   1 
HETATM 996  O O10   . RIO F 2 .  ? 5.523   6.592   -5.164  1.00 24.62 ? 52  RIO B O10   1 
HETATM 997  O O1    . RIO G 2 .  ? -6.885  -4.716  3.629   1.00 38.23 ? 53  RIO B O1    1 
HETATM 998  C C1    . RIO G 2 .  ? -6.569  -5.685  4.626   1.00 36.72 ? 53  RIO B C1    1 
HETATM 999  C C2    . RIO G 2 .  ? -5.065  -5.582  4.863   1.00 36.89 ? 53  RIO B C2    1 
HETATM 1000 O O2    . RIO G 2 .  ? -4.595  -4.172  5.203   1.00 35.50 ? 53  RIO B O2    1 
HETATM 1001 C C3    . RIO G 2 .  ? -3.475  -4.171  6.003   1.00 36.69 ? 53  RIO B C3    1 
HETATM 1002 O O3    . RIO G 2 .  ? -3.668  -3.519  7.236   1.00 35.52 ? 53  RIO B O3    1 
HETATM 1003 C C4    . RIO G 2 .  ? -3.392  -2.095  7.586   1.00 33.69 ? 53  RIO B C4    1 
HETATM 1004 C C5    . RIO G 2 .  ? -2.315  -2.099  8.693   1.00 32.48 ? 53  RIO B C5    1 
HETATM 1005 O O4    . RIO G 2 .  ? -1.093  -2.727  8.184   1.00 30.39 ? 53  RIO B O4    1 
HETATM 1006 C C6    . RIO G 2 .  ? -1.971  -0.601  9.172   1.00 32.31 ? 53  RIO B C6    1 
HETATM 1007 N N1    . RIO G 2 .  ? -0.877  -0.596  10.302  1.00 31.60 ? 53  RIO B N1    1 
HETATM 1008 C C7    . RIO G 2 .  ? -3.325  0.058   9.698   1.00 33.44 ? 53  RIO B C7    1 
HETATM 1009 C C8    . RIO G 2 .  ? -4.401  0.004   8.519   1.00 32.85 ? 53  RIO B C8    1 
HETATM 1010 N N2    . RIO G 2 .  ? -5.662  0.620   9.040   1.00 33.23 ? 53  RIO B N2    1 
HETATM 1011 C C9    . RIO G 2 .  ? -4.719  -1.404  8.144   1.00 34.94 ? 53  RIO B C9    1 
HETATM 1012 O O5    . RIO G 2 .  ? -5.658  -1.384  7.137   1.00 36.06 ? 53  RIO B O5    1 
HETATM 1013 C C10   . RIO G 2 .  ? -6.618  -2.412  6.809   1.00 36.31 ? 53  RIO B C10   1 
HETATM 1014 O O6    . RIO G 2 .  ? -7.686  -2.465  7.884   1.00 35.53 ? 53  RIO B O6    1 
HETATM 1015 C C11   . RIO G 2 .  ? -8.636  -1.262  7.970   1.00 37.99 ? 53  RIO B C11   1 
HETATM 1016 C C12   . RIO G 2 .  ? -9.659  -1.460  9.085   1.00 39.77 ? 53  RIO B C12   1 
HETATM 1017 N N3    . RIO G 2 .  ? -8.903  -1.584  10.315  1.00 42.20 ? 53  RIO B N3    1 
HETATM 1018 C C13   . RIO G 2 .  ? -9.335  -1.109  6.609   1.00 37.78 ? 53  RIO B C13   1 
HETATM 1019 O O7    . RIO G 2 .  ? -10.197 -0.009  6.654   1.00 37.84 ? 53  RIO B O7    1 
HETATM 1020 C C14   . RIO G 2 .  ? -8.312  -0.933  5.491   1.00 37.22 ? 53  RIO B C14   1 
HETATM 1021 O O8    . RIO G 2 .  ? -8.998  -0.792  4.175   1.00 36.51 ? 53  RIO B O8    1 
HETATM 1022 C C15   . RIO G 2 .  ? -7.383  -2.172  5.481   1.00 37.01 ? 53  RIO B C15   1 
HETATM 1023 N N4    . RIO G 2 .  ? -6.347  -2.079  4.385   1.00 37.15 ? 53  RIO B N4    1 
HETATM 1024 C C16   . RIO G 2 .  ? -3.115  -5.642  6.181   1.00 36.64 ? 53  RIO B C16   1 
HETATM 1025 O O9    . RIO G 2 .  ? -2.139  -6.012  5.265   1.00 37.08 ? 53  RIO B O9    1 
HETATM 1026 C C17   . RIO G 2 .  ? -4.499  -6.353  6.063   1.00 36.73 ? 53  RIO B C17   1 
HETATM 1027 O O10   . RIO G 2 .  ? -4.256  -7.757  5.776   1.00 35.98 ? 53  RIO B O10   1 
HETATM 1028 O O     . HOH H 4 .  ? 12.647  5.948   -11.636 1.00 19.47 ? 300 HOH A O     1 
HETATM 1029 O O     . HOH H 4 .  ? 6.952   1.777   -3.849  1.00 22.12 ? 308 HOH A O     1 
HETATM 1030 O O     . HOH H 4 .  ? 1.087   9.484   -12.363 1.00 34.08 ? 309 HOH A O     1 
HETATM 1031 O O     . HOH H 4 .  ? 9.769   6.920   4.640   1.00 35.18 ? 310 HOH A O     1 
HETATM 1032 O O     . HOH H 4 .  ? 13.472  4.164   -8.119  1.00 32.97 ? 312 HOH A O     1 
HETATM 1033 O O     . HOH H 4 .  ? -0.134  0.533   1.806   1.00 26.08 ? 313 HOH A O     1 
HETATM 1034 O O     . HOH H 4 .  ? -11.688 -15.091 0.934   1.00 34.02 ? 315 HOH A O     1 
HETATM 1035 O O     . HOH H 4 .  ? -13.875 -13.736 0.927   1.00 49.10 ? 316 HOH A O     1 
HETATM 1036 O O     . HOH H 4 .  ? -10.088 -13.589 11.297  1.00 32.18 ? 318 HOH A O     1 
HETATM 1037 O O     . HOH H 4 .  ? 6.625   12.877  -12.066 1.00 19.87 ? 319 HOH A O     1 
HETATM 1038 O O     . HOH H 4 .  ? 4.981   1.135   3.200   1.00 29.29 ? 320 HOH A O     1 
HETATM 1039 O O     . HOH H 4 .  ? 2.697   -0.251  -0.443  1.00 50.74 ? 321 HOH A O     1 
HETATM 1040 O O     . HOH H 4 .  ? -11.128 -12.167 0.987   1.00 32.00 ? 322 HOH A O     1 
HETATM 1041 O O     . HOH H 4 .  ? 2.977   9.302   4.618   1.00 34.79 ? 323 HOH A O     1 
HETATM 1042 O O     . HOH H 4 .  ? -15.776 -9.775  0.306   1.00 31.55 ? 328 HOH A O     1 
HETATM 1043 O O     . HOH H 4 .  ? -5.110  0.671   4.545   1.00 47.57 ? 330 HOH A O     1 
HETATM 1044 O O     . HOH H 4 .  ? -1.357  -1.338  3.778   1.00 35.81 ? 337 HOH A O     1 
HETATM 1045 O O     . HOH H 4 .  ? -9.679  -2.084  -4.025  1.00 33.07 ? 338 HOH A O     1 
HETATM 1046 O O     . HOH H 4 .  ? -1.402  2.430   11.807  1.00 37.74 ? 341 HOH A O     1 
HETATM 1047 O O     . HOH H 4 .  ? -12.789 -9.146  6.476   1.00 34.37 ? 342 HOH A O     1 
HETATM 1048 O O     . HOH H 4 .  ? -4.480  -18.070 16.976  1.00 46.58 ? 343 HOH A O     1 
HETATM 1049 O O     . HOH H 4 .  ? 6.208   17.241  -20.245 1.00 37.72 ? 344 HOH A O     1 
HETATM 1050 O O     . HOH H 4 .  ? 5.363   11.417  -20.992 1.00 40.48 ? 352 HOH A O     1 
HETATM 1051 O O     . HOH H 4 .  ? -5.542  -17.759 9.285   1.00 31.70 ? 355 HOH A O     1 
HETATM 1052 O O     . HOH H 4 .  ? -4.185  -16.632 3.259   1.00 22.89 ? 356 HOH A O     1 
HETATM 1053 O O     . HOH H 4 .  ? -2.284  -10.778 14.828  1.00 29.24 ? 358 HOH A O     1 
HETATM 1054 O O     . HOH H 4 .  ? -6.978  -16.464 15.977  1.00 52.20 ? 360 HOH A O     1 
HETATM 1055 O O     . HOH H 4 .  ? -12.577 -10.815 3.756   1.00 43.65 ? 362 HOH A O     1 
HETATM 1056 O O     . HOH H 4 .  ? -7.524  -5.956  8.041   1.00 43.79 ? 364 HOH A O     1 
HETATM 1057 O O     . HOH H 4 .  ? -9.956  -5.158  7.105   1.00 35.45 ? 365 HOH A O     1 
HETATM 1058 O O     . HOH H 4 .  ? -4.077  -1.749  2.453   1.00 46.09 ? 367 HOH A O     1 
HETATM 1059 O O     . HOH H 4 .  ? -2.148  0.832   5.360   1.00 32.41 ? 368 HOH A O     1 
HETATM 1060 O O     . HOH H 4 .  ? -4.893  3.019   9.991   1.00 30.47 ? 373 HOH A O     1 
HETATM 1061 O O     . HOH H 4 .  ? 5.443   -1.482  6.031   1.00 50.67 ? 374 HOH A O     1 
HETATM 1062 O O     . HOH H 4 .  ? 1.760   0.844   9.149   1.00 33.34 ? 375 HOH A O     1 
HETATM 1063 O O     . HOH H 4 .  ? 13.116  5.711   -1.800  1.00 34.96 ? 377 HOH A O     1 
HETATM 1064 O O     . HOH H 4 .  ? 10.253  9.030   1.058   1.00 33.57 ? 378 HOH A O     1 
HETATM 1065 O O     . HOH H 4 .  ? 4.617   8.599   -12.265 1.00 36.85 ? 385 HOH A O     1 
HETATM 1066 O O     . HOH H 4 .  ? 8.551   0.291   -14.844 1.00 40.34 ? 388 HOH A O     1 
HETATM 1067 O O     . HOH I 4 .  ? -0.367  -0.795  -11.728 1.00 28.70 ? 301 HOH B O     1 
HETATM 1068 O O     . HOH I 4 .  ? 2.730   -3.093  -10.834 1.00 33.04 ? 302 HOH B O     1 
HETATM 1069 O O     . HOH I 4 .  ? 1.219   8.790   -9.784  1.00 27.64 ? 303 HOH B O     1 
HETATM 1070 O O     . HOH I 4 .  ? 3.810   -1.193  -5.459  1.00 32.94 ? 304 HOH B O     1 
HETATM 1071 O O     . HOH I 4 .  ? 12.631  21.655  8.787   1.00 39.09 ? 305 HOH B O     1 
HETATM 1072 O O     . HOH I 4 .  ? -0.097  2.679   -3.650  1.00 27.87 ? 306 HOH B O     1 
HETATM 1073 O O     . HOH I 4 .  ? 3.556   7.337   -9.315  1.00 27.46 ? 307 HOH B O     1 
HETATM 1074 O O     . HOH I 4 .  ? 8.483   14.102  -10.929 1.00 25.88 ? 311 HOH B O     1 
HETATM 1075 O O     . HOH I 4 .  ? -18.605 -11.642 16.739  1.00 35.01 ? 314 HOH B O     1 
HETATM 1076 O O     . HOH I 4 .  ? -22.067 -16.228 10.754  1.00 40.06 ? 317 HOH B O     1 
HETATM 1077 O O     . HOH I 4 .  ? -5.523  -5.478  -8.066  1.00 38.10 ? 324 HOH B O     1 
HETATM 1078 O O     . HOH I 4 .  ? 13.091  5.198   -15.494 1.00 29.32 ? 325 HOH B O     1 
HETATM 1079 O O     . HOH I 4 .  ? -3.154  11.630  -9.016  1.00 42.39 ? 326 HOH B O     1 
HETATM 1080 O O     . HOH I 4 .  ? -3.449  14.738  3.162   1.00 42.18 ? 329 HOH B O     1 
HETATM 1081 O O     . HOH I 4 .  ? -8.613  -0.537  -6.239  1.00 58.93 ? 332 HOH B O     1 
HETATM 1082 O O     . HOH I 4 .  ? 1.263   -1.853  7.040   1.00 36.80 ? 333 HOH B O     1 
HETATM 1083 O O     . HOH I 4 .  ? 7.947   9.212   4.698   1.00 42.53 ? 334 HOH B O     1 
HETATM 1084 O O     . HOH I 4 .  ? -2.686  -9.728  -4.376  1.00 39.76 ? 336 HOH B O     1 
HETATM 1085 O O     . HOH I 4 .  ? 20.985  12.714  -21.026 1.00 41.91 ? 339 HOH B O     1 
HETATM 1086 O O     . HOH I 4 .  ? -0.427  8.709   -6.453  1.00 33.64 ? 340 HOH B O     1 
HETATM 1087 O O     . HOH I 4 .  ? 8.453   10.722  -10.549 1.00 32.19 ? 345 HOH B O     1 
HETATM 1088 O O     . HOH I 4 .  ? 10.518  13.531  -0.746  1.00 35.78 ? 346 HOH B O     1 
HETATM 1089 O O     . HOH I 4 .  ? 4.954   11.167  -10.616 1.00 22.18 ? 347 HOH B O     1 
HETATM 1090 O O     . HOH I 4 .  ? 1.866   3.035   -12.294 1.00 21.77 ? 348 HOH B O     1 
HETATM 1091 O O     . HOH I 4 .  ? 2.635   13.440  -10.048 1.00 34.40 ? 349 HOH B O     1 
HETATM 1092 O O     . HOH I 4 .  ? 13.619  14.614  -7.339  1.00 42.71 ? 350 HOH B O     1 
HETATM 1093 O O     . HOH I 4 .  ? 9.808   20.261  -4.302  1.00 36.41 ? 351 HOH B O     1 
HETATM 1094 O O     . HOH I 4 .  ? -7.455  -11.316 10.999  1.00 48.86 ? 353 HOH B O     1 
HETATM 1095 O O     . HOH I 4 .  ? -11.365 -11.152 10.887  1.00 28.60 ? 357 HOH B O     1 
HETATM 1096 O O     . HOH I 4 .  ? -5.457  -8.567  18.908  1.00 57.70 ? 359 HOH B O     1 
HETATM 1097 O O     . HOH I 4 .  ? -5.635  -5.129  9.508   1.00 44.81 ? 361 HOH B O     1 
HETATM 1098 O O     . HOH I 4 .  ? -6.556  -1.179  10.927  1.00 27.17 ? 363 HOH B O     1 
HETATM 1099 O O     . HOH I 4 .  ? 0.626   -5.190  5.696   1.00 36.91 ? 366 HOH B O     1 
HETATM 1100 O O     . HOH I 4 .  ? -10.221 -4.731  4.096   1.00 54.30 ? 369 HOH B O     1 
HETATM 1101 O O     . HOH I 4 .  ? 0.740   10.228  3.606   1.00 35.01 ? 370 HOH B O     1 
HETATM 1102 O O     . HOH I 4 .  ? -1.672  12.949  4.202   1.00 43.07 ? 371 HOH B O     1 
HETATM 1103 O O     . HOH I 4 .  ? -8.280  1.035   10.166  1.00 38.25 ? 372 HOH B O     1 
HETATM 1104 O O     . HOH I 4 .  ? -1.537  1.892   -6.718  1.00 27.69 ? 376 HOH B O     1 
HETATM 1105 O O     . HOH I 4 .  ? 3.095   -3.307  -6.906  1.00 39.53 ? 379 HOH B O     1 
HETATM 1106 O O     . HOH I 4 .  ? 3.259   3.415   -2.547  1.00 30.14 ? 380 HOH B O     1 
HETATM 1107 O O     . HOH I 4 .  ? 2.017   -2.977  -3.780  1.00 38.40 ? 381 HOH B O     1 
HETATM 1108 O O     . HOH I 4 .  ? 0.465   -0.479  -5.980  1.00 36.19 ? 383 HOH B O     1 
HETATM 1109 O O     . HOH I 4 .  ? 17.203  7.876   -2.570  1.00 36.83 ? 384 HOH B O     1 
HETATM 1110 O O     . HOH I 4 .  ? 6.127   16.438  -3.782  1.00 41.04 ? 386 HOH B O     1 
HETATM 1111 O O     . HOH I 4 .  ? 2.748   19.989  6.744   1.00 53.98 ? 387 HOH B O     1 
HETATM 1112 O O     . HOH I 4 .  ? 1.647   -2.097  10.738  1.00 43.11 ? 389 HOH B O     1 
HETATM 1113 O O     . HOH I 4 .  ? 0.050   -5.213  2.184   1.00 38.92 ? 390 HOH B O     1 
HETATM 1114 O O     . HOH I 4 .  ? 9.840   13.859  -26.210 1.00 48.66 ? 391 HOH B O     1 
HETATM 1115 O O     . HOH I 4 .  ? -7.913  10.078  -9.003  1.00 50.40 ? 392 HOH B O     1 
HETATM 1116 O O     . HOH I 4 .  ? 5.012   14.842  -7.633  1.00 43.49 ? 393 HOH B O     1 
HETATM 1117 O O     . HOH I 4 .  ? 2.460   -13.180 -1.514  1.00 41.80 ? 394 HOH B O     1 
HETATM 1118 O O     . HOH I 4 .  ? 11.785  5.242   -17.858 1.00 49.42 ? 395 HOH B O     1 
# 
loop_
_pdbx_poly_seq_scheme.asym_id 
_pdbx_poly_seq_scheme.entity_id 
_pdbx_poly_seq_scheme.seq_id 
_pdbx_poly_seq_scheme.mon_id 
_pdbx_poly_seq_scheme.ndb_seq_num 
_pdbx_poly_seq_scheme.pdb_seq_num 
_pdbx_poly_seq_scheme.auth_seq_num 
_pdbx_poly_seq_scheme.pdb_mon_id 
_pdbx_poly_seq_scheme.auth_mon_id 
_pdbx_poly_seq_scheme.pdb_strand_id 
_pdbx_poly_seq_scheme.pdb_ins_code 
_pdbx_poly_seq_scheme.hetero 
A 1 1  C 1  1  ?  ? ? A . n 
A 1 2  G 2  2  2  G G A . n 
A 1 3  C 3  3  3  C C A . n 
A 1 4  G 4  4  4  G G A . n 
A 1 5  U 5  5  5  U U A . n 
A 1 6  C 6  6  6  C C A . n 
A 1 7  A 7  7  7  A A A . n 
A 1 8  C 8  8  8  C C A . n 
A 1 9  A 9  9  9  A A A . n 
A 1 10 C 10 10 10 C C A . n 
A 1 11 C 11 11 11 C C A . n 
A 1 12 G 12 12 12 G G A . n 
A 1 13 G 13 13 13 G G A . n 
A 1 14 U 14 14 14 U U A . n 
A 1 15 G 15 15 15 G G A . n 
A 1 16 A 16 16 16 A A A . n 
A 1 17 A 17 17 17 A A A . n 
A 1 18 G 18 18 18 G G A . n 
A 1 19 U 19 19 19 U U A . n 
A 1 20 C 20 20 20 C C A . n 
A 1 21 G 21 21 21 G G A . n 
A 1 22 C 22 22 22 C C A . n 
B 1 1  C 1  24 ?  ? ? B . n 
B 1 2  G 2  25 25 G G B . n 
B 1 3  C 3  26 26 C C B . n 
B 1 4  G 4  27 27 G G B . n 
B 1 5  U 5  28 28 U U B . n 
B 1 6  C 6  29 29 C C B . n 
B 1 7  A 7  30 30 A A B . n 
B 1 8  C 8  31 31 C C B . n 
B 1 9  A 9  32 32 A A B . n 
B 1 10 C 10 33 33 C C B . n 
B 1 11 C 11 34 34 C C B . n 
B 1 12 G 12 35 35 G G B . n 
B 1 13 G 13 36 36 G G B . n 
B 1 14 U 14 37 37 U U B . n 
B 1 15 G 15 38 38 G G B . n 
B 1 16 A 16 39 39 A A B . n 
B 1 17 A 17 40 40 A A B . n 
B 1 18 G 18 41 41 G G B . n 
B 1 19 U 19 42 42 U U B . n 
B 1 20 C 20 43 43 C C B . n 
B 1 21 G 21 44 44 G G B . n 
B 1 22 C 22 45 45 C C B . n 
# 
loop_
_pdbx_nonpoly_scheme.asym_id 
_pdbx_nonpoly_scheme.entity_id 
_pdbx_nonpoly_scheme.mon_id 
_pdbx_nonpoly_scheme.ndb_seq_num 
_pdbx_nonpoly_scheme.pdb_seq_num 
_pdbx_nonpoly_scheme.auth_seq_num 
_pdbx_nonpoly_scheme.pdb_mon_id 
_pdbx_nonpoly_scheme.auth_mon_id 
_pdbx_nonpoly_scheme.pdb_strand_id 
_pdbx_nonpoly_scheme.pdb_ins_code 
C 2 RIO 1  54  54  RIO RIO A . 
D 3 SO4 1  55  54  SO4 SO4 B . 
E 2 RIO 1  51  51  RIO RIO B . 
F 2 RIO 1  52  52  RIO RIO B . 
G 2 RIO 1  53  53  RIO RIO B . 
H 4 HOH 1  300 300 HOH HOH A . 
H 4 HOH 2  308 308 HOH HOH A . 
H 4 HOH 3  309 309 HOH HOH A . 
H 4 HOH 4  310 310 HOH HOH A . 
H 4 HOH 5  312 312 HOH HOH A . 
H 4 HOH 6  313 313 HOH HOH A . 
H 4 HOH 7  315 315 HOH HOH A . 
H 4 HOH 8  316 316 HOH HOH A . 
H 4 HOH 9  318 318 HOH HOH A . 
H 4 HOH 10 319 319 HOH HOH A . 
H 4 HOH 11 320 320 HOH HOH A . 
H 4 HOH 12 321 321 HOH HOH A . 
H 4 HOH 13 322 322 HOH HOH A . 
H 4 HOH 14 323 323 HOH HOH A . 
H 4 HOH 15 328 328 HOH HOH A . 
H 4 HOH 16 330 330 HOH HOH A . 
H 4 HOH 17 337 337 HOH HOH A . 
H 4 HOH 18 338 338 HOH HOH A . 
H 4 HOH 19 341 341 HOH HOH A . 
H 4 HOH 20 342 342 HOH HOH A . 
H 4 HOH 21 343 343 HOH HOH A . 
H 4 HOH 22 344 344 HOH HOH A . 
H 4 HOH 23 352 352 HOH HOH A . 
H 4 HOH 24 355 355 HOH HOH A . 
H 4 HOH 25 356 356 HOH HOH A . 
H 4 HOH 26 358 358 HOH HOH A . 
H 4 HOH 27 360 360 HOH HOH A . 
H 4 HOH 28 362 362 HOH HOH A . 
H 4 HOH 29 364 364 HOH HOH A . 
H 4 HOH 30 365 365 HOH HOH A . 
H 4 HOH 31 367 367 HOH HOH A . 
H 4 HOH 32 368 368 HOH HOH A . 
H 4 HOH 33 373 373 HOH HOH A . 
H 4 HOH 34 374 374 HOH HOH A . 
H 4 HOH 35 375 375 HOH HOH A . 
H 4 HOH 36 377 377 HOH HOH A . 
H 4 HOH 37 378 378 HOH HOH A . 
H 4 HOH 38 385 385 HOH HOH A . 
H 4 HOH 39 388 388 HOH HOH A . 
I 4 HOH 1  301 301 HOH HOH B . 
I 4 HOH 2  302 302 HOH HOH B . 
I 4 HOH 3  303 303 HOH HOH B . 
I 4 HOH 4  304 304 HOH HOH B . 
I 4 HOH 5  305 305 HOH HOH B . 
I 4 HOH 6  306 306 HOH HOH B . 
I 4 HOH 7  307 307 HOH HOH B . 
I 4 HOH 8  311 311 HOH HOH B . 
I 4 HOH 9  314 314 HOH HOH B . 
I 4 HOH 10 317 317 HOH HOH B . 
I 4 HOH 11 324 324 HOH HOH B . 
I 4 HOH 12 325 325 HOH HOH B . 
I 4 HOH 13 326 326 HOH HOH B . 
I 4 HOH 14 329 329 HOH HOH B . 
I 4 HOH 15 332 332 HOH HOH B . 
I 4 HOH 16 333 333 HOH HOH B . 
I 4 HOH 17 334 334 HOH HOH B . 
I 4 HOH 18 336 336 HOH HOH B . 
I 4 HOH 19 339 339 HOH HOH B . 
I 4 HOH 20 340 340 HOH HOH B . 
I 4 HOH 21 345 345 HOH HOH B . 
I 4 HOH 22 346 346 HOH HOH B . 
I 4 HOH 23 347 347 HOH HOH B . 
I 4 HOH 24 348 348 HOH HOH B . 
I 4 HOH 25 349 349 HOH HOH B . 
I 4 HOH 26 350 350 HOH HOH B . 
I 4 HOH 27 351 351 HOH HOH B . 
I 4 HOH 28 353 353 HOH HOH B . 
I 4 HOH 29 357 357 HOH HOH B . 
I 4 HOH 30 359 359 HOH HOH B . 
I 4 HOH 31 361 361 HOH HOH B . 
I 4 HOH 32 363 363 HOH HOH B . 
I 4 HOH 33 366 366 HOH HOH B . 
I 4 HOH 34 369 369 HOH HOH B . 
I 4 HOH 35 370 370 HOH HOH B . 
I 4 HOH 36 371 371 HOH HOH B . 
I 4 HOH 37 372 372 HOH HOH B . 
I 4 HOH 38 376 376 HOH HOH B . 
I 4 HOH 39 379 379 HOH HOH B . 
I 4 HOH 40 380 380 HOH HOH B . 
I 4 HOH 41 381 381 HOH HOH B . 
I 4 HOH 42 383 383 HOH HOH B . 
I 4 HOH 43 384 384 HOH HOH B . 
I 4 HOH 44 386 386 HOH HOH B . 
I 4 HOH 45 387 387 HOH HOH B . 
I 4 HOH 46 389 389 HOH HOH B . 
I 4 HOH 47 390 390 HOH HOH B . 
I 4 HOH 48 391 391 HOH HOH B . 
I 4 HOH 49 392 392 HOH HOH B . 
I 4 HOH 50 393 393 HOH HOH B . 
I 4 HOH 51 394 394 HOH HOH B . 
I 4 HOH 52 395 395 HOH HOH B . 
# 
_struct_site_keywords.site_id   1 
_struct_site_keywords.text      BIS-INTERCALATION 
# 
_pdbx_struct_assembly.id                   1 
_pdbx_struct_assembly.details              author_defined_assembly 
_pdbx_struct_assembly.method_details       ? 
_pdbx_struct_assembly.oligomeric_details   dimeric 
_pdbx_struct_assembly.oligomeric_count     2 
# 
_pdbx_struct_assembly_gen.assembly_id       1 
_pdbx_struct_assembly_gen.oper_expression   1 
_pdbx_struct_assembly_gen.asym_id_list      A,B,C,D,E,F,G,H,I 
# 
_pdbx_struct_oper_list.id                   1 
_pdbx_struct_oper_list.type                 'identity operation' 
_pdbx_struct_oper_list.name                 1_555 
_pdbx_struct_oper_list.symmetry_operation   x,y,z 
_pdbx_struct_oper_list.matrix[1][1]         1.0000000000 
_pdbx_struct_oper_list.matrix[1][2]         0.0000000000 
_pdbx_struct_oper_list.matrix[1][3]         0.0000000000 
_pdbx_struct_oper_list.vector[1]            0.0000000000 
_pdbx_struct_oper_list.matrix[2][1]         0.0000000000 
_pdbx_struct_oper_list.matrix[2][2]         1.0000000000 
_pdbx_struct_oper_list.matrix[2][3]         0.0000000000 
_pdbx_struct_oper_list.vector[2]            0.0000000000 
_pdbx_struct_oper_list.matrix[3][1]         0.0000000000 
_pdbx_struct_oper_list.matrix[3][2]         0.0000000000 
_pdbx_struct_oper_list.matrix[3][3]         1.0000000000 
_pdbx_struct_oper_list.vector[3]            0.0000000000 
# 
loop_
_pdbx_audit_revision_history.ordinal 
_pdbx_audit_revision_history.data_content_type 
_pdbx_audit_revision_history.major_revision 
_pdbx_audit_revision_history.minor_revision 
_pdbx_audit_revision_history.revision_date 
1 'Structure model' 1 0 2005-12-13 
2 'Structure model' 1 1 2008-05-01 
3 'Structure model' 1 2 2011-07-13 
4 'Structure model' 1 3 2023-08-23 
# 
_pdbx_audit_revision_details.ordinal             1 
_pdbx_audit_revision_details.revision_ordinal    1 
_pdbx_audit_revision_details.data_content_type   'Structure model' 
_pdbx_audit_revision_details.provider            repository 
_pdbx_audit_revision_details.type                'Initial release' 
_pdbx_audit_revision_details.description         ? 
_pdbx_audit_revision_details.details             ? 
# 
loop_
_pdbx_audit_revision_group.ordinal 
_pdbx_audit_revision_group.revision_ordinal 
_pdbx_audit_revision_group.data_content_type 
_pdbx_audit_revision_group.group 
1 2 'Structure model' 'Version format compliance' 
2 3 'Structure model' 'Version format compliance' 
3 4 'Structure model' 'Data collection'           
4 4 'Structure model' 'Database references'       
5 4 'Structure model' 'Derived calculations'      
6 4 'Structure model' 'Refinement description'    
7 4 'Structure model' 'Structure summary'         
# 
loop_
_pdbx_audit_revision_category.ordinal 
_pdbx_audit_revision_category.revision_ordinal 
_pdbx_audit_revision_category.data_content_type 
_pdbx_audit_revision_category.category 
1 4 'Structure model' chem_comp                     
2 4 'Structure model' chem_comp_atom                
3 4 'Structure model' chem_comp_bond                
4 4 'Structure model' database_2                    
5 4 'Structure model' pdbx_initial_refinement_model 
6 4 'Structure model' struct_site                   
# 
loop_
_pdbx_audit_revision_item.ordinal 
_pdbx_audit_revision_item.revision_ordinal 
_pdbx_audit_revision_item.data_content_type 
_pdbx_audit_revision_item.item 
1 4 'Structure model' '_chem_comp.pdbx_synonyms'            
2 4 'Structure model' '_database_2.pdbx_DOI'                
3 4 'Structure model' '_database_2.pdbx_database_accession' 
4 4 'Structure model' '_struct_site.pdbx_auth_asym_id'      
5 4 'Structure model' '_struct_site.pdbx_auth_comp_id'      
6 4 'Structure model' '_struct_site.pdbx_auth_seq_id'       
# 
loop_
_software.name 
_software.classification 
_software.version 
_software.citation_id 
_software.pdbx_ordinal 
HKL-2000  'data collection' .   ? 1 
SCALEPACK 'data scaling'    .   ? 2 
AMoRE     phasing           .   ? 3 
CNS       refinement        1.1 ? 4 
HKL-2000  'data reduction'  .   ? 5 
# 
loop_
_pdbx_unobs_or_zero_occ_residues.id 
_pdbx_unobs_or_zero_occ_residues.PDB_model_num 
_pdbx_unobs_or_zero_occ_residues.polymer_flag 
_pdbx_unobs_or_zero_occ_residues.occupancy_flag 
_pdbx_unobs_or_zero_occ_residues.auth_asym_id 
_pdbx_unobs_or_zero_occ_residues.auth_comp_id 
_pdbx_unobs_or_zero_occ_residues.auth_seq_id 
_pdbx_unobs_or_zero_occ_residues.PDB_ins_code 
_pdbx_unobs_or_zero_occ_residues.label_asym_id 
_pdbx_unobs_or_zero_occ_residues.label_comp_id 
_pdbx_unobs_or_zero_occ_residues.label_seq_id 
1 1 Y 1 A C 1  ? A C 1 
2 1 Y 1 B C 24 ? B C 1 
# 
loop_
_chem_comp_atom.comp_id 
_chem_comp_atom.atom_id 
_chem_comp_atom.type_symbol 
_chem_comp_atom.pdbx_aromatic_flag 
_chem_comp_atom.pdbx_stereo_config 
_chem_comp_atom.pdbx_ordinal 
A   OP3    O N N 1   
A   P      P N N 2   
A   OP1    O N N 3   
A   OP2    O N N 4   
A   "O5'"  O N N 5   
A   "C5'"  C N N 6   
A   "C4'"  C N R 7   
A   "O4'"  O N N 8   
A   "C3'"  C N S 9   
A   "O3'"  O N N 10  
A   "C2'"  C N R 11  
A   "O2'"  O N N 12  
A   "C1'"  C N R 13  
A   N9     N Y N 14  
A   C8     C Y N 15  
A   N7     N Y N 16  
A   C5     C Y N 17  
A   C6     C Y N 18  
A   N6     N N N 19  
A   N1     N Y N 20  
A   C2     C Y N 21  
A   N3     N Y N 22  
A   C4     C Y N 23  
A   HOP3   H N N 24  
A   HOP2   H N N 25  
A   "H5'"  H N N 26  
A   "H5''" H N N 27  
A   "H4'"  H N N 28  
A   "H3'"  H N N 29  
A   "HO3'" H N N 30  
A   "H2'"  H N N 31  
A   "HO2'" H N N 32  
A   "H1'"  H N N 33  
A   H8     H N N 34  
A   H61    H N N 35  
A   H62    H N N 36  
A   H2     H N N 37  
C   OP3    O N N 38  
C   P      P N N 39  
C   OP1    O N N 40  
C   OP2    O N N 41  
C   "O5'"  O N N 42  
C   "C5'"  C N N 43  
C   "C4'"  C N R 44  
C   "O4'"  O N N 45  
C   "C3'"  C N S 46  
C   "O3'"  O N N 47  
C   "C2'"  C N R 48  
C   "O2'"  O N N 49  
C   "C1'"  C N R 50  
C   N1     N N N 51  
C   C2     C N N 52  
C   O2     O N N 53  
C   N3     N N N 54  
C   C4     C N N 55  
C   N4     N N N 56  
C   C5     C N N 57  
C   C6     C N N 58  
C   HOP3   H N N 59  
C   HOP2   H N N 60  
C   "H5'"  H N N 61  
C   "H5''" H N N 62  
C   "H4'"  H N N 63  
C   "H3'"  H N N 64  
C   "HO3'" H N N 65  
C   "H2'"  H N N 66  
C   "HO2'" H N N 67  
C   "H1'"  H N N 68  
C   H41    H N N 69  
C   H42    H N N 70  
C   H5     H N N 71  
C   H6     H N N 72  
G   OP3    O N N 73  
G   P      P N N 74  
G   OP1    O N N 75  
G   OP2    O N N 76  
G   "O5'"  O N N 77  
G   "C5'"  C N N 78  
G   "C4'"  C N R 79  
G   "O4'"  O N N 80  
G   "C3'"  C N S 81  
G   "O3'"  O N N 82  
G   "C2'"  C N R 83  
G   "O2'"  O N N 84  
G   "C1'"  C N R 85  
G   N9     N Y N 86  
G   C8     C Y N 87  
G   N7     N Y N 88  
G   C5     C Y N 89  
G   C6     C N N 90  
G   O6     O N N 91  
G   N1     N N N 92  
G   C2     C N N 93  
G   N2     N N N 94  
G   N3     N N N 95  
G   C4     C Y N 96  
G   HOP3   H N N 97  
G   HOP2   H N N 98  
G   "H5'"  H N N 99  
G   "H5''" H N N 100 
G   "H4'"  H N N 101 
G   "H3'"  H N N 102 
G   "HO3'" H N N 103 
G   "H2'"  H N N 104 
G   "HO2'" H N N 105 
G   "H1'"  H N N 106 
G   H8     H N N 107 
G   H1     H N N 108 
G   H21    H N N 109 
G   H22    H N N 110 
HOH O      O N N 111 
HOH H1     H N N 112 
HOH H2     H N N 113 
RIO O1     O N N 114 
RIO C1     C N N 115 
RIO C2     C N R 116 
RIO O2     O N N 117 
RIO C3     C N S 118 
RIO O3     O N N 119 
RIO C4     C N R 120 
RIO C5     C N S 121 
RIO O4     O N N 122 
RIO C6     C N R 123 
RIO N1     N N N 124 
RIO C7     C N N 125 
RIO C8     C N S 126 
RIO N2     N N N 127 
RIO C9     C N R 128 
RIO O5     O N N 129 
RIO C10    C N R 130 
RIO O6     O N N 131 
RIO C11    C N R 132 
RIO C12    C N N 133 
RIO N3     N N N 134 
RIO C13    C N S 135 
RIO O7     O N N 136 
RIO C14    C N R 137 
RIO O8     O N N 138 
RIO C15    C N R 139 
RIO N4     N N N 140 
RIO C16    C N R 141 
RIO O9     O N N 142 
RIO C17    C N S 143 
RIO O10    O N N 144 
RIO HO1    H N N 145 
RIO H1     H N N 146 
RIO H1A    H N N 147 
RIO H2     H N N 148 
RIO H3     H N N 149 
RIO H4     H N N 150 
RIO H5     H N N 151 
RIO HO4    H N N 152 
RIO H6     H N N 153 
RIO HN1    H N N 154 
RIO HN1A   H N N 155 
RIO H7     H N N 156 
RIO H7A    H N N 157 
RIO H8     H N N 158 
RIO HN2    H N N 159 
RIO HN2A   H N N 160 
RIO H9     H N N 161 
RIO H10    H N N 162 
RIO H11    H N N 163 
RIO H12    H N N 164 
RIO H12A   H N N 165 
RIO HN3    H N N 166 
RIO HN3A   H N N 167 
RIO H13    H N N 168 
RIO HO7    H N N 169 
RIO H14    H N N 170 
RIO HO8    H N N 171 
RIO H15    H N N 172 
RIO HN4    H N N 173 
RIO HN4A   H N N 174 
RIO H16    H N N 175 
RIO HO9    H N N 176 
RIO H17    H N N 177 
RIO HO10   H N N 178 
SO4 S      S N N 179 
SO4 O1     O N N 180 
SO4 O2     O N N 181 
SO4 O3     O N N 182 
SO4 O4     O N N 183 
U   OP3    O N N 184 
U   P      P N N 185 
U   OP1    O N N 186 
U   OP2    O N N 187 
U   "O5'"  O N N 188 
U   "C5'"  C N N 189 
U   "C4'"  C N R 190 
U   "O4'"  O N N 191 
U   "C3'"  C N S 192 
U   "O3'"  O N N 193 
U   "C2'"  C N R 194 
U   "O2'"  O N N 195 
U   "C1'"  C N R 196 
U   N1     N N N 197 
U   C2     C N N 198 
U   O2     O N N 199 
U   N3     N N N 200 
U   C4     C N N 201 
U   O4     O N N 202 
U   C5     C N N 203 
U   C6     C N N 204 
U   HOP3   H N N 205 
U   HOP2   H N N 206 
U   "H5'"  H N N 207 
U   "H5''" H N N 208 
U   "H4'"  H N N 209 
U   "H3'"  H N N 210 
U   "HO3'" H N N 211 
U   "H2'"  H N N 212 
U   "HO2'" H N N 213 
U   "H1'"  H N N 214 
U   H3     H N N 215 
U   H5     H N N 216 
U   H6     H N N 217 
# 
loop_
_chem_comp_bond.comp_id 
_chem_comp_bond.atom_id_1 
_chem_comp_bond.atom_id_2 
_chem_comp_bond.value_order 
_chem_comp_bond.pdbx_aromatic_flag 
_chem_comp_bond.pdbx_stereo_config 
_chem_comp_bond.pdbx_ordinal 
A   OP3   P      sing N N 1   
A   OP3   HOP3   sing N N 2   
A   P     OP1    doub N N 3   
A   P     OP2    sing N N 4   
A   P     "O5'"  sing N N 5   
A   OP2   HOP2   sing N N 6   
A   "O5'" "C5'"  sing N N 7   
A   "C5'" "C4'"  sing N N 8   
A   "C5'" "H5'"  sing N N 9   
A   "C5'" "H5''" sing N N 10  
A   "C4'" "O4'"  sing N N 11  
A   "C4'" "C3'"  sing N N 12  
A   "C4'" "H4'"  sing N N 13  
A   "O4'" "C1'"  sing N N 14  
A   "C3'" "O3'"  sing N N 15  
A   "C3'" "C2'"  sing N N 16  
A   "C3'" "H3'"  sing N N 17  
A   "O3'" "HO3'" sing N N 18  
A   "C2'" "O2'"  sing N N 19  
A   "C2'" "C1'"  sing N N 20  
A   "C2'" "H2'"  sing N N 21  
A   "O2'" "HO2'" sing N N 22  
A   "C1'" N9     sing N N 23  
A   "C1'" "H1'"  sing N N 24  
A   N9    C8     sing Y N 25  
A   N9    C4     sing Y N 26  
A   C8    N7     doub Y N 27  
A   C8    H8     sing N N 28  
A   N7    C5     sing Y N 29  
A   C5    C6     sing Y N 30  
A   C5    C4     doub Y N 31  
A   C6    N6     sing N N 32  
A   C6    N1     doub Y N 33  
A   N6    H61    sing N N 34  
A   N6    H62    sing N N 35  
A   N1    C2     sing Y N 36  
A   C2    N3     doub Y N 37  
A   C2    H2     sing N N 38  
A   N3    C4     sing Y N 39  
C   OP3   P      sing N N 40  
C   OP3   HOP3   sing N N 41  
C   P     OP1    doub N N 42  
C   P     OP2    sing N N 43  
C   P     "O5'"  sing N N 44  
C   OP2   HOP2   sing N N 45  
C   "O5'" "C5'"  sing N N 46  
C   "C5'" "C4'"  sing N N 47  
C   "C5'" "H5'"  sing N N 48  
C   "C5'" "H5''" sing N N 49  
C   "C4'" "O4'"  sing N N 50  
C   "C4'" "C3'"  sing N N 51  
C   "C4'" "H4'"  sing N N 52  
C   "O4'" "C1'"  sing N N 53  
C   "C3'" "O3'"  sing N N 54  
C   "C3'" "C2'"  sing N N 55  
C   "C3'" "H3'"  sing N N 56  
C   "O3'" "HO3'" sing N N 57  
C   "C2'" "O2'"  sing N N 58  
C   "C2'" "C1'"  sing N N 59  
C   "C2'" "H2'"  sing N N 60  
C   "O2'" "HO2'" sing N N 61  
C   "C1'" N1     sing N N 62  
C   "C1'" "H1'"  sing N N 63  
C   N1    C2     sing N N 64  
C   N1    C6     sing N N 65  
C   C2    O2     doub N N 66  
C   C2    N3     sing N N 67  
C   N3    C4     doub N N 68  
C   C4    N4     sing N N 69  
C   C4    C5     sing N N 70  
C   N4    H41    sing N N 71  
C   N4    H42    sing N N 72  
C   C5    C6     doub N N 73  
C   C5    H5     sing N N 74  
C   C6    H6     sing N N 75  
G   OP3   P      sing N N 76  
G   OP3   HOP3   sing N N 77  
G   P     OP1    doub N N 78  
G   P     OP2    sing N N 79  
G   P     "O5'"  sing N N 80  
G   OP2   HOP2   sing N N 81  
G   "O5'" "C5'"  sing N N 82  
G   "C5'" "C4'"  sing N N 83  
G   "C5'" "H5'"  sing N N 84  
G   "C5'" "H5''" sing N N 85  
G   "C4'" "O4'"  sing N N 86  
G   "C4'" "C3'"  sing N N 87  
G   "C4'" "H4'"  sing N N 88  
G   "O4'" "C1'"  sing N N 89  
G   "C3'" "O3'"  sing N N 90  
G   "C3'" "C2'"  sing N N 91  
G   "C3'" "H3'"  sing N N 92  
G   "O3'" "HO3'" sing N N 93  
G   "C2'" "O2'"  sing N N 94  
G   "C2'" "C1'"  sing N N 95  
G   "C2'" "H2'"  sing N N 96  
G   "O2'" "HO2'" sing N N 97  
G   "C1'" N9     sing N N 98  
G   "C1'" "H1'"  sing N N 99  
G   N9    C8     sing Y N 100 
G   N9    C4     sing Y N 101 
G   C8    N7     doub Y N 102 
G   C8    H8     sing N N 103 
G   N7    C5     sing Y N 104 
G   C5    C6     sing N N 105 
G   C5    C4     doub Y N 106 
G   C6    O6     doub N N 107 
G   C6    N1     sing N N 108 
G   N1    C2     sing N N 109 
G   N1    H1     sing N N 110 
G   C2    N2     sing N N 111 
G   C2    N3     doub N N 112 
G   N2    H21    sing N N 113 
G   N2    H22    sing N N 114 
G   N3    C4     sing N N 115 
HOH O     H1     sing N N 116 
HOH O     H2     sing N N 117 
RIO O1    C1     sing N N 118 
RIO C1    C2     sing N N 119 
RIO C2    O2     sing N N 120 
RIO C2    C17    sing N N 121 
RIO O2    C3     sing N N 122 
RIO C3    O3     sing N N 123 
RIO C3    C16    sing N N 124 
RIO O3    C4     sing N N 125 
RIO C4    C5     sing N N 126 
RIO C4    C9     sing N N 127 
RIO C5    O4     sing N N 128 
RIO C5    C6     sing N N 129 
RIO C6    N1     sing N N 130 
RIO C6    C7     sing N N 131 
RIO C7    C8     sing N N 132 
RIO C8    N2     sing N N 133 
RIO C8    C9     sing N N 134 
RIO C9    O5     sing N N 135 
RIO O5    C10    sing N N 136 
RIO C10   O6     sing N N 137 
RIO C10   C15    sing N N 138 
RIO O6    C11    sing N N 139 
RIO C11   C12    sing N N 140 
RIO C11   C13    sing N N 141 
RIO C12   N3     sing N N 142 
RIO C13   O7     sing N N 143 
RIO C13   C14    sing N N 144 
RIO C14   O8     sing N N 145 
RIO C14   C15    sing N N 146 
RIO C15   N4     sing N N 147 
RIO C16   O9     sing N N 148 
RIO C16   C17    sing N N 149 
RIO C17   O10    sing N N 150 
RIO O1    HO1    sing N N 151 
RIO C1    H1     sing N N 152 
RIO C1    H1A    sing N N 153 
RIO C2    H2     sing N N 154 
RIO C3    H3     sing N N 155 
RIO C4    H4     sing N N 156 
RIO C5    H5     sing N N 157 
RIO O4    HO4    sing N N 158 
RIO C6    H6     sing N N 159 
RIO N1    HN1    sing N N 160 
RIO N1    HN1A   sing N N 161 
RIO C7    H7     sing N N 162 
RIO C7    H7A    sing N N 163 
RIO C8    H8     sing N N 164 
RIO N2    HN2    sing N N 165 
RIO N2    HN2A   sing N N 166 
RIO C9    H9     sing N N 167 
RIO C10   H10    sing N N 168 
RIO C11   H11    sing N N 169 
RIO C12   H12    sing N N 170 
RIO C12   H12A   sing N N 171 
RIO N3    HN3    sing N N 172 
RIO N3    HN3A   sing N N 173 
RIO C13   H13    sing N N 174 
RIO O7    HO7    sing N N 175 
RIO C14   H14    sing N N 176 
RIO O8    HO8    sing N N 177 
RIO C15   H15    sing N N 178 
RIO N4    HN4    sing N N 179 
RIO N4    HN4A   sing N N 180 
RIO C16   H16    sing N N 181 
RIO O9    HO9    sing N N 182 
RIO C17   H17    sing N N 183 
RIO O10   HO10   sing N N 184 
SO4 S     O1     doub N N 185 
SO4 S     O2     doub N N 186 
SO4 S     O3     sing N N 187 
SO4 S     O4     sing N N 188 
U   OP3   P      sing N N 189 
U   OP3   HOP3   sing N N 190 
U   P     OP1    doub N N 191 
U   P     OP2    sing N N 192 
U   P     "O5'"  sing N N 193 
U   OP2   HOP2   sing N N 194 
U   "O5'" "C5'"  sing N N 195 
U   "C5'" "C4'"  sing N N 196 
U   "C5'" "H5'"  sing N N 197 
U   "C5'" "H5''" sing N N 198 
U   "C4'" "O4'"  sing N N 199 
U   "C4'" "C3'"  sing N N 200 
U   "C4'" "H4'"  sing N N 201 
U   "O4'" "C1'"  sing N N 202 
U   "C3'" "O3'"  sing N N 203 
U   "C3'" "C2'"  sing N N 204 
U   "C3'" "H3'"  sing N N 205 
U   "O3'" "HO3'" sing N N 206 
U   "C2'" "O2'"  sing N N 207 
U   "C2'" "C1'"  sing N N 208 
U   "C2'" "H2'"  sing N N 209 
U   "O2'" "HO2'" sing N N 210 
U   "C1'" N1     sing N N 211 
U   "C1'" "H1'"  sing N N 212 
U   N1    C2     sing N N 213 
U   N1    C6     sing N N 214 
U   C2    O2     doub N N 215 
U   C2    N3     sing N N 216 
U   N3    C4     sing N N 217 
U   N3    H3     sing N N 218 
U   C4    O4     doub N N 219 
U   C4    C5     sing N N 220 
U   C5    C6     doub N N 221 
U   C5    H5     sing N N 222 
U   C6    H6     sing N N 223 
# 
loop_
_ndb_struct_conf_na.entry_id 
_ndb_struct_conf_na.feature 
2ET5 'double helix'         
2ET5 'a-form double helix'  
2ET5 'mismatched base pair' 
2ET5 'internal loop'        
# 
loop_
_ndb_struct_na_base_pair.model_number 
_ndb_struct_na_base_pair.i_label_asym_id 
_ndb_struct_na_base_pair.i_label_comp_id 
_ndb_struct_na_base_pair.i_label_seq_id 
_ndb_struct_na_base_pair.i_symmetry 
_ndb_struct_na_base_pair.j_label_asym_id 
_ndb_struct_na_base_pair.j_label_comp_id 
_ndb_struct_na_base_pair.j_label_seq_id 
_ndb_struct_na_base_pair.j_symmetry 
_ndb_struct_na_base_pair.shear 
_ndb_struct_na_base_pair.stretch 
_ndb_struct_na_base_pair.stagger 
_ndb_struct_na_base_pair.buckle 
_ndb_struct_na_base_pair.propeller 
_ndb_struct_na_base_pair.opening 
_ndb_struct_na_base_pair.pair_number 
_ndb_struct_na_base_pair.pair_name 
_ndb_struct_na_base_pair.i_auth_asym_id 
_ndb_struct_na_base_pair.i_auth_seq_id 
_ndb_struct_na_base_pair.i_PDB_ins_code 
_ndb_struct_na_base_pair.j_auth_asym_id 
_ndb_struct_na_base_pair.j_auth_seq_id 
_ndb_struct_na_base_pair.j_PDB_ins_code 
_ndb_struct_na_base_pair.hbond_type_28 
_ndb_struct_na_base_pair.hbond_type_12 
1 A G 2  1_555 B C 22 1_555 -0.148 0.007  -0.211 -3.832 -0.556  1.048   1  A_G2:C45_B  A 2  ? B 45 ? 19 1 
1 A C 3  1_555 B G 21 1_555 -0.076 -0.071 0.298  -3.519 -9.743  2.794   2  A_C3:G44_B  A 3  ? B 44 ? 19 1 
1 A G 4  1_555 B C 20 1_555 -0.130 -0.064 0.116  -2.058 -7.914  0.433   3  A_G4:C43_B  A 4  ? B 43 ? 19 1 
1 A U 5  1_555 B U 19 1_555 -2.656 -1.106 -0.463 1.243  -20.058 -24.426 4  A_U5:U42_B  A 5  ? B 42 ? ?  ? 
1 A C 6  1_555 B G 18 1_555 0.511  -0.233 -0.155 -1.602 -1.554  -0.761  5  A_C6:G41_B  A 6  ? B 41 ? 19 1 
1 A C 8  1_555 B G 15 1_555 0.298  -0.238 0.164  5.342  -15.593 -1.892  6  A_C8:G38_B  A 8  ? B 38 ? 19 1 
1 A A 9  1_555 B U 14 1_555 0.031  -0.136 0.529  5.192  -14.866 3.092   7  A_A9:U37_B  A 9  ? B 37 ? 20 1 
1 A C 10 1_555 B G 13 1_555 0.261  -0.122 0.463  4.075  -22.025 4.706   8  A_C10:G36_B A 10 ? B 36 ? 19 1 
1 A C 11 1_555 B G 12 1_555 0.209  -0.164 0.449  -0.917 -14.089 -0.117  9  A_C11:G35_B A 11 ? B 35 ? 19 1 
1 A G 12 1_555 B C 11 1_555 -0.238 0.029  0.194  -8.474 -15.487 1.675   10 A_G12:C34_B A 12 ? B 34 ? 19 1 
1 A G 13 1_555 B C 10 1_555 -0.330 -0.230 0.250  -5.564 -17.671 1.749   11 A_G13:C33_B A 13 ? B 33 ? 19 1 
1 A U 14 1_555 B A 9  1_555 -0.076 -0.083 0.275  -0.207 -16.744 4.285   12 A_U14:A32_B A 14 ? B 32 ? 20 1 
1 A G 15 1_555 B C 8  1_555 -0.320 -0.167 -0.030 -8.055 -19.494 1.982   13 A_G15:C31_B A 15 ? B 31 ? 19 1 
1 A G 18 1_555 B C 6  1_555 -0.620 -0.439 -0.141 -1.327 -3.731  1.128   14 A_G18:C29_B A 18 ? B 29 ? 19 1 
1 A U 19 1_555 B U 5  1_555 2.352  -1.140 -0.327 -6.426 -10.588 -24.457 15 A_U19:U28_B A 19 ? B 28 ? ?  ? 
1 A C 20 1_555 B G 4  1_555 0.124  -0.236 0.363  -2.837 -5.370  -0.776  16 A_C20:G27_B A 20 ? B 27 ? 19 1 
1 A G 21 1_555 B C 3  1_555 -0.225 -0.190 -0.004 -2.085 -7.957  0.397   17 A_G21:C26_B A 21 ? B 26 ? 19 1 
1 A C 22 1_555 B G 2  1_555 0.231  -0.238 0.102  -4.624 2.326   4.103   18 A_C22:G25_B A 22 ? B 25 ? 19 1 
# 
loop_
_ndb_struct_na_base_pair_step.model_number 
_ndb_struct_na_base_pair_step.i_label_asym_id_1 
_ndb_struct_na_base_pair_step.i_label_comp_id_1 
_ndb_struct_na_base_pair_step.i_label_seq_id_1 
_ndb_struct_na_base_pair_step.i_symmetry_1 
_ndb_struct_na_base_pair_step.j_label_asym_id_1 
_ndb_struct_na_base_pair_step.j_label_comp_id_1 
_ndb_struct_na_base_pair_step.j_label_seq_id_1 
_ndb_struct_na_base_pair_step.j_symmetry_1 
_ndb_struct_na_base_pair_step.i_label_asym_id_2 
_ndb_struct_na_base_pair_step.i_label_comp_id_2 
_ndb_struct_na_base_pair_step.i_label_seq_id_2 
_ndb_struct_na_base_pair_step.i_symmetry_2 
_ndb_struct_na_base_pair_step.j_label_asym_id_2 
_ndb_struct_na_base_pair_step.j_label_comp_id_2 
_ndb_struct_na_base_pair_step.j_label_seq_id_2 
_ndb_struct_na_base_pair_step.j_symmetry_2 
_ndb_struct_na_base_pair_step.shift 
_ndb_struct_na_base_pair_step.slide 
_ndb_struct_na_base_pair_step.rise 
_ndb_struct_na_base_pair_step.tilt 
_ndb_struct_na_base_pair_step.roll 
_ndb_struct_na_base_pair_step.twist 
_ndb_struct_na_base_pair_step.x_displacement 
_ndb_struct_na_base_pair_step.y_displacement 
_ndb_struct_na_base_pair_step.helical_rise 
_ndb_struct_na_base_pair_step.inclination 
_ndb_struct_na_base_pair_step.tip 
_ndb_struct_na_base_pair_step.helical_twist 
_ndb_struct_na_base_pair_step.step_number 
_ndb_struct_na_base_pair_step.step_name 
_ndb_struct_na_base_pair_step.i_auth_asym_id_1 
_ndb_struct_na_base_pair_step.i_auth_seq_id_1 
_ndb_struct_na_base_pair_step.i_PDB_ins_code_1 
_ndb_struct_na_base_pair_step.j_auth_asym_id_1 
_ndb_struct_na_base_pair_step.j_auth_seq_id_1 
_ndb_struct_na_base_pair_step.j_PDB_ins_code_1 
_ndb_struct_na_base_pair_step.i_auth_asym_id_2 
_ndb_struct_na_base_pair_step.i_auth_seq_id_2 
_ndb_struct_na_base_pair_step.i_PDB_ins_code_2 
_ndb_struct_na_base_pair_step.j_auth_asym_id_2 
_ndb_struct_na_base_pair_step.j_auth_seq_id_2 
_ndb_struct_na_base_pair_step.j_PDB_ins_code_2 
1 A G 2  1_555 B C 22 1_555 A C 3  1_555 B G 21 1_555 -0.326 -1.670 3.403 -4.463 2.077  31.174 -3.469 -0.256 3.301 3.835  8.239   
31.551 1  AA_G2C3:G44C45_BB   A 2  ? B 45 ? A 3  ? B 44 ? 
1 A C 3  1_555 B G 21 1_555 A G 4  1_555 B C 20 1_555 -0.110 -1.489 3.125 3.345  7.286  33.051 -3.604 0.674  2.721 12.578 -5.774  
33.983 2  AA_C3G4:C43G44_BB   A 3  ? B 44 ? A 4  ? B 43 ? 
1 A G 4  1_555 B C 20 1_555 A U 5  1_555 B U 19 1_555 -0.466 -2.303 3.099 4.439  2.153  21.220 -6.854 2.799  2.701 5.746  -11.850 
21.780 3  AA_G4U5:U42C43_BB   A 4  ? B 43 ? A 5  ? B 42 ? 
1 A U 5  1_555 B U 19 1_555 A C 6  1_555 B G 18 1_555 2.619  -2.330 3.361 3.033  2.540  44.840 -3.281 -3.140 3.392 3.322  -3.967  
45.006 4  AA_U5C6:G41U42_BB   A 5  ? B 42 ? A 6  ? B 41 ? 
1 A C 6  1_555 B G 18 1_555 A C 8  1_555 B G 15 1_555 1.229  -3.963 6.238 -9.591 21.515 75.102 -4.202 -1.447 4.972 17.250 7.690   
78.187 5  AA_C6C8:G38G41_BB   A 6  ? B 41 ? A 8  ? B 38 ? 
1 A C 8  1_555 B G 15 1_555 A A 9  1_555 B U 14 1_555 0.484  -1.757 2.907 -1.462 12.102 31.910 -4.519 -1.010 2.098 21.076 2.546   
34.103 6  AA_C8A9:U37G38_BB   A 8  ? B 38 ? A 9  ? B 37 ? 
1 A A 9  1_555 B U 14 1_555 A C 10 1_555 B G 13 1_555 0.699  -1.534 3.171 4.034  1.716  34.950 -2.783 -0.573 3.153 2.844  -6.684  
35.215 7  AA_A9C10:G36U37_BB  A 9  ? B 37 ? A 10 ? B 36 ? 
1 A C 10 1_555 B G 13 1_555 A C 11 1_555 B G 12 1_555 -0.964 -1.792 3.236 -1.421 7.707  31.115 -4.537 1.507  2.764 14.090 2.598   
32.063 8  AA_C10C11:G35G36_BB A 10 ? B 36 ? A 11 ? B 35 ? 
1 A C 11 1_555 B G 12 1_555 A G 12 1_555 B C 11 1_555 0.076  -1.264 3.291 1.301  11.587 33.245 -3.726 0.057  2.714 19.520 -2.192  
35.175 9  AA_C11G12:C34G35_BB A 11 ? B 35 ? A 12 ? B 34 ? 
1 A G 12 1_555 B C 11 1_555 A G 13 1_555 B C 10 1_555 0.633  -1.428 3.138 0.510  5.613  29.218 -3.863 -1.135 2.830 10.998 -1.000  
29.745 10 AA_G12G13:C33C34_BB A 12 ? B 34 ? A 13 ? B 33 ? 
1 A G 13 1_555 B C 10 1_555 A U 14 1_555 B A 9  1_555 -0.018 -1.180 3.050 0.409  3.426  34.187 -2.487 0.089  2.921 5.809  -0.693  
34.356 11 AA_G13U14:A32C33_BB A 13 ? B 33 ? A 14 ? B 32 ? 
1 A U 14 1_555 B A 9  1_555 A G 15 1_555 B C 8  1_555 -0.130 -1.589 3.258 2.163  12.178 32.634 -4.344 0.516  2.509 20.765 -3.689  
34.840 12 AA_U14G15:C31A32_BB A 14 ? B 32 ? A 15 ? B 31 ? 
1 A G 15 1_555 B C 8  1_555 A G 18 1_555 B C 6  1_555 -1.122 -4.057 6.140 9.544  24.739 78.210 -4.170 1.271  4.772 19.111 -7.373  
81.896 13 AA_G15G18:C29C31_BB A 15 ? B 31 ? A 18 ? B 29 ? 
1 A G 18 1_555 B C 6  1_555 A U 19 1_555 B U 5  1_555 -2.365 -2.519 3.481 -1.997 0.404  40.893 -3.650 3.146  3.564 0.578  2.857   
40.941 14 AA_G18U19:U28C29_BB A 18 ? B 29 ? A 19 ? B 28 ? 
1 A U 19 1_555 B U 5  1_555 A C 20 1_555 B G 4  1_555 0.584  -2.371 2.988 -4.492 6.705  24.093 -6.945 -2.368 2.119 15.515 10.394  
25.390 15 AA_U19C20:G27U28_BB A 19 ? B 28 ? A 20 ? B 27 ? 
1 A C 20 1_555 B G 4  1_555 A G 21 1_555 B C 3  1_555 0.168  -2.104 3.121 0.786  5.882  27.850 -5.476 -0.182 2.634 12.048 -1.611  
28.463 16 AA_C20G21:C26G27_BB A 20 ? B 27 ? A 21 ? B 26 ? 
1 A G 21 1_555 B C 3  1_555 A C 22 1_555 B G 2  1_555 0.646  -2.443 3.380 1.031  4.101  31.540 -5.198 -0.991 3.066 7.502  -1.886  
31.815 17 AA_G21C22:G25C26_BB A 21 ? B 26 ? A 22 ? B 25 ? 
# 
loop_
_pdbx_entity_nonpoly.entity_id 
_pdbx_entity_nonpoly.name 
_pdbx_entity_nonpoly.comp_id 
2 RIBOSTAMYCIN  RIO 
3 'SULFATE ION' SO4 
4 water         HOH 
# 
_pdbx_initial_refinement_model.id               1 
_pdbx_initial_refinement_model.entity_id_list   ? 
_pdbx_initial_refinement_model.type             'experimental model' 
_pdbx_initial_refinement_model.source_name      PDB 
_pdbx_initial_refinement_model.accession_code   1J7T 
_pdbx_initial_refinement_model.details          'PDB Entry: 1J7T' 
# 
